data_6KFH
#
_entry.id   6KFH
#
_cell.length_a   1.00
_cell.length_b   1.00
_cell.length_c   1.00
_cell.angle_alpha   90.00
_cell.angle_beta   90.00
_cell.angle_gamma   90.00
#
_symmetry.space_group_name_H-M   'P 1'
#
_entity_poly.entity_id   1
_entity_poly.type   'polypeptide(L)'
_entity_poly.pdbx_seq_one_letter_code
;MASQVGAINSVNALISRVFVQPKGDLADRLNSRVTVVILAVSSALLLSSHFIGDPITCWTPAQFNAQWVNFVNQYCFVHG
TYFVPLDQQLAFEEEERTKVSIQYYQWVPYVFALQAFLFYIPRFIWKAMIAYSGYDLAAAVKYVDRFWSENRDKDDKFKT
RLAAFEGRPSVYIWDGIRLARKKRSRNMALFYTLSTVWQAVNAWIQFYILTQLLDSSIYTLWGPSILGDLLQGNDWQTTG
HFPRIVHCDFNRRRPASVQLDTVLCVLTLNIYYEKLFIFLWFWLVFVAVVSTVNCFKWIYYLCNKTKAQKTIKNYLSTAP
IKSTISDDQFFSALGEDGLFIMDQMALNLGDIPASYLTISMRNICQDFIESEDYIDEERTPFVKSIKHT
;
_entity_poly.pdbx_strand_id   A,B,C,D,E,F,G,H
#
# COMPACT_ATOMS: atom_id res chain seq x y z
N LYS A 23 -2.80 -21.81 21.21
CA LYS A 23 -2.81 -22.49 19.93
C LYS A 23 -3.50 -23.84 20.04
N GLY A 24 -3.75 -24.46 18.89
CA GLY A 24 -4.28 -25.81 18.85
C GLY A 24 -4.26 -26.37 17.44
N ASP A 25 -3.73 -27.58 17.30
CA ASP A 25 -3.59 -28.25 16.01
C ASP A 25 -4.36 -29.56 16.01
N LEU A 26 -5.59 -29.54 16.52
CA LEU A 26 -6.38 -30.75 16.70
C LEU A 26 -6.51 -31.51 15.39
N ALA A 27 -6.18 -32.80 15.41
CA ALA A 27 -6.12 -33.61 14.21
C ALA A 27 -7.50 -33.82 13.64
N ASP A 28 -7.79 -33.18 12.51
CA ASP A 28 -9.04 -33.38 11.79
C ASP A 28 -10.25 -32.98 12.62
N ARG A 29 -10.03 -32.11 13.59
CA ARG A 29 -11.06 -31.21 14.08
C ARG A 29 -10.93 -29.84 13.44
N LEU A 30 -9.85 -29.60 12.71
CA LEU A 30 -9.71 -28.41 11.88
C LEU A 30 -10.40 -28.56 10.54
N ASN A 31 -11.25 -29.57 10.39
CA ASN A 31 -12.17 -29.61 9.26
C ASN A 31 -13.40 -28.75 9.51
N SER A 32 -13.59 -28.25 10.72
CA SER A 32 -14.54 -27.17 10.92
C SER A 32 -14.08 -25.91 10.19
N ARG A 33 -12.78 -25.62 10.22
CA ARG A 33 -12.26 -24.46 9.51
C ARG A 33 -12.52 -24.59 8.01
N VAL A 34 -12.05 -25.67 7.40
CA VAL A 34 -12.20 -25.81 5.95
C VAL A 34 -13.66 -25.94 5.57
N THR A 35 -14.48 -26.58 6.42
CA THR A 35 -15.90 -26.73 6.11
C THR A 35 -16.59 -25.38 6.11
N VAL A 36 -16.36 -24.59 7.16
CA VAL A 36 -16.95 -23.26 7.21
C VAL A 36 -16.52 -22.45 6.01
N VAL A 37 -15.24 -22.50 5.65
CA VAL A 37 -14.77 -21.71 4.52
C VAL A 37 -15.48 -22.11 3.24
N ILE A 38 -15.50 -23.42 2.94
CA ILE A 38 -16.07 -23.84 1.66
C ILE A 38 -17.56 -23.53 1.60
N LEU A 39 -18.30 -23.83 2.66
CA LEU A 39 -19.74 -23.59 2.65
C LEU A 39 -20.05 -22.11 2.56
N ALA A 40 -19.33 -21.27 3.32
CA ALA A 40 -19.62 -19.85 3.32
C ALA A 40 -19.24 -19.22 1.99
N VAL A 41 -18.15 -19.67 1.36
CA VAL A 41 -17.79 -19.09 0.08
C VAL A 41 -18.78 -19.50 -1.00
N SER A 42 -19.29 -20.73 -0.94
CA SER A 42 -20.33 -21.11 -1.88
C SER A 42 -21.59 -20.29 -1.68
N SER A 43 -22.00 -20.11 -0.43
CA SER A 43 -23.23 -19.37 -0.15
C SER A 43 -23.09 -17.91 -0.59
N ALA A 44 -21.96 -17.28 -0.26
CA ALA A 44 -21.73 -15.90 -0.68
C ALA A 44 -21.67 -15.77 -2.20
N LEU A 45 -21.05 -16.73 -2.88
CA LEU A 45 -21.01 -16.67 -4.34
C LEU A 45 -22.41 -16.76 -4.93
N LEU A 46 -23.24 -17.68 -4.44
CA LEU A 46 -24.57 -17.82 -5.00
C LEU A 46 -25.44 -16.59 -4.71
N LEU A 47 -25.32 -16.05 -3.49
CA LEU A 47 -26.10 -14.87 -3.16
C LEU A 47 -25.68 -13.67 -3.99
N SER A 48 -24.37 -13.46 -4.15
CA SER A 48 -23.91 -12.38 -5.02
C SER A 48 -24.32 -12.61 -6.45
N SER A 49 -24.42 -13.89 -6.88
CA SER A 49 -24.85 -14.17 -8.23
C SER A 49 -26.29 -13.73 -8.46
N HIS A 50 -27.22 -14.29 -7.70
CA HIS A 50 -28.61 -13.90 -7.90
C HIS A 50 -28.99 -12.65 -7.14
N PHE A 51 -28.00 -11.82 -6.77
CA PHE A 51 -28.24 -10.45 -6.37
C PHE A 51 -27.60 -9.42 -7.30
N ILE A 52 -26.70 -9.84 -8.19
CA ILE A 52 -26.00 -8.93 -9.08
C ILE A 52 -26.33 -9.26 -10.53
N GLY A 53 -25.98 -10.47 -10.95
CA GLY A 53 -26.25 -10.89 -12.30
C GLY A 53 -27.72 -11.17 -12.51
N ASP A 54 -28.00 -11.87 -13.60
CA ASP A 54 -29.36 -12.26 -13.91
C ASP A 54 -29.57 -13.73 -13.56
N PRO A 55 -30.40 -14.04 -12.56
CA PRO A 55 -30.62 -15.44 -12.17
C PRO A 55 -31.63 -16.17 -13.01
N ILE A 56 -32.20 -15.51 -14.02
CA ILE A 56 -33.24 -16.11 -14.84
C ILE A 56 -33.39 -15.26 -16.08
N THR A 57 -33.89 -15.85 -17.17
CA THR A 57 -34.21 -15.08 -18.37
C THR A 57 -35.54 -15.55 -18.90
N CYS A 58 -36.28 -14.66 -19.56
CA CYS A 58 -37.61 -15.02 -20.02
C CYS A 58 -37.84 -14.52 -21.43
N TRP A 59 -38.75 -15.19 -22.13
CA TRP A 59 -38.95 -14.95 -23.56
C TRP A 59 -40.41 -15.17 -23.91
N THR A 60 -41.15 -14.09 -24.12
CA THR A 60 -42.43 -14.45 -24.70
C THR A 60 -42.45 -14.09 -26.17
N PRO A 61 -43.05 -14.92 -27.02
CA PRO A 61 -42.92 -14.68 -28.47
C PRO A 61 -43.93 -13.67 -29.01
N ALA A 62 -44.13 -12.56 -28.31
CA ALA A 62 -45.01 -11.51 -28.83
C ALA A 62 -44.25 -10.23 -29.12
N GLN A 63 -43.61 -9.63 -28.12
CA GLN A 63 -42.82 -8.41 -28.26
C GLN A 63 -42.25 -8.06 -26.90
N PHE A 64 -41.19 -7.27 -26.91
CA PHE A 64 -40.56 -6.81 -25.68
C PHE A 64 -40.35 -5.31 -25.75
N ASN A 65 -40.10 -4.72 -24.58
CA ASN A 65 -39.76 -3.31 -24.51
C ASN A 65 -38.65 -3.05 -23.49
N ALA A 66 -37.84 -4.05 -23.18
CA ALA A 66 -36.76 -3.95 -22.20
C ALA A 66 -37.29 -3.61 -20.83
N GLN A 67 -38.61 -3.53 -20.69
CA GLN A 67 -39.27 -3.39 -19.41
C GLN A 67 -40.24 -4.51 -19.12
N TRP A 68 -40.74 -5.18 -20.15
CA TRP A 68 -41.41 -6.46 -19.93
C TRP A 68 -40.46 -7.45 -19.28
N VAL A 69 -39.28 -7.64 -19.88
CA VAL A 69 -38.40 -8.70 -19.41
C VAL A 69 -37.80 -8.33 -18.06
N ASN A 70 -37.48 -7.06 -17.85
CA ASN A 70 -36.88 -6.67 -16.58
C ASN A 70 -37.84 -6.86 -15.42
N PHE A 71 -39.13 -7.01 -15.69
CA PHE A 71 -40.10 -7.34 -14.67
C PHE A 71 -40.44 -8.82 -14.63
N VAL A 72 -40.66 -9.43 -15.79
CA VAL A 72 -40.98 -10.84 -15.83
C VAL A 72 -39.87 -11.66 -15.20
N ASN A 73 -38.62 -11.20 -15.30
CA ASN A 73 -37.54 -11.90 -14.61
C ASN A 73 -37.85 -12.03 -13.12
N GLN A 74 -38.03 -10.90 -12.44
CA GLN A 74 -38.32 -10.95 -11.01
C GLN A 74 -39.61 -11.70 -10.72
N TYR A 75 -40.63 -11.52 -11.57
CA TYR A 75 -41.90 -12.18 -11.31
C TYR A 75 -41.74 -13.69 -11.34
N CYS A 76 -41.29 -14.21 -12.48
CA CYS A 76 -41.12 -15.64 -12.62
C CYS A 76 -40.10 -16.21 -11.66
N PHE A 77 -39.20 -15.38 -11.15
CA PHE A 77 -38.25 -15.87 -10.15
C PHE A 77 -38.92 -16.01 -8.79
N VAL A 78 -39.54 -14.94 -8.30
CA VAL A 78 -40.23 -14.99 -7.01
C VAL A 78 -41.35 -16.02 -7.05
N HIS A 79 -42.32 -15.82 -7.94
CA HIS A 79 -43.37 -16.79 -8.11
C HIS A 79 -42.79 -18.11 -8.59
N GLY A 80 -43.52 -19.19 -8.36
CA GLY A 80 -43.03 -20.50 -8.71
C GLY A 80 -42.91 -20.70 -10.21
N THR A 81 -42.18 -21.74 -10.57
CA THR A 81 -42.07 -22.22 -11.94
C THR A 81 -42.33 -23.71 -11.95
N TYR A 82 -42.71 -24.24 -13.12
CA TYR A 82 -42.92 -25.67 -13.24
C TYR A 82 -42.27 -26.14 -14.53
N PHE A 83 -41.86 -27.41 -14.53
CA PHE A 83 -41.12 -28.00 -15.62
C PHE A 83 -41.96 -29.05 -16.33
N VAL A 84 -41.78 -29.17 -17.63
CA VAL A 84 -42.45 -30.19 -18.43
C VAL A 84 -41.47 -30.78 -19.43
N PRO A 85 -41.69 -32.03 -19.81
CA PRO A 85 -40.83 -32.63 -20.85
C PRO A 85 -41.03 -31.98 -22.21
N LEU A 86 -40.35 -32.50 -23.22
CA LEU A 86 -40.39 -31.91 -24.56
C LEU A 86 -41.29 -32.69 -25.52
N ASP A 87 -42.34 -33.31 -25.00
CA ASP A 87 -43.29 -34.03 -25.83
C ASP A 87 -44.19 -33.06 -26.57
N SER A 101 -43.64 -28.46 -9.34
CA SER A 101 -43.13 -27.10 -9.27
C SER A 101 -41.89 -27.03 -8.40
N ILE A 102 -40.80 -27.59 -8.90
CA ILE A 102 -39.55 -27.64 -8.15
C ILE A 102 -38.97 -26.24 -8.03
N GLN A 103 -38.90 -25.72 -6.81
CA GLN A 103 -38.33 -24.41 -6.57
C GLN A 103 -37.63 -24.44 -5.22
N TYR A 104 -36.34 -24.73 -5.24
CA TYR A 104 -35.47 -24.59 -4.08
C TYR A 104 -34.52 -23.42 -4.25
N TYR A 105 -34.73 -22.59 -5.27
CA TYR A 105 -33.91 -21.41 -5.45
C TYR A 105 -33.94 -20.50 -4.23
N GLN A 106 -34.95 -20.61 -3.39
CA GLN A 106 -35.12 -19.71 -2.25
C GLN A 106 -34.63 -20.30 -0.94
N TRP A 107 -33.93 -21.42 -0.97
CA TRP A 107 -33.45 -22.02 0.27
C TRP A 107 -32.01 -22.48 0.24
N VAL A 108 -31.44 -22.76 -0.93
CA VAL A 108 -30.08 -23.26 -0.98
C VAL A 108 -29.11 -22.21 -0.44
N PRO A 109 -29.04 -21.01 -0.99
CA PRO A 109 -27.99 -20.07 -0.55
C PRO A 109 -28.25 -19.46 0.82
N TYR A 110 -29.25 -19.95 1.53
CA TYR A 110 -29.44 -19.60 2.93
C TYR A 110 -29.22 -20.77 3.86
N VAL A 111 -29.76 -21.93 3.50
CA VAL A 111 -29.46 -23.13 4.27
C VAL A 111 -27.97 -23.38 4.28
N PHE A 112 -27.25 -22.97 3.23
CA PHE A 112 -25.80 -23.18 3.23
C PHE A 112 -25.12 -22.34 4.29
N ALA A 113 -25.49 -21.07 4.41
CA ALA A 113 -24.90 -20.24 5.46
C ALA A 113 -25.27 -20.76 6.84
N LEU A 114 -26.50 -21.24 7.00
CA LEU A 114 -26.88 -21.84 8.28
C LEU A 114 -26.04 -23.08 8.56
N GLN A 115 -25.78 -23.90 7.55
CA GLN A 115 -24.88 -25.04 7.72
C GLN A 115 -23.51 -24.60 8.18
N ALA A 116 -22.98 -23.54 7.56
CA ALA A 116 -21.65 -23.06 7.95
C ALA A 116 -21.63 -22.66 9.41
N PHE A 117 -22.64 -21.92 9.86
CA PHE A 117 -22.70 -21.53 11.26
C PHE A 117 -22.76 -22.74 12.17
N LEU A 118 -23.60 -23.72 11.83
CA LEU A 118 -23.73 -24.89 12.69
C LEU A 118 -22.48 -25.76 12.66
N PHE A 119 -21.68 -25.69 11.59
CA PHE A 119 -20.39 -26.37 11.60
C PHE A 119 -19.40 -25.64 12.50
N TYR A 120 -19.47 -24.32 12.55
CA TYR A 120 -18.50 -23.61 13.40
C TYR A 120 -18.82 -23.75 14.87
N ILE A 121 -20.09 -23.97 15.21
CA ILE A 121 -20.49 -24.00 16.63
C ILE A 121 -19.64 -24.90 17.51
N PRO A 122 -19.38 -26.17 17.16
CA PRO A 122 -18.76 -27.08 18.15
C PRO A 122 -17.41 -26.62 18.65
N ARG A 123 -16.62 -25.91 17.84
CA ARG A 123 -15.37 -25.37 18.35
C ARG A 123 -15.63 -24.38 19.47
N PHE A 124 -16.63 -23.52 19.29
CA PHE A 124 -17.00 -22.60 20.37
C PHE A 124 -17.49 -23.37 21.59
N ILE A 125 -18.21 -24.46 21.37
CA ILE A 125 -18.63 -25.28 22.49
C ILE A 125 -17.42 -25.78 23.28
N TRP A 126 -16.42 -26.28 22.57
CA TRP A 126 -15.25 -26.81 23.26
C TRP A 126 -14.50 -25.72 24.00
N LYS A 127 -14.41 -24.52 23.42
CA LYS A 127 -13.71 -23.45 24.11
C LYS A 127 -14.46 -23.02 25.36
N ALA A 128 -15.78 -22.90 25.27
CA ALA A 128 -16.56 -22.57 26.47
C ALA A 128 -16.44 -23.67 27.52
N MET A 129 -16.40 -24.92 27.09
CA MET A 129 -16.33 -26.01 28.04
C MET A 129 -14.98 -26.05 28.74
N ILE A 130 -13.90 -25.73 28.02
CA ILE A 130 -12.60 -25.70 28.66
C ILE A 130 -12.48 -24.50 29.57
N ALA A 131 -13.17 -23.39 29.25
CA ALA A 131 -13.21 -22.29 30.18
C ALA A 131 -13.96 -22.67 31.45
N TYR A 132 -15.01 -23.47 31.31
CA TYR A 132 -15.78 -23.92 32.45
C TYR A 132 -15.07 -24.99 33.26
N SER A 133 -14.14 -25.72 32.64
CA SER A 133 -13.48 -26.82 33.33
C SER A 133 -12.57 -26.35 34.45
N GLY A 134 -12.22 -25.07 34.48
CA GLY A 134 -11.34 -24.56 35.51
C GLY A 134 -9.91 -24.43 35.04
N TYR A 135 -9.45 -25.41 34.27
CA TYR A 135 -8.10 -25.35 33.74
C TYR A 135 -8.06 -24.45 32.51
N ASP A 136 -6.89 -24.38 31.87
CA ASP A 136 -6.72 -23.61 30.65
C ASP A 136 -5.65 -24.27 29.80
N LEU A 137 -6.01 -24.70 28.61
CA LEU A 137 -5.07 -25.38 27.74
C LEU A 137 -4.27 -24.40 26.90
N ALA A 138 -4.90 -23.35 26.40
CA ALA A 138 -4.19 -22.42 25.53
C ALA A 138 -2.97 -21.84 26.21
N ALA A 139 -3.14 -21.37 27.45
CA ALA A 139 -2.02 -20.75 28.15
C ALA A 139 -0.87 -21.74 28.35
N ALA A 140 -1.19 -22.94 28.83
CA ALA A 140 -0.12 -23.90 29.13
C ALA A 140 0.58 -24.36 27.87
N VAL A 141 -0.16 -24.64 26.81
CA VAL A 141 0.48 -25.08 25.58
C VAL A 141 1.35 -23.98 25.01
N LYS A 142 0.84 -22.75 24.99
CA LYS A 142 1.66 -21.64 24.50
C LYS A 142 2.90 -21.47 25.34
N TYR A 143 2.78 -21.67 26.66
CA TYR A 143 3.93 -21.48 27.54
C TYR A 143 5.01 -22.52 27.26
N VAL A 144 4.62 -23.79 27.22
CA VAL A 144 5.64 -24.81 26.97
C VAL A 144 6.21 -24.64 25.57
N ASP A 145 5.40 -24.23 24.60
CA ASP A 145 5.92 -24.00 23.26
C ASP A 145 6.96 -22.89 23.26
N ARG A 146 6.66 -21.78 23.95
CA ARG A 146 7.60 -20.67 23.97
C ARG A 146 8.90 -21.07 24.66
N PHE A 147 8.79 -21.81 25.76
CA PHE A 147 10.01 -22.25 26.45
C PHE A 147 10.86 -23.14 25.56
N TRP A 148 10.22 -24.09 24.87
CA TRP A 148 10.97 -24.98 23.98
C TRP A 148 11.59 -24.21 22.83
N SER A 149 10.84 -23.30 22.21
CA SER A 149 11.40 -22.53 21.12
C SER A 149 12.50 -21.58 21.58
N GLU A 150 12.47 -21.16 22.83
CA GLU A 150 13.55 -20.33 23.35
C GLU A 150 14.81 -21.14 23.54
N ASN A 151 14.75 -22.23 24.30
CA ASN A 151 16.00 -22.91 24.59
C ASN A 151 16.02 -24.38 24.16
N ARG A 152 15.60 -24.65 22.93
CA ARG A 152 15.97 -25.89 22.28
C ARG A 152 17.19 -25.72 21.39
N ASP A 153 17.55 -24.49 21.05
CA ASP A 153 18.69 -24.23 20.18
C ASP A 153 19.96 -23.86 20.92
N LYS A 154 19.84 -23.09 21.99
CA LYS A 154 21.01 -22.64 22.74
C LYS A 154 21.87 -23.83 23.14
N ASP A 155 23.10 -23.87 22.65
CA ASP A 155 23.95 -25.04 22.83
C ASP A 155 24.26 -25.28 24.30
N ASP A 156 24.32 -24.22 25.09
CA ASP A 156 24.58 -24.36 26.53
C ASP A 156 23.45 -25.13 27.20
N LYS A 157 22.20 -24.81 26.88
CA LYS A 157 21.08 -25.43 27.58
C LYS A 157 20.67 -26.74 26.90
N PHE A 158 21.63 -27.62 26.64
CA PHE A 158 21.26 -28.86 25.96
C PHE A 158 21.88 -30.08 26.62
N LYS A 159 23.03 -29.91 27.26
CA LYS A 159 23.55 -30.98 28.09
C LYS A 159 22.72 -31.12 29.36
N THR A 160 22.41 -29.99 30.00
CA THR A 160 21.45 -29.97 31.09
C THR A 160 20.05 -29.86 30.54
N ARG A 161 19.70 -30.77 29.62
CA ARG A 161 18.43 -30.67 28.91
C ARG A 161 17.26 -30.97 29.83
N LEU A 162 17.39 -31.94 30.72
CA LEU A 162 16.25 -32.34 31.54
C LEU A 162 16.12 -31.48 32.78
N ALA A 163 17.23 -30.98 33.33
CA ALA A 163 17.13 -30.06 34.46
C ALA A 163 16.40 -28.80 34.07
N ALA A 164 16.57 -28.33 32.83
CA ALA A 164 15.87 -27.14 32.39
C ALA A 164 14.37 -27.35 32.38
N PHE A 165 13.91 -28.44 31.74
CA PHE A 165 12.49 -28.77 31.75
C PHE A 165 12.00 -29.02 33.16
N GLU A 166 12.88 -29.45 34.06
CA GLU A 166 12.47 -29.69 35.42
C GLU A 166 12.32 -28.41 36.21
N GLY A 167 13.06 -27.38 35.86
CA GLY A 167 12.94 -26.13 36.59
C GLY A 167 11.74 -25.29 36.25
N ARG A 168 11.70 -24.74 35.05
CA ARG A 168 10.71 -23.73 34.73
C ARG A 168 9.32 -24.28 34.38
N PRO A 169 9.16 -25.06 33.29
CA PRO A 169 7.80 -25.31 32.79
C PRO A 169 7.05 -26.38 33.55
N SER A 170 7.76 -27.38 34.05
CA SER A 170 7.08 -28.46 34.75
C SER A 170 6.46 -27.97 36.05
N VAL A 171 7.13 -27.05 36.73
CA VAL A 171 6.53 -26.45 37.92
C VAL A 171 5.26 -25.71 37.57
N TYR A 172 5.26 -25.02 36.43
CA TYR A 172 4.07 -24.31 35.98
C TYR A 172 2.92 -25.27 35.73
N ILE A 173 3.20 -26.37 35.01
CA ILE A 173 2.16 -27.34 34.71
C ILE A 173 1.61 -27.95 36.00
N TRP A 174 2.50 -28.28 36.93
CA TRP A 174 2.04 -28.88 38.18
C TRP A 174 1.21 -27.89 39.01
N ASP A 175 1.61 -26.62 39.00
CA ASP A 175 0.82 -25.63 39.72
C ASP A 175 -0.56 -25.49 39.10
N GLY A 176 -0.64 -25.52 37.76
CA GLY A 176 -1.93 -25.48 37.12
C GLY A 176 -2.79 -26.67 37.47
N ILE A 177 -2.19 -27.87 37.49
CA ILE A 177 -2.92 -29.06 37.86
C ILE A 177 -3.46 -28.94 39.28
N ARG A 178 -2.59 -28.55 40.22
CA ARG A 178 -3.01 -28.48 41.61
C ARG A 178 -4.04 -27.40 41.84
N LEU A 179 -4.03 -26.34 41.04
CA LEU A 179 -5.01 -25.28 41.22
C LEU A 179 -6.33 -25.61 40.56
N ALA A 180 -6.32 -26.35 39.45
CA ALA A 180 -7.56 -26.73 38.81
C ALA A 180 -8.20 -27.96 39.43
N ARG A 181 -7.43 -28.74 40.18
CA ARG A 181 -7.96 -29.96 40.78
C ARG A 181 -9.10 -29.65 41.75
N LYS A 182 -9.12 -28.45 42.31
CA LYS A 182 -10.13 -28.05 43.28
C LYS A 182 -11.29 -27.31 42.66
N LYS A 183 -11.45 -27.38 41.34
CA LYS A 183 -12.57 -26.72 40.69
C LYS A 183 -12.94 -27.50 39.43
N ARG A 184 -13.87 -28.44 39.58
CA ARG A 184 -14.51 -29.15 38.47
C ARG A 184 -13.55 -29.51 37.33
N SER A 185 -12.36 -29.99 37.66
CA SER A 185 -11.46 -30.56 36.66
C SER A 185 -11.03 -31.92 37.16
N ARG A 186 -11.89 -32.90 36.94
CA ARG A 186 -11.58 -34.29 37.14
C ARG A 186 -12.24 -35.13 36.05
N ASN A 187 -12.88 -34.49 35.08
CA ASN A 187 -13.59 -35.14 34.00
C ASN A 187 -13.35 -34.41 32.69
N MET A 188 -12.22 -33.71 32.60
CA MET A 188 -11.94 -32.90 31.43
C MET A 188 -11.87 -33.75 30.17
N ALA A 189 -11.36 -34.98 30.27
CA ALA A 189 -11.42 -35.90 29.16
C ALA A 189 -12.86 -36.20 28.79
N LEU A 190 -13.74 -36.33 29.78
CA LEU A 190 -15.14 -36.53 29.48
C LEU A 190 -15.73 -35.33 28.75
N PHE A 191 -15.35 -34.12 29.15
CA PHE A 191 -15.83 -32.93 28.44
C PHE A 191 -15.37 -32.94 27.00
N TYR A 192 -14.11 -33.27 26.76
CA TYR A 192 -13.63 -33.29 25.38
C TYR A 192 -14.36 -34.34 24.56
N THR A 193 -14.54 -35.54 25.10
CA THR A 193 -15.19 -36.58 24.31
C THR A 193 -16.67 -36.26 24.10
N LEU A 194 -17.28 -35.53 25.03
CA LEU A 194 -18.65 -35.08 24.80
C LEU A 194 -18.70 -34.06 23.68
N SER A 195 -17.72 -33.15 23.64
CA SER A 195 -17.65 -32.22 22.52
C SER A 195 -17.50 -32.96 21.20
N THR A 196 -16.72 -34.03 21.20
CA THR A 196 -16.51 -34.77 19.95
C THR A 196 -17.78 -35.53 19.55
N VAL A 197 -18.50 -36.08 20.52
CA VAL A 197 -19.81 -36.66 20.23
C VAL A 197 -20.71 -35.63 19.58
N TRP A 198 -20.76 -34.43 20.16
CA TRP A 198 -21.57 -33.37 19.57
C TRP A 198 -21.13 -33.07 18.15
N GLN A 199 -19.83 -33.06 17.91
CA GLN A 199 -19.33 -32.73 16.58
C GLN A 199 -19.74 -33.78 15.55
N ALA A 200 -19.64 -35.05 15.92
CA ALA A 200 -20.03 -36.10 14.97
C ALA A 200 -21.53 -36.08 14.71
N VAL A 201 -22.34 -35.94 15.76
CA VAL A 201 -23.78 -35.85 15.57
C VAL A 201 -24.12 -34.66 14.69
N ASN A 202 -23.42 -33.55 14.88
CA ASN A 202 -23.67 -32.37 14.05
C ASN A 202 -23.34 -32.64 12.61
N ALA A 203 -22.23 -33.33 12.35
CA ALA A 203 -21.88 -33.65 10.96
C ALA A 203 -22.98 -34.49 10.31
N TRP A 204 -23.45 -35.51 11.01
CA TRP A 204 -24.50 -36.34 10.42
C TRP A 204 -25.80 -35.57 10.23
N ILE A 205 -26.12 -34.65 11.13
CA ILE A 205 -27.34 -33.87 10.98
C ILE A 205 -27.23 -32.92 9.81
N GLN A 206 -26.07 -32.32 9.60
CA GLN A 206 -25.90 -31.47 8.43
C GLN A 206 -26.04 -32.27 7.15
N PHE A 207 -25.49 -33.48 7.14
CA PHE A 207 -25.65 -34.33 5.97
C PHE A 207 -27.12 -34.64 5.70
N TYR A 208 -27.88 -34.93 6.77
CA TYR A 208 -29.30 -35.19 6.59
C TYR A 208 -30.04 -33.97 6.08
N ILE A 209 -29.75 -32.80 6.64
CA ILE A 209 -30.38 -31.58 6.16
C ILE A 209 -30.11 -31.37 4.68
N LEU A 210 -28.89 -31.66 4.24
CA LEU A 210 -28.59 -31.52 2.82
C LEU A 210 -29.41 -32.50 1.99
N THR A 211 -29.37 -33.78 2.36
CA THR A 211 -30.01 -34.78 1.50
C THR A 211 -31.54 -34.67 1.51
N GLN A 212 -32.13 -33.91 2.43
CA GLN A 212 -33.56 -33.67 2.43
C GLN A 212 -33.92 -32.32 1.83
N LEU A 213 -33.18 -31.93 0.79
CA LEU A 213 -33.37 -30.64 0.12
C LEU A 213 -33.47 -30.93 -1.37
N LEU A 214 -34.67 -31.26 -1.82
CA LEU A 214 -34.90 -31.61 -3.22
C LEU A 214 -36.17 -30.97 -3.75
N LEU A 221 -31.93 -40.44 -5.88
CA LEU A 221 -32.00 -39.21 -5.09
C LEU A 221 -30.92 -39.20 -4.02
N TRP A 222 -30.32 -40.36 -3.76
CA TRP A 222 -29.35 -40.51 -2.68
C TRP A 222 -27.91 -40.36 -3.14
N GLY A 223 -27.67 -39.59 -4.21
CA GLY A 223 -26.32 -39.28 -4.59
C GLY A 223 -25.80 -40.08 -5.77
N PRO A 224 -24.99 -41.10 -5.50
CA PRO A 224 -24.36 -41.84 -6.61
C PRO A 224 -25.34 -42.48 -7.56
N SER A 225 -26.58 -42.75 -7.14
CA SER A 225 -27.60 -43.14 -8.11
C SER A 225 -27.81 -42.05 -9.15
N ILE A 226 -28.02 -40.82 -8.68
CA ILE A 226 -28.20 -39.69 -9.59
C ILE A 226 -26.95 -39.48 -10.42
N LEU A 227 -25.78 -39.62 -9.80
CA LEU A 227 -24.54 -39.44 -10.53
C LEU A 227 -24.41 -40.45 -11.67
N GLY A 228 -24.68 -41.72 -11.38
CA GLY A 228 -24.63 -42.73 -12.43
C GLY A 228 -25.67 -42.49 -13.51
N ASP A 229 -26.85 -42.02 -13.11
CA ASP A 229 -27.84 -41.61 -14.10
C ASP A 229 -27.31 -40.48 -14.98
N LEU A 230 -26.46 -39.63 -14.43
CA LEU A 230 -25.79 -38.58 -15.19
C LEU A 230 -24.52 -39.06 -15.86
N LEU A 231 -23.89 -40.11 -15.35
CA LEU A 231 -22.70 -40.64 -16.01
C LEU A 231 -23.04 -41.49 -17.22
N GLN A 232 -24.26 -42.01 -17.30
CA GLN A 232 -24.69 -42.82 -18.43
C GLN A 232 -25.31 -42.01 -19.55
N GLY A 233 -25.49 -40.70 -19.37
CA GLY A 233 -25.97 -39.86 -20.44
C GLY A 233 -27.47 -39.59 -20.41
N ASN A 234 -27.98 -39.22 -19.24
CA ASN A 234 -29.38 -38.83 -19.07
C ASN A 234 -29.34 -37.48 -18.33
N ASP A 235 -29.27 -36.38 -19.08
CA ASP A 235 -28.82 -35.14 -18.47
C ASP A 235 -29.92 -34.45 -17.66
N TRP A 236 -30.93 -33.88 -18.32
CA TRP A 236 -32.08 -33.43 -17.56
C TRP A 236 -33.42 -33.61 -18.25
N GLN A 237 -33.49 -33.67 -19.58
CA GLN A 237 -34.78 -33.79 -20.23
C GLN A 237 -35.32 -35.21 -20.18
N THR A 238 -34.46 -36.20 -20.02
CA THR A 238 -34.88 -37.58 -19.83
C THR A 238 -34.91 -37.98 -18.36
N THR A 239 -34.90 -37.00 -17.46
CA THR A 239 -34.82 -37.24 -16.02
C THR A 239 -35.98 -36.66 -15.26
N GLY A 240 -36.44 -35.47 -15.62
CA GLY A 240 -37.49 -34.80 -14.87
C GLY A 240 -36.93 -33.81 -13.86
N HIS A 241 -36.18 -34.31 -12.89
CA HIS A 241 -35.60 -33.45 -11.87
C HIS A 241 -34.50 -32.58 -12.48
N PHE A 242 -34.07 -31.59 -11.70
CA PHE A 242 -32.95 -30.72 -12.08
C PHE A 242 -33.22 -30.12 -13.45
N PRO A 243 -34.13 -29.16 -13.55
CA PRO A 243 -34.43 -28.56 -14.85
C PRO A 243 -33.63 -27.30 -15.12
N ARG A 244 -33.58 -26.94 -16.40
CA ARG A 244 -32.98 -25.69 -16.82
C ARG A 244 -33.83 -24.92 -17.83
N ILE A 245 -34.92 -25.50 -18.33
CA ILE A 245 -35.83 -24.82 -19.24
C ILE A 245 -37.24 -25.08 -18.71
N VAL A 246 -37.87 -24.05 -18.19
CA VAL A 246 -39.12 -24.21 -17.44
C VAL A 246 -40.13 -23.18 -17.92
N HIS A 247 -41.40 -23.58 -17.98
CA HIS A 247 -42.47 -22.69 -18.36
C HIS A 247 -42.95 -21.89 -17.17
N CYS A 248 -43.62 -20.78 -17.46
CA CYS A 248 -44.01 -19.83 -16.42
C CYS A 248 -45.48 -19.46 -16.58
N ASP A 249 -46.18 -19.40 -15.46
CA ASP A 249 -47.57 -18.95 -15.46
C ASP A 249 -47.63 -17.44 -15.64
N PHE A 250 -48.61 -16.99 -16.40
CA PHE A 250 -48.76 -15.55 -16.63
C PHE A 250 -50.16 -15.29 -17.17
N ASN A 251 -50.96 -14.54 -16.40
CA ASN A 251 -52.31 -14.20 -16.84
C ASN A 251 -52.31 -12.92 -17.67
N THR A 262 -47.04 -19.42 -21.21
CA THR A 262 -46.08 -19.85 -22.22
C THR A 262 -44.87 -18.92 -22.27
N VAL A 263 -44.34 -18.57 -21.11
CA VAL A 263 -43.28 -17.59 -21.05
C VAL A 263 -41.90 -18.20 -21.22
N LEU A 264 -41.73 -19.47 -20.86
CA LEU A 264 -40.53 -20.24 -21.19
C LEU A 264 -39.26 -19.54 -20.69
N CYS A 265 -39.14 -19.47 -19.37
CA CYS A 265 -37.98 -18.87 -18.75
C CYS A 265 -36.90 -19.93 -18.53
N VAL A 266 -35.65 -19.53 -18.75
CA VAL A 266 -34.48 -20.37 -18.57
C VAL A 266 -33.79 -19.99 -17.26
N LEU A 267 -33.37 -21.00 -16.51
CA LEU A 267 -32.74 -20.83 -15.20
C LEU A 267 -31.24 -21.03 -15.37
N THR A 268 -30.49 -19.92 -15.37
CA THR A 268 -29.05 -20.03 -15.49
C THR A 268 -28.46 -20.74 -14.27
N LEU A 269 -28.80 -20.25 -13.07
CA LEU A 269 -28.18 -20.75 -11.85
C LEU A 269 -28.28 -22.26 -11.72
N ASN A 270 -29.38 -22.86 -12.16
CA ASN A 270 -29.57 -24.29 -12.01
C ASN A 270 -28.50 -25.10 -12.69
N ILE A 271 -27.62 -24.49 -13.47
CA ILE A 271 -26.48 -25.23 -14.00
C ILE A 271 -25.36 -25.33 -12.98
N TYR A 272 -25.32 -24.44 -12.00
CA TYR A 272 -24.29 -24.49 -10.96
C TYR A 272 -24.73 -25.24 -9.72
N TYR A 273 -26.02 -25.58 -9.59
CA TYR A 273 -26.45 -26.33 -8.42
C TYR A 273 -26.15 -27.80 -8.56
N GLU A 274 -26.74 -28.45 -9.53
CA GLU A 274 -26.46 -29.89 -9.63
C GLU A 274 -25.08 -30.19 -10.08
N LYS A 275 -24.19 -29.21 -10.21
CA LYS A 275 -22.76 -29.47 -10.19
C LYS A 275 -22.15 -29.12 -8.85
N LEU A 276 -22.96 -28.78 -7.86
CA LEU A 276 -22.50 -28.46 -6.52
C LEU A 276 -23.01 -29.43 -5.47
N PHE A 277 -24.25 -29.93 -5.62
CA PHE A 277 -24.73 -30.98 -4.75
C PHE A 277 -23.91 -32.24 -4.93
N ILE A 278 -23.57 -32.57 -6.18
CA ILE A 278 -22.76 -33.74 -6.48
C ILE A 278 -21.46 -33.71 -5.70
N PHE A 279 -20.94 -32.53 -5.42
CA PHE A 279 -19.69 -32.42 -4.69
C PHE A 279 -19.91 -32.34 -3.18
N LEU A 280 -20.88 -31.54 -2.75
CA LEU A 280 -21.12 -31.39 -1.32
C LEU A 280 -21.56 -32.70 -0.70
N TRP A 281 -22.27 -33.55 -1.44
CA TRP A 281 -22.63 -34.85 -0.91
C TRP A 281 -21.39 -35.65 -0.53
N PHE A 282 -20.47 -35.81 -1.49
CA PHE A 282 -19.24 -36.53 -1.21
C PHE A 282 -18.49 -35.91 -0.04
N TRP A 283 -18.35 -34.58 -0.05
CA TRP A 283 -17.49 -33.96 0.95
C TRP A 283 -18.11 -34.05 2.34
N LEU A 284 -19.41 -33.88 2.44
CA LEU A 284 -20.05 -34.01 3.75
C LEU A 284 -20.00 -35.44 4.25
N VAL A 285 -20.15 -36.43 3.38
CA VAL A 285 -20.09 -37.79 3.90
C VAL A 285 -18.67 -38.11 4.35
N PHE A 286 -17.66 -37.59 3.65
CA PHE A 286 -16.29 -37.80 4.08
C PHE A 286 -16.03 -37.16 5.44
N VAL A 287 -16.42 -35.90 5.59
CA VAL A 287 -16.27 -35.22 6.87
C VAL A 287 -16.99 -35.98 7.97
N ALA A 288 -18.18 -36.49 7.67
CA ALA A 288 -18.95 -37.18 8.69
C ALA A 288 -18.26 -38.44 9.17
N VAL A 289 -17.79 -39.27 8.23
CA VAL A 289 -17.14 -40.50 8.69
C VAL A 289 -15.80 -40.22 9.36
N VAL A 290 -15.08 -39.17 8.95
CA VAL A 290 -13.85 -38.84 9.65
C VAL A 290 -14.14 -38.43 11.09
N SER A 291 -15.06 -37.50 11.27
CA SER A 291 -15.40 -37.11 12.63
C SER A 291 -15.95 -38.26 13.44
N THR A 292 -16.66 -39.20 12.82
CA THR A 292 -17.16 -40.33 13.56
C THR A 292 -16.07 -41.28 13.99
N VAL A 293 -15.07 -41.54 13.14
CA VAL A 293 -13.99 -42.41 13.61
C VAL A 293 -13.18 -41.70 14.68
N ASN A 294 -13.06 -40.38 14.61
CA ASN A 294 -12.40 -39.67 15.70
C ASN A 294 -13.18 -39.80 16.99
N CYS A 295 -14.51 -39.68 16.91
CA CYS A 295 -15.34 -39.82 18.10
C CYS A 295 -15.23 -41.21 18.69
N PHE A 296 -15.24 -42.24 17.85
CA PHE A 296 -15.12 -43.60 18.36
C PHE A 296 -13.77 -43.82 19.02
N LYS A 297 -12.70 -43.31 18.39
CA LYS A 297 -11.39 -43.41 19.03
C LYS A 297 -11.40 -42.78 20.41
N TRP A 298 -12.00 -41.60 20.54
CA TRP A 298 -11.97 -40.94 21.84
C TRP A 298 -12.85 -41.63 22.86
N ILE A 299 -14.00 -42.16 22.45
CA ILE A 299 -14.88 -42.79 23.42
C ILE A 299 -14.28 -44.11 23.90
N TYR A 300 -13.60 -44.84 23.01
CA TYR A 300 -12.92 -46.04 23.44
C TYR A 300 -11.70 -45.72 24.29
N TYR A 301 -11.04 -44.60 24.01
CA TYR A 301 -9.98 -44.11 24.88
C TYR A 301 -10.50 -43.90 26.30
N LEU A 302 -11.56 -43.11 26.43
CA LEU A 302 -12.08 -42.79 27.75
C LEU A 302 -12.58 -44.03 28.47
N CYS A 303 -13.31 -44.90 27.76
CA CYS A 303 -13.93 -46.03 28.42
C CYS A 303 -12.89 -47.05 28.91
N ASN A 304 -11.81 -47.22 28.17
CA ASN A 304 -10.85 -48.26 28.51
C ASN A 304 -10.07 -47.92 29.76
N LYS A 305 -9.43 -46.74 29.78
CA LYS A 305 -8.73 -46.21 30.95
C LYS A 305 -7.46 -47.01 31.23
N THR A 306 -7.25 -48.11 30.52
CA THR A 306 -6.09 -48.96 30.72
C THR A 306 -5.09 -48.88 29.59
N LYS A 307 -5.56 -48.83 28.35
CA LYS A 307 -4.70 -48.55 27.21
C LYS A 307 -4.65 -47.07 26.88
N ALA A 308 -5.01 -46.21 27.83
CA ALA A 308 -4.76 -44.78 27.70
C ALA A 308 -3.37 -44.41 28.18
N GLN A 309 -2.80 -45.21 29.08
CA GLN A 309 -1.46 -44.97 29.61
C GLN A 309 -0.38 -45.65 28.79
N LYS A 310 -0.64 -45.91 27.51
CA LYS A 310 0.38 -46.52 26.67
C LYS A 310 1.51 -45.54 26.37
N THR A 311 1.15 -44.36 25.85
CA THR A 311 2.17 -43.38 25.47
C THR A 311 2.95 -42.92 26.69
N ILE A 312 2.29 -42.79 27.84
CA ILE A 312 3.01 -42.32 29.02
C ILE A 312 4.00 -43.37 29.50
N LYS A 313 3.59 -44.63 29.54
CA LYS A 313 4.51 -45.68 29.95
C LYS A 313 5.64 -45.83 28.96
N ASN A 314 5.41 -45.52 27.69
CA ASN A 314 6.49 -45.59 26.73
C ASN A 314 7.43 -44.39 26.84
N TYR A 315 6.90 -43.23 27.21
CA TYR A 315 7.76 -42.08 27.46
C TYR A 315 8.66 -42.33 28.66
N LEU A 316 8.08 -42.80 29.76
CA LEU A 316 8.82 -42.98 31.00
C LEU A 316 9.89 -44.05 30.91
N SER A 317 10.00 -44.77 29.79
CA SER A 317 11.03 -45.79 29.63
C SER A 317 12.21 -45.28 28.85
N THR A 318 12.55 -44.02 28.98
CA THR A 318 13.69 -43.46 28.26
C THR A 318 14.73 -42.84 29.19
N ALA A 319 14.30 -42.12 30.21
CA ALA A 319 15.24 -41.46 31.10
C ALA A 319 16.10 -42.50 31.80
N PRO A 320 17.42 -42.48 31.63
CA PRO A 320 18.28 -43.55 32.14
C PRO A 320 18.53 -43.48 33.64
N ILE A 321 17.45 -43.28 34.40
CA ILE A 321 17.55 -43.17 35.86
C ILE A 321 16.64 -44.19 36.52
N LYS A 322 15.33 -44.06 36.27
CA LYS A 322 14.31 -44.84 36.98
C LYS A 322 14.51 -44.68 38.49
N SER A 323 14.35 -43.44 38.95
CA SER A 323 14.93 -43.08 40.24
C SER A 323 14.22 -43.70 41.43
N THR A 324 13.00 -43.28 41.74
CA THR A 324 12.32 -43.88 42.88
C THR A 324 10.86 -44.22 42.60
N ILE A 325 10.17 -43.35 41.88
CA ILE A 325 8.72 -43.31 41.92
C ILE A 325 8.16 -44.34 40.95
N SER A 326 7.37 -45.28 41.47
CA SER A 326 6.69 -46.22 40.61
C SER A 326 5.68 -45.51 39.74
N ASP A 327 5.31 -46.15 38.64
CA ASP A 327 4.38 -45.54 37.71
C ASP A 327 2.99 -45.41 38.32
N ASP A 328 2.51 -46.46 38.99
CA ASP A 328 1.12 -46.49 39.43
C ASP A 328 0.83 -45.35 40.41
N GLN A 329 1.73 -45.09 41.35
CA GLN A 329 1.54 -43.94 42.22
C GLN A 329 1.61 -42.64 41.42
N PHE A 330 2.54 -42.57 40.46
CA PHE A 330 2.62 -41.40 39.61
C PHE A 330 1.32 -41.20 38.85
N PHE A 331 0.79 -42.27 38.26
CA PHE A 331 -0.46 -42.15 37.52
C PHE A 331 -1.60 -41.72 38.42
N SER A 332 -1.71 -42.33 39.61
CA SER A 332 -2.76 -41.93 40.53
C SER A 332 -2.60 -40.46 40.93
N ALA A 333 -1.38 -39.97 40.98
CA ALA A 333 -1.16 -38.54 41.19
C ALA A 333 -1.56 -37.73 39.97
N LEU A 334 -1.52 -38.34 38.79
CA LEU A 334 -1.79 -37.66 37.53
C LEU A 334 -3.04 -38.23 36.87
N GLY A 335 -4.02 -38.69 37.65
CA GLY A 335 -5.02 -39.57 37.10
C GLY A 335 -5.98 -38.89 36.15
N GLU A 336 -6.77 -37.94 36.67
CA GLU A 336 -7.89 -37.40 35.91
C GLU A 336 -7.42 -36.52 34.76
N ASP A 337 -6.73 -35.43 35.10
CA ASP A 337 -6.42 -34.37 34.15
C ASP A 337 -5.11 -34.60 33.43
N GLY A 338 -4.02 -34.69 34.18
CA GLY A 338 -2.70 -34.70 33.58
C GLY A 338 -2.55 -35.71 32.47
N LEU A 339 -3.25 -36.83 32.56
CA LEU A 339 -3.20 -37.80 31.47
C LEU A 339 -3.72 -37.23 30.17
N PHE A 340 -4.54 -36.18 30.24
CA PHE A 340 -5.05 -35.53 29.05
C PHE A 340 -4.18 -34.34 28.64
N ILE A 341 -3.67 -33.58 29.62
CA ILE A 341 -2.77 -32.48 29.30
C ILE A 341 -1.53 -33.01 28.58
N MET A 342 -0.99 -34.14 29.02
CA MET A 342 0.17 -34.69 28.35
C MET A 342 -0.16 -35.07 26.91
N ASP A 343 -1.37 -35.57 26.68
CA ASP A 343 -1.78 -35.90 25.32
C ASP A 343 -1.83 -34.65 24.47
N GLN A 344 -2.44 -33.58 24.99
CA GLN A 344 -2.51 -32.33 24.24
C GLN A 344 -1.12 -31.80 23.93
N MET A 345 -0.21 -31.90 24.90
CA MET A 345 1.15 -31.44 24.67
C MET A 345 1.82 -32.25 23.56
N ALA A 346 1.64 -33.58 23.60
CA ALA A 346 2.17 -34.40 22.53
C ALA A 346 1.58 -34.01 21.18
N LEU A 347 0.32 -33.60 21.17
CA LEU A 347 -0.34 -33.29 19.91
C LEU A 347 0.14 -31.96 19.34
N ASN A 348 0.41 -30.98 20.20
CA ASN A 348 0.81 -29.66 19.71
C ASN A 348 2.31 -29.54 19.47
N LEU A 349 3.11 -30.00 20.43
CA LEU A 349 4.54 -29.77 20.36
C LEU A 349 5.27 -30.85 19.58
N GLY A 350 4.84 -32.08 19.73
CA GLY A 350 5.55 -33.21 19.17
C GLY A 350 5.71 -34.27 20.22
N ASP A 351 6.68 -35.14 20.04
CA ASP A 351 6.97 -36.16 21.02
C ASP A 351 8.23 -35.89 21.81
N ILE A 352 9.29 -35.45 21.15
CA ILE A 352 10.50 -35.11 21.89
C ILE A 352 10.25 -34.03 22.93
N PRO A 353 9.66 -32.88 22.61
CA PRO A 353 9.45 -31.88 23.66
C PRO A 353 8.30 -32.22 24.57
N ALA A 354 7.82 -33.46 24.52
CA ALA A 354 6.83 -33.92 25.48
C ALA A 354 7.32 -35.05 26.34
N SER A 355 8.21 -35.90 25.83
CA SER A 355 8.80 -36.93 26.66
C SER A 355 9.61 -36.30 27.79
N TYR A 356 10.41 -35.28 27.48
CA TYR A 356 11.11 -34.56 28.54
C TYR A 356 10.14 -34.01 29.56
N LEU A 357 9.03 -33.45 29.10
CA LEU A 357 8.06 -32.86 30.02
C LEU A 357 7.49 -33.91 30.96
N THR A 358 7.06 -35.05 30.41
CA THR A 358 6.44 -36.05 31.27
C THR A 358 7.45 -36.77 32.14
N ILE A 359 8.73 -36.78 31.76
CA ILE A 359 9.75 -37.31 32.66
C ILE A 359 9.96 -36.36 33.82
N SER A 360 10.14 -35.08 33.52
CA SER A 360 10.32 -34.09 34.58
C SER A 360 9.13 -34.10 35.53
N MET A 361 7.92 -34.16 35.00
CA MET A 361 6.76 -34.19 35.88
C MET A 361 6.70 -35.45 36.71
N ARG A 362 7.48 -36.48 36.39
CA ARG A 362 7.60 -37.61 37.29
C ARG A 362 8.66 -37.38 38.34
N ASN A 363 9.75 -36.72 37.98
CA ASN A 363 10.85 -36.56 38.92
C ASN A 363 10.52 -35.61 40.07
N ILE A 364 9.39 -34.90 40.03
CA ILE A 364 9.06 -33.97 41.09
C ILE A 364 7.65 -34.20 41.63
N CYS A 365 7.04 -35.34 41.34
CA CYS A 365 5.65 -35.54 41.74
C CYS A 365 5.57 -35.69 43.25
N GLN A 366 5.29 -34.59 43.95
CA GLN A 366 5.24 -34.62 45.40
C GLN A 366 4.04 -33.88 45.98
N ASP A 367 3.07 -33.48 45.15
CA ASP A 367 1.87 -32.88 45.71
C ASP A 367 0.89 -33.95 46.19
N PHE A 368 0.86 -35.11 45.53
CA PHE A 368 0.09 -36.25 46.02
C PHE A 368 0.97 -37.32 46.61
N ILE A 369 1.97 -37.80 45.87
CA ILE A 369 2.84 -38.85 46.36
C ILE A 369 4.27 -38.60 45.88
N LYS B 23 -7.61 -3.45 29.40
CA LYS B 23 -8.20 -4.58 28.70
C LYS B 23 -9.39 -5.14 29.47
N GLY B 24 -10.13 -6.03 28.84
CA GLY B 24 -11.20 -6.73 29.50
C GLY B 24 -11.74 -7.86 28.63
N ASP B 25 -11.86 -9.06 29.21
CA ASP B 25 -12.32 -10.23 28.50
C ASP B 25 -13.58 -10.80 29.16
N LEU B 26 -14.51 -9.91 29.48
CA LEU B 26 -15.70 -10.30 30.24
C LEU B 26 -16.45 -11.43 29.53
N ALA B 27 -16.74 -12.49 30.29
CA ALA B 27 -17.30 -13.71 29.72
C ALA B 27 -18.72 -13.45 29.27
N ASP B 28 -18.93 -13.43 27.95
CA ASP B 28 -20.26 -13.31 27.36
C ASP B 28 -20.95 -12.02 27.76
N ARG B 29 -20.15 -11.01 28.11
CA ARG B 29 -20.54 -9.63 27.96
C ARG B 29 -19.95 -9.04 26.69
N LEU B 30 -19.06 -9.77 26.03
CA LEU B 30 -18.59 -9.41 24.70
C LEU B 30 -19.55 -9.85 23.61
N ASN B 31 -20.77 -10.23 23.97
CA ASN B 31 -21.83 -10.37 22.98
C ASN B 31 -22.46 -9.03 22.63
N SER B 32 -22.13 -7.96 23.36
CA SER B 32 -22.43 -6.63 22.86
C SER B 32 -21.63 -6.33 21.61
N ARG B 33 -20.37 -6.75 21.57
CA ARG B 33 -19.54 -6.56 20.38
C ARG B 33 -20.14 -7.26 19.17
N VAL B 34 -20.36 -8.57 19.29
CA VAL B 34 -20.87 -9.32 18.14
C VAL B 34 -22.28 -8.88 17.79
N THR B 35 -23.09 -8.52 18.79
CA THR B 35 -24.45 -8.07 18.51
C THR B 35 -24.44 -6.77 17.73
N VAL B 36 -23.67 -5.79 18.19
CA VAL B 36 -23.57 -4.53 17.46
C VAL B 36 -23.09 -4.78 16.05
N VAL B 37 -22.09 -5.63 15.87
CA VAL B 37 -21.56 -5.87 14.53
C VAL B 37 -22.65 -6.45 13.63
N ILE B 38 -23.31 -7.51 14.08
CA ILE B 38 -24.28 -8.18 13.21
C ILE B 38 -25.44 -7.25 12.88
N LEU B 39 -25.99 -6.56 13.89
CA LEU B 39 -27.13 -5.69 13.63
C LEU B 39 -26.74 -4.52 12.73
N ALA B 40 -25.59 -3.91 12.97
CA ALA B 40 -25.20 -2.76 12.17
C ALA B 40 -24.88 -3.17 10.75
N VAL B 41 -24.27 -4.34 10.54
CA VAL B 41 -23.97 -4.75 9.17
C VAL B 41 -25.25 -5.09 8.43
N SER B 42 -26.24 -5.68 9.11
CA SER B 42 -27.51 -5.93 8.46
C SER B 42 -28.18 -4.61 8.09
N SER B 43 -28.20 -3.65 9.01
CA SER B 43 -28.87 -2.38 8.75
C SER B 43 -28.18 -1.64 7.60
N ALA B 44 -26.85 -1.57 7.61
CA ALA B 44 -26.13 -0.92 6.53
C ALA B 44 -26.34 -1.62 5.20
N LEU B 45 -26.38 -2.96 5.19
CA LEU B 45 -26.64 -3.67 3.94
C LEU B 45 -28.02 -3.34 3.39
N LEU B 46 -29.04 -3.34 4.24
CA LEU B 46 -30.39 -3.06 3.75
C LEU B 46 -30.52 -1.62 3.28
N LEU B 47 -29.91 -0.67 4.00
CA LEU B 47 -29.99 0.72 3.58
C LEU B 47 -29.26 0.94 2.27
N SER B 48 -28.07 0.35 2.11
CA SER B 48 -27.37 0.45 0.84
C SER B 48 -28.16 -0.23 -0.27
N SER B 49 -28.90 -1.28 0.06
CA SER B 49 -29.69 -1.96 -0.96
C SER B 49 -30.79 -1.05 -1.48
N HIS B 50 -31.69 -0.60 -0.61
CA HIS B 50 -32.77 0.25 -1.09
C HIS B 50 -32.35 1.72 -1.16
N PHE B 51 -31.05 1.99 -1.23
CA PHE B 51 -30.55 3.30 -1.66
C PHE B 51 -29.74 3.24 -2.94
N ILE B 52 -29.35 2.04 -3.40
CA ILE B 52 -28.52 1.91 -4.59
C ILE B 52 -29.27 1.10 -5.64
N GLY B 53 -29.60 -0.14 -5.31
CA GLY B 53 -30.32 -0.99 -6.24
C GLY B 53 -31.76 -0.56 -6.37
N ASP B 54 -32.56 -1.48 -6.92
CA ASP B 54 -33.98 -1.24 -7.06
C ASP B 54 -34.74 -1.99 -5.97
N PRO B 55 -35.38 -1.30 -5.03
CA PRO B 55 -36.11 -2.00 -3.97
C PRO B 55 -37.51 -2.44 -4.35
N ILE B 56 -37.92 -2.20 -5.58
CA ILE B 56 -39.27 -2.52 -6.03
C ILE B 56 -39.30 -2.46 -7.54
N THR B 57 -40.22 -3.18 -8.16
CA THR B 57 -40.41 -3.08 -9.60
C THR B 57 -41.90 -3.02 -9.89
N CYS B 58 -42.28 -2.37 -10.98
CA CYS B 58 -43.70 -2.18 -11.26
C CYS B 58 -43.97 -2.44 -12.73
N TRP B 59 -45.22 -2.81 -13.02
CA TRP B 59 -45.60 -3.26 -14.36
C TRP B 59 -47.04 -2.87 -14.63
N THR B 60 -47.23 -1.85 -15.44
CA THR B 60 -48.64 -1.77 -15.83
C THR B 60 -48.81 -2.24 -17.26
N PRO B 61 -49.88 -2.97 -17.57
CA PRO B 61 -49.98 -3.58 -18.90
C PRO B 61 -50.52 -2.65 -19.97
N ALA B 62 -50.05 -1.41 -20.01
CA ALA B 62 -50.45 -0.49 -21.07
C ALA B 62 -49.27 -0.10 -21.95
N GLN B 63 -48.24 0.52 -21.39
CA GLN B 63 -47.05 0.92 -22.12
C GLN B 63 -46.09 1.58 -21.13
N PHE B 64 -44.81 1.60 -21.49
CA PHE B 64 -43.80 2.24 -20.67
C PHE B 64 -42.96 3.16 -21.53
N ASN B 65 -42.21 4.04 -20.86
CA ASN B 65 -41.27 4.91 -21.54
C ASN B 65 -39.98 5.07 -20.76
N ALA B 66 -39.66 4.11 -19.88
CA ALA B 66 -38.45 4.14 -19.05
C ALA B 66 -38.47 5.34 -18.11
N GLN B 67 -39.55 6.11 -18.14
CA GLN B 67 -39.77 7.18 -17.19
C GLN B 67 -41.06 7.01 -16.40
N TRP B 68 -42.02 6.27 -16.94
CA TRP B 68 -43.12 5.79 -16.12
C TRP B 68 -42.60 4.96 -14.96
N VAL B 69 -41.81 3.93 -15.28
CA VAL B 69 -41.40 2.99 -14.25
C VAL B 69 -40.43 3.64 -13.27
N ASN B 70 -39.54 4.49 -13.77
CA ASN B 70 -38.57 5.10 -12.87
C ASN B 70 -39.23 6.02 -11.87
N PHE B 71 -40.48 6.42 -12.10
CA PHE B 71 -41.24 7.18 -11.13
C PHE B 71 -42.19 6.31 -10.33
N VAL B 72 -42.91 5.40 -10.99
CA VAL B 72 -43.83 4.54 -10.27
C VAL B 72 -43.09 3.73 -9.22
N ASN B 73 -41.83 3.39 -9.45
CA ASN B 73 -41.06 2.71 -8.42
C ASN B 73 -41.06 3.52 -7.13
N GLN B 74 -40.56 4.75 -7.19
CA GLN B 74 -40.52 5.58 -6.00
C GLN B 74 -41.92 5.84 -5.44
N TYR B 75 -42.90 6.02 -6.31
CA TYR B 75 -44.24 6.33 -5.82
C TYR B 75 -44.79 5.16 -5.03
N CYS B 76 -44.88 4.00 -5.66
CA CYS B 76 -45.41 2.82 -4.99
C CYS B 76 -44.57 2.40 -3.80
N PHE B 77 -43.30 2.80 -3.76
CA PHE B 77 -42.49 2.49 -2.59
C PHE B 77 -42.84 3.40 -1.42
N VAL B 78 -42.78 4.71 -1.64
CA VAL B 78 -43.12 5.66 -0.59
C VAL B 78 -44.56 5.46 -0.14
N HIS B 79 -45.51 5.65 -1.06
CA HIS B 79 -46.90 5.38 -0.75
C HIS B 79 -47.08 3.92 -0.40
N GLY B 80 -48.15 3.63 0.33
CA GLY B 80 -48.39 2.29 0.79
C GLY B 80 -48.71 1.33 -0.34
N THR B 81 -48.62 0.04 -0.03
CA THR B 81 -49.04 -1.03 -0.92
C THR B 81 -49.93 -1.97 -0.13
N TYR B 82 -50.75 -2.74 -0.84
CA TYR B 82 -51.59 -3.72 -0.19
C TYR B 82 -51.54 -5.02 -0.97
N PHE B 83 -51.76 -6.11 -0.25
CA PHE B 83 -51.61 -7.45 -0.78
C PHE B 83 -52.96 -8.14 -0.86
N VAL B 84 -53.13 -8.97 -1.88
CA VAL B 84 -54.35 -9.77 -2.03
C VAL B 84 -53.98 -11.17 -2.48
N PRO B 85 -54.82 -12.14 -2.15
CA PRO B 85 -54.57 -13.51 -2.61
C PRO B 85 -54.75 -13.64 -4.11
N LEU B 86 -54.61 -14.85 -4.64
CA LEU B 86 -54.67 -15.10 -6.08
C LEU B 86 -56.01 -15.68 -6.52
N ASP B 87 -57.09 -15.33 -5.82
CA ASP B 87 -58.42 -15.81 -6.20
C ASP B 87 -58.92 -15.03 -7.42
N SER B 101 -52.63 -3.39 4.55
CA SER B 101 -51.57 -2.62 3.89
C SER B 101 -50.27 -2.75 4.67
N ILE B 102 -49.68 -3.94 4.64
CA ILE B 102 -48.46 -4.21 5.39
C ILE B 102 -47.30 -3.45 4.76
N GLN B 103 -46.75 -2.50 5.51
CA GLN B 103 -45.60 -1.73 5.03
C GLN B 103 -44.72 -1.41 6.23
N TYR B 104 -43.73 -2.27 6.46
CA TYR B 104 -42.68 -2.00 7.42
C TYR B 104 -41.36 -1.75 6.72
N TYR B 105 -41.39 -1.56 5.40
CA TYR B 105 -40.19 -1.22 4.66
C TYR B 105 -39.54 0.05 5.18
N GLN B 106 -40.28 0.90 5.87
CA GLN B 106 -39.78 2.19 6.32
C GLN B 106 -39.34 2.20 7.78
N TRP B 107 -39.24 1.04 8.41
CA TRP B 107 -38.83 1.00 9.81
C TRP B 107 -37.79 -0.06 10.13
N VAL B 108 -37.67 -1.12 9.36
CA VAL B 108 -36.72 -2.18 9.67
C VAL B 108 -35.30 -1.64 9.63
N PRO B 109 -34.81 -1.09 8.52
CA PRO B 109 -33.39 -0.73 8.46
C PRO B 109 -33.04 0.51 9.25
N TYR B 110 -33.98 1.02 10.04
CA TYR B 110 -33.69 2.08 11.01
C TYR B 110 -33.81 1.60 12.44
N VAL B 111 -34.88 0.87 12.73
CA VAL B 111 -34.99 0.25 14.04
C VAL B 111 -33.81 -0.66 14.29
N PHE B 112 -33.23 -1.25 13.25
CA PHE B 112 -32.08 -2.12 13.46
C PHE B 112 -30.87 -1.32 13.94
N ALA B 113 -30.60 -0.17 13.32
CA ALA B 113 -29.48 0.66 13.80
C ALA B 113 -29.74 1.15 15.21
N LEU B 114 -30.98 1.51 15.51
CA LEU B 114 -31.30 1.91 16.88
C LEU B 114 -31.07 0.76 17.85
N GLN B 115 -31.43 -0.46 17.46
CA GLN B 115 -31.14 -1.63 18.29
C GLN B 115 -29.65 -1.76 18.53
N ALA B 116 -28.84 -1.58 17.48
CA ALA B 116 -27.40 -1.70 17.65
C ALA B 116 -26.88 -0.69 18.66
N PHE B 117 -27.33 0.56 18.55
CA PHE B 117 -26.89 1.56 19.50
C PHE B 117 -27.29 1.19 20.92
N LEU B 118 -28.53 0.75 21.11
CA LEU B 118 -28.99 0.41 22.45
C LEU B 118 -28.30 -0.84 22.99
N PHE B 119 -27.81 -1.72 22.12
CA PHE B 119 -26.99 -2.83 22.58
C PHE B 119 -25.61 -2.36 23.02
N TYR B 120 -25.06 -1.36 22.34
CA TYR B 120 -23.72 -0.90 22.72
C TYR B 120 -23.75 -0.10 24.02
N ILE B 121 -24.87 0.54 24.33
CA ILE B 121 -24.93 1.44 25.49
C ILE B 121 -24.40 0.81 26.79
N PRO B 122 -24.83 -0.38 27.20
CA PRO B 122 -24.47 -0.84 28.55
C PRO B 122 -22.99 -0.94 28.83
N ARG B 123 -22.16 -1.23 27.83
CA ARG B 123 -20.72 -1.20 28.05
C ARG B 123 -20.26 0.20 28.43
N PHE B 124 -20.78 1.21 27.74
CA PHE B 124 -20.45 2.58 28.12
C PHE B 124 -20.96 2.89 29.51
N ILE B 125 -22.12 2.36 29.88
CA ILE B 125 -22.62 2.55 31.24
C ILE B 125 -21.62 2.00 32.24
N TRP B 126 -21.12 0.79 32.00
CA TRP B 126 -20.20 0.18 32.95
C TRP B 126 -18.90 0.97 33.03
N LYS B 127 -18.42 1.47 31.89
CA LYS B 127 -17.17 2.24 31.95
C LYS B 127 -17.36 3.54 32.71
N ALA B 128 -18.47 4.24 32.47
CA ALA B 128 -18.73 5.45 33.23
C ALA B 128 -18.89 5.15 34.71
N MET B 129 -19.52 4.02 35.04
CA MET B 129 -19.73 3.69 36.44
C MET B 129 -18.43 3.35 37.12
N ILE B 130 -17.51 2.68 36.44
CA ILE B 130 -16.23 2.37 37.06
C ILE B 130 -15.38 3.63 37.16
N ALA B 131 -15.56 4.59 36.25
CA ALA B 131 -14.90 5.88 36.42
C ALA B 131 -15.44 6.60 37.64
N TYR B 132 -16.75 6.48 37.88
CA TYR B 132 -17.37 7.12 39.02
C TYR B 132 -17.05 6.41 40.33
N SER B 133 -16.71 5.12 40.28
CA SER B 133 -16.48 4.37 41.49
C SER B 133 -15.24 4.82 42.24
N GLY B 134 -14.36 5.57 41.60
CA GLY B 134 -13.14 6.02 42.24
C GLY B 134 -11.94 5.16 41.88
N TYR B 135 -12.14 3.85 41.80
CA TYR B 135 -11.07 2.95 41.43
C TYR B 135 -10.89 2.96 39.91
N ASP B 136 -9.99 2.11 39.43
CA ASP B 136 -9.77 1.96 38.00
C ASP B 136 -9.31 0.53 37.72
N LEU B 137 -10.09 -0.19 36.93
CA LEU B 137 -9.75 -1.57 36.64
C LEU B 137 -8.81 -1.70 35.46
N ALA B 138 -8.99 -0.89 34.43
CA ALA B 138 -8.15 -1.01 33.25
C ALA B 138 -6.68 -0.87 33.60
N ALA B 139 -6.35 0.17 34.36
CA ALA B 139 -4.96 0.41 34.70
C ALA B 139 -4.36 -0.75 35.48
N ALA B 140 -5.07 -1.21 36.51
CA ALA B 140 -4.51 -2.26 37.36
C ALA B 140 -4.37 -3.58 36.61
N VAL B 141 -5.37 -3.94 35.81
CA VAL B 141 -5.29 -5.19 35.08
C VAL B 141 -4.17 -5.13 34.06
N LYS B 142 -4.05 -4.01 33.34
CA LYS B 142 -2.96 -3.88 32.39
C LYS B 142 -1.61 -3.94 33.09
N TYR B 143 -1.52 -3.37 34.28
CA TYR B 143 -0.26 -3.36 35.00
C TYR B 143 0.15 -4.76 35.41
N VAL B 144 -0.76 -5.50 36.03
CA VAL B 144 -0.39 -6.85 36.46
C VAL B 144 -0.12 -7.72 35.24
N ASP B 145 -0.85 -7.50 34.14
CA ASP B 145 -0.59 -8.27 32.94
C ASP B 145 0.81 -8.00 32.40
N ARG B 146 1.20 -6.73 32.37
CA ARG B 146 2.52 -6.38 31.85
C ARG B 146 3.61 -6.95 32.73
N PHE B 147 3.43 -6.88 34.05
CA PHE B 147 4.43 -7.44 34.94
C PHE B 147 4.57 -8.94 34.74
N TRP B 148 3.45 -9.65 34.63
CA TRP B 148 3.50 -11.10 34.44
C TRP B 148 4.13 -11.44 33.10
N SER B 149 3.77 -10.74 32.04
CA SER B 149 4.35 -11.01 30.73
C SER B 149 5.83 -10.65 30.68
N GLU B 150 6.27 -9.70 31.51
CA GLU B 150 7.69 -9.39 31.57
C GLU B 150 8.47 -10.50 32.25
N ASN B 151 8.08 -10.85 33.47
CA ASN B 151 8.92 -11.80 34.18
C ASN B 151 8.18 -13.07 34.62
N ARG B 152 7.43 -13.68 33.71
CA ARG B 152 7.06 -15.07 33.86
C ARG B 152 7.99 -16.00 33.11
N ASP B 153 8.80 -15.47 32.20
CA ASP B 153 9.70 -16.29 31.39
C ASP B 153 11.13 -16.28 31.91
N LYS B 154 11.62 -15.14 32.38
CA LYS B 154 12.99 -15.02 32.84
C LYS B 154 13.27 -16.09 33.89
N ASP B 155 14.22 -16.97 33.59
CA ASP B 155 14.48 -18.13 34.43
C ASP B 155 14.96 -17.72 35.82
N ASP B 156 15.66 -16.58 35.91
CA ASP B 156 16.12 -16.09 37.20
C ASP B 156 14.96 -15.74 38.11
N LYS B 157 13.95 -15.06 37.58
CA LYS B 157 12.84 -14.60 38.41
C LYS B 157 11.77 -15.67 38.53
N PHE B 158 12.13 -16.90 38.87
CA PHE B 158 11.11 -17.93 38.93
C PHE B 158 11.24 -18.78 40.19
N LYS B 159 12.45 -18.89 40.72
CA LYS B 159 12.61 -19.50 42.03
C LYS B 159 12.10 -18.56 43.11
N THR B 160 12.48 -17.28 43.02
CA THR B 160 11.90 -16.23 43.84
C THR B 160 10.60 -15.74 43.22
N ARG B 161 9.70 -16.68 42.93
CA ARG B 161 8.49 -16.34 42.19
C ARG B 161 7.54 -15.50 43.03
N LEU B 162 7.41 -15.82 44.31
CA LEU B 162 6.43 -15.12 45.13
C LEU B 162 6.97 -13.82 45.70
N ALA B 163 8.26 -13.74 45.97
CA ALA B 163 8.83 -12.47 46.40
C ALA B 163 8.69 -11.41 45.34
N ALA B 164 8.77 -11.79 44.06
CA ALA B 164 8.60 -10.82 42.99
C ALA B 164 7.20 -10.23 43.00
N PHE B 165 6.19 -11.10 43.02
CA PHE B 165 4.81 -10.62 43.10
C PHE B 165 4.58 -9.85 44.38
N GLU B 166 5.34 -10.14 45.42
CA GLU B 166 5.17 -9.42 46.67
C GLU B 166 5.79 -8.04 46.62
N GLY B 167 6.83 -7.85 45.82
CA GLY B 167 7.44 -6.55 45.74
C GLY B 167 6.70 -5.52 44.92
N ARG B 168 6.65 -5.73 43.61
CA ARG B 168 6.17 -4.67 42.73
C ARG B 168 4.65 -4.57 42.63
N PRO B 169 3.93 -5.58 42.13
CA PRO B 169 2.53 -5.34 41.75
C PRO B 169 1.56 -5.35 42.92
N SER B 170 1.83 -6.15 43.93
CA SER B 170 0.91 -6.23 45.05
C SER B 170 0.88 -4.93 45.83
N VAL B 171 2.02 -4.25 45.94
CA VAL B 171 2.03 -2.94 46.57
C VAL B 171 1.17 -1.96 45.78
N TYR B 172 1.25 -2.05 44.45
CA TYR B 172 0.43 -1.17 43.62
C TYR B 172 -1.05 -1.43 43.84
N ILE B 173 -1.45 -2.69 43.85
CA ILE B 173 -2.86 -3.02 44.06
C ILE B 173 -3.32 -2.55 45.43
N TRP B 174 -2.50 -2.74 46.45
CA TRP B 174 -2.90 -2.31 47.79
C TRP B 174 -2.99 -0.80 47.88
N ASP B 175 -2.08 -0.08 47.21
CA ASP B 175 -2.17 1.37 47.22
C ASP B 175 -3.43 1.84 46.53
N GLY B 176 -3.80 1.19 45.42
CA GLY B 176 -5.05 1.54 44.77
C GLY B 176 -6.25 1.28 45.64
N ILE B 177 -6.26 0.15 46.36
CA ILE B 177 -7.36 -0.15 47.26
C ILE B 177 -7.46 0.91 48.35
N ARG B 178 -6.33 1.23 48.98
CA ARG B 178 -6.34 2.19 50.07
C ARG B 178 -6.71 3.58 49.60
N LEU B 179 -6.40 3.92 48.36
CA LEU B 179 -6.73 5.25 47.87
C LEU B 179 -8.18 5.34 47.40
N ALA B 180 -8.74 4.25 46.88
CA ALA B 180 -10.13 4.27 46.45
C ALA B 180 -11.08 4.02 47.60
N ARG B 181 -10.61 3.47 48.71
CA ARG B 181 -11.48 3.18 49.83
C ARG B 181 -12.12 4.43 50.39
N LYS B 182 -11.48 5.58 50.21
CA LYS B 182 -11.96 6.85 50.74
C LYS B 182 -12.78 7.64 49.73
N LYS B 183 -13.24 7.00 48.65
CA LYS B 183 -14.05 7.70 47.67
C LYS B 183 -14.99 6.68 47.01
N ARG B 184 -16.19 6.55 47.58
CA ARG B 184 -17.29 5.80 46.99
C ARG B 184 -16.87 4.51 46.31
N SER B 185 -15.99 3.74 46.94
CA SER B 185 -15.67 2.39 46.46
C SER B 185 -15.81 1.47 47.65
N ARG B 186 -17.05 1.10 47.93
CA ARG B 186 -17.36 0.04 48.88
C ARG B 186 -18.53 -0.77 48.38
N ASN B 187 -19.02 -0.48 47.18
CA ASN B 187 -20.17 -1.14 46.58
C ASN B 187 -19.91 -1.40 45.11
N MET B 188 -18.64 -1.51 44.73
CA MET B 188 -18.28 -1.67 43.32
C MET B 188 -18.90 -2.93 42.74
N ALA B 189 -18.96 -4.00 43.54
CA ALA B 189 -19.69 -5.19 43.09
C ALA B 189 -21.15 -4.88 42.84
N LEU B 190 -21.74 -4.03 43.67
CA LEU B 190 -23.12 -3.62 43.44
C LEU B 190 -23.25 -2.86 42.13
N PHE B 191 -22.29 -1.98 41.83
CA PHE B 191 -22.33 -1.26 40.57
C PHE B 191 -22.25 -2.23 39.39
N TYR B 192 -21.35 -3.21 39.46
CA TYR B 192 -21.24 -4.15 38.37
C TYR B 192 -22.53 -4.94 38.19
N THR B 193 -23.10 -5.43 39.29
CA THR B 193 -24.31 -6.25 39.13
C THR B 193 -25.48 -5.40 38.69
N LEU B 194 -25.49 -4.10 39.02
CA LEU B 194 -26.52 -3.23 38.49
C LEU B 194 -26.36 -3.05 36.99
N SER B 195 -25.11 -2.90 36.53
CA SER B 195 -24.88 -2.84 35.10
C SER B 195 -25.36 -4.10 34.41
N THR B 196 -25.16 -5.26 35.04
CA THR B 196 -25.59 -6.50 34.42
C THR B 196 -27.11 -6.62 34.40
N VAL B 197 -27.77 -6.15 35.46
CA VAL B 197 -29.23 -6.07 35.44
C VAL B 197 -29.69 -5.23 34.27
N TRP B 198 -29.07 -4.07 34.09
CA TRP B 198 -29.42 -3.21 32.97
C TRP B 198 -29.22 -3.93 31.65
N GLN B 199 -28.12 -4.68 31.53
CA GLN B 199 -27.84 -5.37 30.29
C GLN B 199 -28.89 -6.42 29.97
N ALA B 200 -29.31 -7.19 30.97
CA ALA B 200 -30.32 -8.21 30.72
C ALA B 200 -31.67 -7.59 30.37
N VAL B 201 -32.08 -6.57 31.12
CA VAL B 201 -33.33 -5.88 30.81
C VAL B 201 -33.28 -5.32 29.41
N ASN B 202 -32.12 -4.78 29.01
CA ASN B 202 -31.99 -4.23 27.67
C ASN B 202 -32.14 -5.32 26.63
N ALA B 203 -31.55 -6.49 26.87
CA ALA B 203 -31.69 -7.58 25.91
C ALA B 203 -33.16 -7.96 25.73
N TRP B 204 -33.89 -8.09 26.84
CA TRP B 204 -35.29 -8.46 26.72
C TRP B 204 -36.11 -7.38 26.04
N ILE B 205 -35.77 -6.11 26.28
CA ILE B 205 -36.52 -5.04 25.65
C ILE B 205 -36.25 -5.01 24.15
N GLN B 206 -35.01 -5.27 23.74
CA GLN B 206 -34.74 -5.32 22.31
C GLN B 206 -35.50 -6.47 21.67
N PHE B 207 -35.57 -7.61 22.35
CA PHE B 207 -36.34 -8.72 21.82
C PHE B 207 -37.81 -8.34 21.67
N TYR B 208 -38.36 -7.64 22.65
CA TYR B 208 -39.76 -7.22 22.56
C TYR B 208 -39.96 -6.24 21.40
N ILE B 209 -39.06 -5.27 21.26
CA ILE B 209 -39.16 -4.33 20.15
C ILE B 209 -39.17 -5.07 18.82
N LEU B 210 -38.33 -6.10 18.70
CA LEU B 210 -38.33 -6.86 17.45
C LEU B 210 -39.65 -7.56 17.23
N THR B 211 -40.12 -8.31 18.23
CA THR B 211 -41.31 -9.12 18.02
C THR B 211 -42.58 -8.30 17.86
N GLN B 212 -42.54 -7.00 18.17
CA GLN B 212 -43.68 -6.12 17.94
C GLN B 212 -43.51 -5.29 16.69
N LEU B 213 -42.92 -5.89 15.66
CA LEU B 213 -42.66 -5.23 14.38
C LEU B 213 -43.20 -6.14 13.28
N LEU B 214 -44.48 -6.01 12.99
CA LEU B 214 -45.14 -6.85 12.00
C LEU B 214 -46.07 -6.03 11.12
N LEU B 221 -47.12 -15.91 14.79
CA LEU B 221 -46.46 -14.61 14.77
C LEU B 221 -45.28 -14.59 15.74
N TRP B 222 -45.22 -15.58 16.63
CA TRP B 222 -44.21 -15.63 17.68
C TRP B 222 -43.00 -16.46 17.31
N GLY B 223 -42.67 -16.57 16.03
CA GLY B 223 -41.44 -17.21 15.63
C GLY B 223 -41.62 -18.63 15.12
N PRO B 224 -41.31 -19.62 15.95
CA PRO B 224 -41.33 -21.01 15.48
C PRO B 224 -42.68 -21.46 14.96
N SER B 225 -43.79 -20.83 15.37
CA SER B 225 -45.06 -21.09 14.69
C SER B 225 -44.97 -20.72 13.23
N ILE B 226 -44.50 -19.52 12.92
CA ILE B 226 -44.36 -19.09 11.53
C ILE B 226 -43.35 -19.97 10.81
N LEU B 227 -42.26 -20.34 11.50
CA LEU B 227 -41.26 -21.20 10.88
C LEU B 227 -41.86 -22.54 10.49
N GLY B 228 -42.60 -23.17 11.40
CA GLY B 228 -43.24 -24.43 11.07
C GLY B 228 -44.26 -24.28 9.97
N ASP B 229 -45.00 -23.17 9.96
CA ASP B 229 -45.89 -22.89 8.84
C ASP B 229 -45.10 -22.80 7.53
N LEU B 230 -43.86 -22.34 7.59
CA LEU B 230 -42.98 -22.31 6.43
C LEU B 230 -42.24 -23.62 6.21
N LEU B 231 -42.06 -24.41 7.25
CA LEU B 231 -41.40 -25.71 7.09
C LEU B 231 -42.34 -26.75 6.51
N GLN B 232 -43.66 -26.56 6.64
CA GLN B 232 -44.63 -27.50 6.10
C GLN B 232 -45.05 -27.18 4.67
N GLY B 233 -44.57 -26.07 4.11
CA GLY B 233 -44.85 -25.77 2.72
C GLY B 233 -46.02 -24.82 2.49
N ASN B 234 -46.05 -23.72 3.23
CA ASN B 234 -47.05 -22.66 3.06
C ASN B 234 -46.25 -21.37 2.95
N ASP B 235 -45.85 -21.00 1.73
CA ASP B 235 -44.77 -20.02 1.60
C ASP B 235 -45.25 -18.59 1.82
N TRP B 236 -46.00 -18.02 0.89
CA TRP B 236 -46.63 -16.74 1.20
C TRP B 236 -48.03 -16.57 0.63
N GLN B 237 -48.40 -17.24 -0.46
CA GLN B 237 -49.71 -17.01 -1.04
C GLN B 237 -50.81 -17.72 -0.26
N THR B 238 -50.47 -18.77 0.48
CA THR B 238 -51.42 -19.44 1.35
C THR B 238 -51.30 -18.97 2.79
N THR B 239 -50.65 -17.83 3.02
CA THR B 239 -50.38 -17.32 4.35
C THR B 239 -50.96 -15.95 4.60
N GLY B 240 -50.92 -15.06 3.61
CA GLY B 240 -51.35 -13.70 3.80
C GLY B 240 -50.21 -12.76 4.14
N HIS B 241 -49.57 -13.00 5.28
CA HIS B 241 -48.46 -12.15 5.71
C HIS B 241 -47.25 -12.39 4.82
N PHE B 242 -46.25 -11.51 4.96
CA PHE B 242 -44.98 -11.64 4.25
C PHE B 242 -45.24 -11.76 2.75
N PRO B 243 -45.61 -10.69 2.08
CA PRO B 243 -45.90 -10.76 0.65
C PRO B 243 -44.70 -10.39 -0.20
N ARG B 244 -44.77 -10.81 -1.47
CA ARG B 244 -43.78 -10.43 -2.46
C ARG B 244 -44.38 -9.98 -3.78
N ILE B 245 -45.70 -10.09 -3.96
CA ILE B 245 -46.39 -9.63 -5.15
C ILE B 245 -47.60 -8.85 -4.67
N VAL B 246 -47.58 -7.55 -4.84
CA VAL B 246 -48.57 -6.68 -4.22
C VAL B 246 -49.09 -5.68 -5.25
N HIS B 247 -50.38 -5.37 -5.18
CA HIS B 247 -50.99 -4.40 -6.06
C HIS B 247 -50.79 -2.99 -5.52
N CYS B 248 -50.93 -2.02 -6.42
CA CYS B 248 -50.62 -0.63 -6.10
C CYS B 248 -51.76 0.28 -6.54
N ASP B 249 -52.10 1.23 -5.68
CA ASP B 249 -53.09 2.23 -6.03
C ASP B 249 -52.51 3.23 -7.01
N PHE B 250 -53.33 3.67 -7.95
CA PHE B 250 -52.86 4.64 -8.94
C PHE B 250 -54.08 5.25 -9.62
N ASN B 251 -54.27 6.55 -9.45
CA ASN B 251 -55.38 7.24 -10.11
C ASN B 251 -54.98 7.74 -11.49
N THR B 262 -54.11 -1.26 -10.54
CA THR B 262 -53.68 -2.54 -11.08
C THR B 262 -52.23 -2.50 -11.55
N VAL B 263 -51.35 -1.94 -10.72
CA VAL B 263 -49.98 -1.73 -11.13
C VAL B 263 -49.10 -2.94 -10.85
N LEU B 264 -49.45 -3.75 -9.84
CA LEU B 264 -48.82 -5.04 -9.61
C LEU B 264 -47.30 -4.92 -9.49
N CYS B 265 -46.88 -4.27 -8.41
CA CYS B 265 -45.46 -4.10 -8.13
C CYS B 265 -44.96 -5.28 -7.30
N VAL B 266 -43.74 -5.72 -7.62
CA VAL B 266 -43.07 -6.80 -6.91
C VAL B 266 -42.02 -6.21 -5.99
N LEU B 267 -41.94 -6.77 -4.78
CA LEU B 267 -41.03 -6.30 -3.73
C LEU B 267 -39.86 -7.26 -3.65
N THR B 268 -38.72 -6.85 -4.20
CA THR B 268 -37.54 -7.70 -4.13
C THR B 268 -37.08 -7.87 -2.69
N LEU B 269 -36.90 -6.76 -1.98
CA LEU B 269 -36.32 -6.80 -0.64
C LEU B 269 -37.05 -7.76 0.28
N ASN B 270 -38.37 -7.86 0.15
CA ASN B 270 -39.15 -8.70 1.05
C ASN B 270 -38.74 -10.16 1.01
N ILE B 271 -37.87 -10.56 0.07
CA ILE B 271 -37.32 -11.90 0.12
C ILE B 271 -36.18 -12.00 1.11
N TYR B 272 -35.53 -10.90 1.45
CA TYR B 272 -34.43 -10.92 2.41
C TYR B 272 -34.89 -10.62 3.83
N TYR B 273 -36.12 -10.17 4.03
CA TYR B 273 -36.57 -9.88 5.38
C TYR B 273 -37.01 -11.16 6.09
N GLU B 274 -38.03 -11.81 5.59
CA GLU B 274 -38.45 -13.01 6.31
C GLU B 274 -37.48 -14.13 6.20
N LYS B 275 -36.31 -13.95 5.61
CA LYS B 275 -35.18 -14.83 5.87
C LYS B 275 -34.20 -14.21 6.86
N LEU B 276 -34.54 -13.07 7.43
CA LEU B 276 -33.70 -12.40 8.41
C LEU B 276 -34.37 -12.31 9.78
N PHE B 277 -35.67 -12.11 9.84
CA PHE B 277 -36.38 -12.19 11.10
C PHE B 277 -36.28 -13.59 11.69
N ILE B 278 -36.40 -14.61 10.84
CA ILE B 278 -36.28 -15.99 11.29
C ILE B 278 -34.98 -16.22 12.03
N PHE B 279 -33.93 -15.50 11.65
CA PHE B 279 -32.64 -15.67 12.30
C PHE B 279 -32.47 -14.74 13.50
N LEU B 280 -32.86 -13.47 13.36
CA LEU B 280 -32.68 -12.54 14.46
C LEU B 280 -33.53 -12.94 15.66
N TRP B 281 -34.68 -13.56 15.45
CA TRP B 281 -35.46 -14.04 16.58
C TRP B 281 -34.66 -15.02 17.41
N PHE B 282 -34.15 -16.07 16.77
CA PHE B 282 -33.34 -17.05 17.48
C PHE B 282 -32.16 -16.40 18.16
N TRP B 283 -31.44 -15.53 17.44
CA TRP B 283 -30.20 -15.01 18.01
C TRP B 283 -30.47 -14.07 19.17
N LEU B 284 -31.51 -13.25 19.09
CA LEU B 284 -31.83 -12.37 20.19
C LEU B 284 -32.32 -13.15 21.40
N VAL B 285 -33.09 -14.22 21.19
CA VAL B 285 -33.53 -14.95 22.37
C VAL B 285 -32.35 -15.66 23.03
N PHE B 286 -31.39 -16.13 22.23
CA PHE B 286 -30.20 -16.75 22.80
C PHE B 286 -29.40 -15.74 23.61
N VAL B 287 -29.14 -14.57 23.01
CA VAL B 287 -28.43 -13.53 23.73
C VAL B 287 -29.14 -13.16 25.02
N ALA B 288 -30.47 -13.08 24.96
CA ALA B 288 -31.23 -12.67 26.13
C ALA B 288 -31.09 -13.68 27.27
N VAL B 289 -31.26 -14.97 26.97
CA VAL B 289 -31.15 -15.93 28.07
C VAL B 289 -29.72 -16.04 28.57
N VAL B 290 -28.71 -15.86 27.71
CA VAL B 290 -27.34 -15.89 28.20
C VAL B 290 -27.09 -14.73 29.15
N SER B 291 -27.44 -13.52 28.73
CA SER B 291 -27.26 -12.39 29.63
C SER B 291 -28.08 -12.53 30.90
N THR B 292 -29.25 -13.17 30.84
CA THR B 292 -30.04 -13.34 32.05
C THR B 292 -29.42 -14.34 33.01
N VAL B 293 -28.86 -15.45 32.51
CA VAL B 293 -28.22 -16.36 33.44
C VAL B 293 -26.96 -15.71 34.02
N ASN B 294 -26.27 -14.87 33.24
CA ASN B 294 -25.14 -14.16 33.81
C ASN B 294 -25.61 -13.20 34.91
N CYS B 295 -26.71 -12.50 34.68
CA CYS B 295 -27.25 -11.59 35.69
C CYS B 295 -27.65 -12.33 36.95
N PHE B 296 -28.29 -13.49 36.81
CA PHE B 296 -28.69 -14.25 37.98
C PHE B 296 -27.47 -14.75 38.74
N LYS B 297 -26.45 -15.22 38.03
CA LYS B 297 -25.23 -15.62 38.70
C LYS B 297 -24.66 -14.48 39.52
N TRP B 298 -24.62 -13.28 38.94
CA TRP B 298 -24.00 -12.17 39.66
C TRP B 298 -24.86 -11.72 40.85
N ILE B 299 -26.18 -11.74 40.69
CA ILE B 299 -27.03 -11.26 41.79
C ILE B 299 -26.99 -12.24 42.95
N TYR B 300 -26.92 -13.54 42.64
CA TYR B 300 -26.77 -14.52 43.71
C TYR B 300 -25.39 -14.45 44.34
N TYR B 301 -24.37 -14.13 43.54
CA TYR B 301 -23.05 -13.87 44.08
C TYR B 301 -23.09 -12.76 45.11
N LEU B 302 -23.63 -11.60 44.71
CA LEU B 302 -23.65 -10.45 45.61
C LEU B 302 -24.48 -10.73 46.85
N CYS B 303 -25.65 -11.34 46.68
CA CYS B 303 -26.56 -11.51 47.81
C CYS B 303 -26.02 -12.49 48.84
N ASN B 304 -25.31 -13.53 48.38
CA ASN B 304 -24.88 -14.57 49.31
C ASN B 304 -23.78 -14.08 50.23
N LYS B 305 -22.69 -13.55 49.65
CA LYS B 305 -21.59 -12.92 50.38
C LYS B 305 -20.78 -13.98 51.15
N THR B 306 -21.26 -15.22 51.17
CA THR B 306 -20.59 -16.29 51.88
C THR B 306 -19.93 -17.29 50.96
N LYS B 307 -20.57 -17.66 49.86
CA LYS B 307 -19.94 -18.46 48.83
C LYS B 307 -19.32 -17.60 47.75
N ALA B 308 -19.04 -16.33 48.05
CA ALA B 308 -18.22 -15.51 47.19
C ALA B 308 -16.73 -15.69 47.48
N GLN B 309 -16.39 -16.08 48.71
CA GLN B 309 -15.01 -16.31 49.11
C GLN B 309 -14.56 -17.73 48.87
N LYS B 310 -15.19 -18.44 47.92
CA LYS B 310 -14.76 -19.81 47.63
C LYS B 310 -13.41 -19.80 46.92
N THR B 311 -13.30 -19.06 45.82
CA THR B 311 -12.06 -19.06 45.06
C THR B 311 -10.92 -18.50 45.87
N ILE B 312 -11.18 -17.51 46.72
CA ILE B 312 -10.09 -16.94 47.51
C ILE B 312 -9.59 -17.92 48.54
N LYS B 313 -10.51 -18.60 49.24
CA LYS B 313 -10.08 -19.59 50.21
C LYS B 313 -9.39 -20.76 49.55
N ASN B 314 -9.74 -21.05 48.30
CA ASN B 314 -9.04 -22.12 47.61
C ASN B 314 -7.66 -21.68 47.13
N TYR B 315 -7.52 -20.41 46.76
CA TYR B 315 -6.20 -19.89 46.41
C TYR B 315 -5.28 -19.91 47.60
N LEU B 316 -5.75 -19.40 48.73
CA LEU B 316 -4.91 -19.28 49.93
C LEU B 316 -4.49 -20.61 50.51
N SER B 317 -4.95 -21.73 49.98
CA SER B 317 -4.56 -23.04 50.48
C SER B 317 -3.47 -23.67 49.62
N THR B 318 -2.59 -22.86 49.07
CA THR B 318 -1.51 -23.40 48.26
C THR B 318 -0.14 -23.00 48.76
N ALA B 319 0.05 -21.76 49.19
CA ALA B 319 1.35 -21.31 49.66
C ALA B 319 1.79 -22.13 50.87
N PRO B 320 2.89 -22.84 50.80
CA PRO B 320 3.28 -23.77 51.87
C PRO B 320 3.85 -23.09 53.12
N ILE B 321 3.17 -22.03 53.56
CA ILE B 321 3.63 -21.28 54.72
C ILE B 321 2.53 -21.21 55.76
N LYS B 322 1.39 -20.61 55.40
CA LYS B 322 0.32 -20.29 56.34
C LYS B 322 0.87 -19.52 57.53
N SER B 323 1.40 -18.33 57.23
CA SER B 323 2.34 -17.70 58.15
C SER B 323 1.71 -17.21 59.44
N THR B 324 0.90 -16.15 59.37
CA THR B 324 0.30 -15.65 60.60
C THR B 324 -1.18 -15.33 60.46
N ILE B 325 -1.53 -14.72 59.33
CA ILE B 325 -2.78 -13.96 59.24
C ILE B 325 -3.94 -14.91 58.94
N SER B 326 -4.92 -14.92 59.84
CA SER B 326 -6.12 -15.68 59.59
C SER B 326 -6.87 -15.11 58.39
N ASP B 327 -7.73 -15.95 57.80
CA ASP B 327 -8.46 -15.51 56.61
C ASP B 327 -9.47 -14.43 56.96
N ASP B 328 -10.20 -14.61 58.05
CA ASP B 328 -11.32 -13.71 58.34
C ASP B 328 -10.87 -12.27 58.52
N GLN B 329 -9.75 -12.07 59.22
CA GLN B 329 -9.21 -10.71 59.31
C GLN B 329 -8.74 -10.24 57.95
N PHE B 330 -8.12 -11.13 57.18
CA PHE B 330 -7.71 -10.76 55.83
C PHE B 330 -8.91 -10.36 54.99
N PHE B 331 -9.98 -11.15 55.04
CA PHE B 331 -11.17 -10.82 54.27
C PHE B 331 -11.77 -9.50 54.72
N SER B 332 -11.88 -9.28 56.02
CA SER B 332 -12.41 -8.02 56.50
C SER B 332 -11.53 -6.86 56.05
N ALA B 333 -10.22 -7.09 55.92
CA ALA B 333 -9.36 -6.07 55.33
C ALA B 333 -9.60 -5.92 53.84
N LEU B 334 -10.09 -6.96 53.19
CA LEU B 334 -10.30 -6.98 51.74
C LEU B 334 -11.78 -7.09 51.41
N GLY B 335 -12.67 -6.55 52.24
CA GLY B 335 -14.06 -6.95 52.19
C GLY B 335 -14.78 -6.46 50.95
N GLU B 336 -14.94 -5.15 50.82
CA GLU B 336 -15.83 -4.60 49.81
C GLU B 336 -15.26 -4.78 48.41
N ASP B 337 -14.10 -4.18 48.15
CA ASP B 337 -13.58 -4.05 46.79
C ASP B 337 -12.70 -5.23 46.41
N GLY B 338 -11.63 -5.46 47.16
CA GLY B 338 -10.62 -6.41 46.76
C GLY B 338 -11.18 -7.77 46.39
N LEU B 339 -12.29 -8.17 47.03
CA LEU B 339 -12.91 -9.43 46.66
C LEU B 339 -13.39 -9.42 45.22
N PHE B 340 -13.61 -8.24 44.64
CA PHE B 340 -14.01 -8.12 43.25
C PHE B 340 -12.82 -7.91 42.33
N ILE B 341 -11.83 -7.13 42.77
CA ILE B 341 -10.62 -6.97 41.98
C ILE B 341 -9.95 -8.31 41.75
N MET B 342 -9.89 -9.15 42.77
CA MET B 342 -9.27 -10.46 42.58
C MET B 342 -10.04 -11.29 41.57
N ASP B 343 -11.36 -11.16 41.57
CA ASP B 343 -12.15 -11.88 40.58
C ASP B 343 -11.83 -11.38 39.17
N GLN B 344 -11.76 -10.07 39.00
CA GLN B 344 -11.43 -9.54 37.69
C GLN B 344 -10.04 -10.00 37.23
N MET B 345 -9.08 -10.03 38.16
CA MET B 345 -7.75 -10.50 37.81
C MET B 345 -7.79 -11.95 37.38
N ALA B 346 -8.52 -12.78 38.11
CA ALA B 346 -8.67 -14.17 37.71
C ALA B 346 -9.30 -14.28 36.33
N LEU B 347 -10.21 -13.36 36.01
CA LEU B 347 -10.91 -13.45 34.73
C LEU B 347 -10.02 -13.04 33.57
N ASN B 348 -9.16 -12.05 33.77
CA ASN B 348 -8.34 -11.56 32.68
C ASN B 348 -7.03 -12.32 32.52
N LEU B 349 -6.33 -12.57 33.63
CA LEU B 349 -4.99 -13.14 33.54
C LEU B 349 -5.02 -14.66 33.53
N GLY B 350 -5.92 -15.26 34.30
CA GLY B 350 -5.94 -16.68 34.49
C GLY B 350 -6.04 -16.98 35.96
N ASP B 351 -5.63 -18.17 36.35
CA ASP B 351 -5.63 -18.55 37.75
C ASP B 351 -4.24 -18.58 38.35
N ILE B 352 -3.26 -19.12 37.63
CA ILE B 352 -1.90 -19.11 38.14
C ILE B 352 -1.42 -17.69 38.42
N PRO B 353 -1.48 -16.74 37.49
CA PRO B 353 -0.98 -15.42 37.80
C PRO B 353 -1.93 -14.62 38.67
N ALA B 354 -2.92 -15.29 39.26
CA ALA B 354 -3.77 -14.64 40.25
C ALA B 354 -3.67 -15.26 41.63
N SER B 355 -3.38 -16.55 41.71
CA SER B 355 -3.15 -17.15 43.02
C SER B 355 -1.94 -16.55 43.68
N TYR B 356 -0.85 -16.35 42.92
CA TYR B 356 0.32 -15.67 43.46
C TYR B 356 -0.05 -14.29 43.95
N LEU B 357 -0.87 -13.57 43.18
CA LEU B 357 -1.25 -12.21 43.56
C LEU B 357 -2.00 -12.21 44.88
N THR B 358 -3.01 -13.07 45.00
CA THR B 358 -3.81 -13.05 46.21
C THR B 358 -3.06 -13.62 47.41
N ILE B 359 -2.05 -14.45 47.20
CA ILE B 359 -1.21 -14.88 48.30
C ILE B 359 -0.34 -13.72 48.78
N SER B 360 0.33 -13.06 47.84
CA SER B 360 1.14 -11.91 48.19
C SER B 360 0.33 -10.85 48.92
N MET B 361 -0.86 -10.56 48.42
CA MET B 361 -1.69 -9.57 49.09
C MET B 361 -2.13 -10.00 50.47
N ARG B 362 -1.99 -11.28 50.81
CA ARG B 362 -2.20 -11.69 52.18
C ARG B 362 -0.94 -11.52 53.02
N ASN B 363 0.21 -11.79 52.43
CA ASN B 363 1.44 -11.74 53.21
C ASN B 363 1.84 -10.32 53.63
N ILE B 364 1.18 -9.28 53.13
CA ILE B 364 1.53 -7.92 53.50
C ILE B 364 0.33 -7.11 53.98
N CYS B 365 -0.78 -7.78 54.29
CA CYS B 365 -1.98 -7.03 54.65
C CYS B 365 -1.80 -6.33 55.98
N GLN B 366 -1.40 -5.06 55.94
CA GLN B 366 -1.13 -4.32 57.17
C GLN B 366 -1.72 -2.92 57.17
N ASP B 367 -2.55 -2.57 56.19
CA ASP B 367 -3.21 -1.28 56.24
C ASP B 367 -4.42 -1.31 57.16
N PHE B 368 -5.12 -2.45 57.24
CA PHE B 368 -6.20 -2.63 58.21
C PHE B 368 -5.78 -3.53 59.36
N ILE B 369 -5.30 -4.73 59.06
CA ILE B 369 -4.90 -5.66 60.12
C ILE B 369 -3.66 -6.42 59.67
N LYS C 23 -1.80 15.97 25.97
CA LYS C 23 -2.98 15.12 25.96
C LYS C 23 -4.09 15.70 26.82
N GLY C 24 -5.27 15.13 26.73
CA GLY C 24 -6.38 15.50 27.58
C GLY C 24 -7.54 14.55 27.44
N ASP C 25 -8.05 14.05 28.57
CA ASP C 25 -9.15 13.11 28.59
C ASP C 25 -10.34 13.67 29.36
N LEU C 26 -10.68 14.92 29.07
CA LEU C 26 -11.71 15.63 29.81
C LEU C 26 -13.02 14.85 29.80
N ALA C 27 -13.58 14.63 30.98
CA ALA C 27 -14.75 13.78 31.13
C ALA C 27 -15.96 14.44 30.51
N ASP C 28 -16.43 13.88 29.39
CA ASP C 28 -17.66 14.33 28.73
C ASP C 28 -17.57 15.79 28.29
N ARG C 29 -16.35 16.27 28.10
CA ARG C 29 -16.09 17.36 27.17
C ARG C 29 -15.59 16.84 25.84
N LEU C 30 -15.30 15.53 25.76
CA LEU C 30 -15.03 14.87 24.50
C LEU C 30 -16.29 14.50 23.76
N ASN C 31 -17.44 15.03 24.18
CA ASN C 31 -18.63 14.96 23.35
C ASN C 31 -18.65 16.03 22.27
N SER C 32 -17.72 16.99 22.32
CA SER C 32 -17.48 17.82 21.15
C SER C 32 -16.93 16.98 20.00
N ARG C 33 -16.04 16.04 20.30
CA ARG C 33 -15.51 15.17 19.27
C ARG C 33 -16.61 14.36 18.60
N VAL C 34 -17.37 13.59 19.40
CA VAL C 34 -18.40 12.75 18.82
C VAL C 34 -19.50 13.59 18.17
N THR C 35 -19.81 14.75 18.75
CA THR C 35 -20.84 15.60 18.16
C THR C 35 -20.42 16.12 16.80
N VAL C 36 -19.21 16.65 16.71
CA VAL C 36 -18.70 17.12 15.42
C VAL C 36 -18.72 15.98 14.42
N VAL C 37 -18.28 14.80 14.81
CA VAL C 37 -18.23 13.68 13.86
C VAL C 37 -19.62 13.36 13.35
N ILE C 38 -20.58 13.18 14.27
CA ILE C 38 -21.91 12.75 13.83
C ILE C 38 -22.57 13.81 12.95
N LEU C 39 -22.50 15.08 13.37
CA LEU C 39 -23.15 16.13 12.60
C LEU C 39 -22.49 16.30 11.23
N ALA C 40 -21.16 16.27 11.18
CA ALA C 40 -20.48 16.48 9.92
C ALA C 40 -20.70 15.31 8.97
N VAL C 41 -20.75 14.08 9.50
CA VAL C 41 -20.98 12.95 8.61
C VAL C 41 -22.41 12.97 8.08
N SER C 42 -23.38 13.40 8.90
CA SER C 42 -24.73 13.53 8.38
C SER C 42 -24.79 14.60 7.31
N SER C 43 -24.17 15.75 7.55
CA SER C 43 -24.22 16.84 6.58
C SER C 43 -23.55 16.44 5.27
N ALA C 44 -22.37 15.82 5.35
CA ALA C 44 -21.69 15.36 4.15
C ALA C 44 -22.49 14.31 3.41
N LEU C 45 -23.13 13.38 4.12
CA LEU C 45 -23.95 12.38 3.46
C LEU C 45 -25.11 13.03 2.71
N LEU C 46 -25.81 13.96 3.34
CA LEU C 46 -26.95 14.59 2.67
C LEU C 46 -26.52 15.43 1.48
N LEU C 47 -25.40 16.14 1.61
CA LEU C 47 -24.93 16.95 0.49
C LEU C 47 -24.49 16.07 -0.68
N SER C 48 -23.76 14.99 -0.38
CA SER C 48 -23.40 14.06 -1.45
C SER C 48 -24.63 13.41 -2.06
N SER C 49 -25.68 13.21 -1.26
CA SER C 49 -26.89 12.61 -1.79
C SER C 49 -27.55 13.53 -2.81
N HIS C 50 -27.92 14.74 -2.40
CA HIS C 50 -28.56 15.64 -3.35
C HIS C 50 -27.56 16.43 -4.18
N PHE C 51 -26.33 15.93 -4.30
CA PHE C 51 -25.41 16.38 -5.33
C PHE C 51 -25.00 15.28 -6.30
N ILE C 52 -25.31 14.01 -6.00
CA ILE C 52 -24.93 12.90 -6.85
C ILE C 52 -26.17 12.17 -7.33
N GLY C 53 -26.95 11.63 -6.41
CA GLY C 53 -28.16 10.93 -6.76
C GLY C 53 -29.24 11.88 -7.22
N ASP C 54 -30.47 11.36 -7.24
CA ASP C 54 -31.62 12.17 -7.59
C ASP C 54 -32.37 12.56 -6.33
N PRO C 55 -32.41 13.84 -5.97
CA PRO C 55 -33.11 14.26 -4.77
C PRO C 55 -34.60 14.47 -4.94
N ILE C 56 -35.13 14.20 -6.14
CA ILE C 56 -36.53 14.44 -6.43
C ILE C 56 -36.86 13.72 -7.73
N THR C 57 -38.13 13.36 -7.91
CA THR C 57 -38.57 12.80 -9.18
C THR C 57 -39.89 13.43 -9.57
N CYS C 58 -40.16 13.53 -10.86
CA CYS C 58 -41.35 14.22 -11.31
C CYS C 58 -42.03 13.43 -12.42
N TRP C 59 -43.35 13.65 -12.54
CA TRP C 59 -44.16 12.84 -13.43
C TRP C 59 -45.30 13.69 -13.99
N THR C 60 -45.18 14.09 -15.24
CA THR C 60 -46.44 14.66 -15.71
C THR C 60 -47.12 13.69 -16.65
N PRO C 61 -48.44 13.56 -16.60
CA PRO C 61 -49.10 12.50 -17.38
C PRO C 61 -49.38 12.88 -18.81
N ALA C 62 -48.41 13.49 -19.49
CA ALA C 62 -48.58 13.80 -20.91
C ALA C 62 -47.58 13.04 -21.78
N GLN C 63 -46.29 13.24 -21.58
CA GLN C 63 -45.23 12.55 -22.30
C GLN C 63 -43.90 13.04 -21.76
N PHE C 64 -42.86 12.24 -21.99
CA PHE C 64 -41.51 12.59 -21.58
C PHE C 64 -40.56 12.38 -22.74
N ASN C 65 -39.37 12.97 -22.60
CA ASN C 65 -38.31 12.76 -23.58
C ASN C 65 -36.95 12.63 -22.91
N ALA C 66 -36.92 12.24 -21.63
CA ALA C 66 -35.69 12.08 -20.86
C ALA C 66 -34.94 13.41 -20.74
N GLN C 67 -35.52 14.48 -21.27
CA GLN C 67 -35.03 15.82 -21.09
C GLN C 67 -36.04 16.74 -20.44
N TRP C 68 -37.32 16.42 -20.55
CA TRP C 68 -38.31 17.07 -19.69
C TRP C 68 -37.99 16.79 -18.23
N VAL C 69 -37.84 15.53 -17.86
CA VAL C 69 -37.69 15.18 -16.46
C VAL C 69 -36.34 15.65 -15.93
N ASN C 70 -35.29 15.55 -16.74
CA ASN C 70 -33.98 15.95 -16.25
C ASN C 70 -33.91 17.45 -15.98
N PHE C 71 -34.86 18.22 -16.48
CA PHE C 71 -34.95 19.63 -16.15
C PHE C 71 -35.98 19.90 -15.08
N VAL C 72 -37.16 19.28 -15.19
CA VAL C 72 -38.19 19.51 -14.18
C VAL C 72 -37.70 19.10 -12.80
N ASN C 73 -36.81 18.12 -12.72
CA ASN C 73 -36.23 17.78 -11.42
C ASN C 73 -35.58 19.00 -10.80
N GLN C 74 -34.60 19.59 -11.48
CA GLN C 74 -33.92 20.76 -10.94
C GLN C 74 -34.89 21.91 -10.72
N TYR C 75 -35.84 22.09 -11.63
CA TYR C 75 -36.76 23.22 -11.49
C TYR C 75 -37.59 23.08 -10.24
N CYS C 76 -38.33 21.99 -10.12
CA CYS C 76 -39.18 21.78 -8.97
C CYS C 76 -38.38 21.66 -7.68
N PHE C 77 -37.09 21.34 -7.77
CA PHE C 77 -36.27 21.30 -6.56
C PHE C 77 -35.90 22.71 -6.12
N VAL C 78 -35.30 23.49 -7.02
CA VAL C 78 -34.94 24.86 -6.68
C VAL C 78 -36.18 25.66 -6.32
N HIS C 79 -37.10 25.79 -7.26
CA HIS C 79 -38.35 26.48 -6.95
C HIS C 79 -39.11 25.72 -5.87
N GLY C 80 -39.99 26.42 -5.19
CA GLY C 80 -40.71 25.82 -4.09
C GLY C 80 -41.68 24.74 -4.53
N THR C 81 -42.10 23.95 -3.55
CA THR C 81 -43.15 22.96 -3.73
C THR C 81 -44.17 23.14 -2.62
N TYR C 82 -45.39 22.65 -2.87
CA TYR C 82 -46.42 22.72 -1.84
C TYR C 82 -47.13 21.39 -1.78
N PHE C 83 -47.66 21.09 -0.59
CA PHE C 83 -48.27 19.80 -0.30
C PHE C 83 -49.76 19.96 -0.09
N VAL C 84 -50.51 18.94 -0.49
CA VAL C 84 -51.96 18.91 -0.27
C VAL C 84 -52.37 17.53 0.15
N PRO C 85 -53.46 17.43 0.90
CA PRO C 85 -53.98 16.11 1.28
C PRO C 85 -54.52 15.34 0.10
N LEU C 86 -55.07 14.15 0.33
CA LEU C 86 -55.55 13.28 -0.73
C LEU C 86 -57.07 13.32 -0.88
N ASP C 87 -57.69 14.45 -0.58
CA ASP C 87 -59.13 14.59 -0.73
C ASP C 87 -59.48 14.76 -2.21
N SER C 101 -46.12 25.88 1.82
CA SER C 101 -45.00 25.54 0.95
C SER C 101 -43.77 25.21 1.77
N ILE C 102 -43.81 24.05 2.44
CA ILE C 102 -42.71 23.65 3.31
C ILE C 102 -41.50 23.27 2.45
N GLN C 103 -40.43 24.05 2.60
CA GLN C 103 -39.19 23.78 1.86
C GLN C 103 -38.03 24.16 2.76
N TYR C 104 -37.51 23.19 3.49
CA TYR C 104 -36.26 23.33 4.23
C TYR C 104 -35.16 22.49 3.60
N TYR C 105 -35.40 21.97 2.40
CA TYR C 105 -34.37 21.24 1.68
C TYR C 105 -33.11 22.07 1.47
N GLN C 106 -33.22 23.38 1.52
CA GLN C 106 -32.10 24.27 1.23
C GLN C 106 -31.41 24.79 2.47
N TRP C 107 -31.70 24.25 3.65
CA TRP C 107 -31.05 24.72 4.85
C TRP C 107 -30.56 23.63 5.79
N VAL C 108 -31.11 22.43 5.74
CA VAL C 108 -30.70 21.38 6.65
C VAL C 108 -29.24 21.02 6.42
N PRO C 109 -28.82 20.61 5.23
CA PRO C 109 -27.45 20.11 5.09
C PRO C 109 -26.40 21.22 5.09
N TYR C 110 -26.80 22.44 5.39
CA TYR C 110 -25.86 23.52 5.65
C TYR C 110 -25.87 23.97 7.09
N VAL C 111 -27.06 24.14 7.66
CA VAL C 111 -27.15 24.44 9.08
C VAL C 111 -26.48 23.33 9.88
N PHE C 112 -26.48 22.10 9.37
CA PHE C 112 -25.83 21.02 10.12
C PHE C 112 -24.32 21.23 10.17
N ALA C 113 -23.69 21.58 9.05
CA ALA C 113 -22.26 21.84 9.06
C ALA C 113 -21.94 23.04 9.95
N LEU C 114 -22.79 24.06 9.92
CA LEU C 114 -22.58 25.19 10.81
C LEU C 114 -22.68 24.77 12.27
N GLN C 115 -23.63 23.89 12.59
CA GLN C 115 -23.74 23.36 13.94
C GLN C 115 -22.45 22.64 14.32
N ALA C 116 -21.91 21.83 13.42
CA ALA C 116 -20.68 21.11 13.72
C ALA C 116 -19.55 22.07 14.05
N PHE C 117 -19.40 23.11 13.25
CA PHE C 117 -18.35 24.09 13.51
C PHE C 117 -18.54 24.75 14.87
N LEU C 118 -19.78 25.15 15.18
CA LEU C 118 -20.03 25.82 16.44
C LEU C 118 -19.88 24.87 17.64
N PHE C 119 -20.05 23.58 17.43
CA PHE C 119 -19.75 22.62 18.49
C PHE C 119 -18.26 22.48 18.69
N TYR C 120 -17.47 22.56 17.61
CA TYR C 120 -16.03 22.41 17.79
C TYR C 120 -15.40 23.64 18.43
N ILE C 121 -16.00 24.81 18.25
CA ILE C 121 -15.39 26.06 18.72
C ILE C 121 -14.93 26.02 20.19
N PRO C 122 -15.75 25.60 21.16
CA PRO C 122 -15.36 25.78 22.56
C PRO C 122 -14.06 25.12 22.95
N ARG C 123 -13.70 23.99 22.34
CA ARG C 123 -12.39 23.41 22.63
C ARG C 123 -11.28 24.34 22.21
N PHE C 124 -11.41 24.96 21.04
CA PHE C 124 -10.42 25.95 20.62
C PHE C 124 -10.41 27.14 21.57
N ILE C 125 -11.58 27.54 22.08
CA ILE C 125 -11.62 28.61 23.07
C ILE C 125 -10.78 28.24 24.28
N TRP C 126 -10.96 27.02 24.78
CA TRP C 126 -10.22 26.61 25.97
C TRP C 126 -8.73 26.55 25.71
N LYS C 127 -8.33 26.08 24.53
CA LYS C 127 -6.91 26.03 24.24
C LYS C 127 -6.31 27.42 24.14
N ALA C 128 -7.00 28.34 23.49
CA ALA C 128 -6.50 29.71 23.43
C ALA C 128 -6.46 30.33 24.82
N MET C 129 -7.44 30.01 25.66
CA MET C 129 -7.47 30.60 26.99
C MET C 129 -6.35 30.06 27.85
N ILE C 130 -6.01 28.78 27.72
CA ILE C 130 -4.90 28.25 28.49
C ILE C 130 -3.58 28.76 27.96
N ALA C 131 -3.49 29.05 26.66
CA ALA C 131 -2.30 29.71 26.15
C ALA C 131 -2.17 31.11 26.71
N TYR C 132 -3.29 31.80 26.88
CA TYR C 132 -3.28 33.14 27.44
C TYR C 132 -3.05 33.15 28.94
N SER C 133 -3.35 32.05 29.63
CA SER C 133 -3.23 32.02 31.07
C SER C 133 -1.79 32.11 31.54
N GLY C 134 -0.82 31.86 30.67
CA GLY C 134 0.56 31.89 31.05
C GLY C 134 1.13 30.52 31.31
N TYR C 135 0.34 29.65 31.94
CA TYR C 135 0.78 28.29 32.21
C TYR C 135 0.60 27.45 30.96
N ASP C 136 0.88 26.16 31.09
CA ASP C 136 0.70 25.21 30.00
C ASP C 136 0.39 23.84 30.58
N LEU C 137 -0.79 23.31 30.26
CA LEU C 137 -1.20 22.03 30.81
C LEU C 137 -0.70 20.87 29.97
N ALA C 138 -0.71 21.01 28.65
CA ALA C 138 -0.31 19.90 27.79
C ALA C 138 1.10 19.44 28.12
N ALA C 139 2.03 20.39 28.21
CA ALA C 139 3.42 20.04 28.46
C ALA C 139 3.57 19.32 29.80
N ALA C 140 2.98 19.87 30.86
CA ALA C 140 3.17 19.29 32.18
C ALA C 140 2.53 17.92 32.28
N VAL C 141 1.32 17.77 31.74
CA VAL C 141 0.67 16.47 31.82
C VAL C 141 1.44 15.43 31.03
N LYS C 142 1.89 15.80 29.82
CA LYS C 142 2.67 14.86 29.04
C LYS C 142 3.97 14.50 29.76
N TYR C 143 4.57 15.46 30.45
CA TYR C 143 5.83 15.20 31.14
C TYR C 143 5.63 14.22 32.29
N VAL C 144 4.65 14.47 33.15
CA VAL C 144 4.44 13.56 34.26
C VAL C 144 4.01 12.20 33.75
N ASP C 145 3.24 12.15 32.66
CA ASP C 145 2.85 10.87 32.09
C ASP C 145 4.07 10.10 31.61
N ARG C 146 4.97 10.77 30.91
CA ARG C 146 6.14 10.09 30.38
C ARG C 146 7.03 9.59 31.52
N PHE C 147 7.19 10.40 32.55
CA PHE C 147 8.00 9.96 33.69
C PHE C 147 7.39 8.73 34.36
N TRP C 148 6.08 8.74 34.57
CA TRP C 148 5.42 7.61 35.20
C TRP C 148 5.52 6.37 34.33
N SER C 149 5.29 6.51 33.03
CA SER C 149 5.38 5.35 32.15
C SER C 149 6.80 4.85 32.01
N GLU C 150 7.80 5.71 32.21
CA GLU C 150 9.18 5.25 32.19
C GLU C 150 9.49 4.44 33.44
N ASN C 151 9.27 5.00 34.61
CA ASN C 151 9.72 4.27 35.80
C ASN C 151 8.61 3.98 36.79
N ARG C 152 7.49 3.46 36.30
CA ARG C 152 6.56 2.75 37.17
C ARG C 152 6.78 1.25 37.13
N ASP C 153 7.51 0.75 36.13
CA ASP C 153 7.75 -0.68 35.99
C ASP C 153 9.09 -1.13 36.53
N LYS C 154 10.14 -0.33 36.32
CA LYS C 154 11.48 -0.69 36.76
C LYS C 154 11.47 -1.05 38.23
N ASP C 155 11.82 -2.31 38.53
CA ASP C 155 11.70 -2.81 39.90
C ASP C 155 12.60 -2.06 40.85
N ASP C 156 13.74 -1.57 40.37
CA ASP C 156 14.65 -0.80 41.21
C ASP C 156 14.00 0.49 41.68
N LYS C 157 13.33 1.21 40.78
CA LYS C 157 12.77 2.51 41.15
C LYS C 157 11.38 2.35 41.74
N PHE C 158 11.21 1.47 42.72
CA PHE C 158 9.88 1.29 43.27
C PHE C 158 9.89 1.28 44.80
N LYS C 159 11.00 0.86 45.39
CA LYS C 159 11.14 1.02 46.83
C LYS C 159 11.37 2.49 47.17
N THR C 160 12.25 3.14 46.42
CA THR C 160 12.42 4.59 46.49
C THR C 160 11.38 5.27 45.60
N ARG C 161 10.12 4.91 45.80
CA ARG C 161 9.06 5.38 44.91
C ARG C 161 8.80 6.87 45.08
N LEU C 162 8.83 7.36 46.31
CA LEU C 162 8.49 8.76 46.54
C LEU C 162 9.67 9.69 46.34
N ALA C 163 10.88 9.22 46.61
CA ALA C 163 12.05 10.06 46.33
C ALA C 163 12.17 10.34 44.84
N ALA C 164 11.79 9.37 44.00
CA ALA C 164 11.85 9.59 42.55
C ALA C 164 10.91 10.71 42.14
N PHE C 165 9.64 10.62 42.55
CA PHE C 165 8.69 11.69 42.25
C PHE C 165 9.11 13.00 42.88
N GLU C 166 9.87 12.94 43.97
CA GLU C 166 10.33 14.17 44.59
C GLU C 166 11.49 14.80 43.84
N GLY C 167 12.28 14.00 43.15
CA GLY C 167 13.40 14.57 42.42
C GLY C 167 13.03 15.25 41.12
N ARG C 168 12.61 14.47 40.13
CA ARG C 168 12.48 14.99 38.78
C ARG C 168 11.19 15.78 38.52
N PRO C 169 10.00 15.18 38.61
CA PRO C 169 8.82 15.86 38.06
C PRO C 169 8.23 16.92 38.96
N SER C 170 8.33 16.73 40.27
CA SER C 170 7.75 17.71 41.17
C SER C 170 8.48 19.04 41.10
N VAL C 171 9.80 19.00 40.92
CA VAL C 171 10.54 20.23 40.72
C VAL C 171 10.08 20.93 39.46
N TYR C 172 9.80 20.18 38.40
CA TYR C 172 9.31 20.76 37.16
C TYR C 172 7.97 21.45 37.39
N ILE C 173 7.05 20.76 38.05
CA ILE C 173 5.73 21.34 38.30
C ILE C 173 5.85 22.61 39.13
N TRP C 174 6.70 22.58 40.16
CA TRP C 174 6.85 23.76 41.01
C TRP C 174 7.48 24.91 40.25
N ASP C 175 8.44 24.62 39.38
CA ASP C 175 9.03 25.68 38.57
C ASP C 175 7.99 26.28 37.64
N GLY C 176 7.14 25.46 37.06
CA GLY C 176 6.07 25.99 36.23
C GLY C 176 5.11 26.86 37.00
N ILE C 177 4.75 26.43 38.21
CA ILE C 177 3.87 27.23 39.05
C ILE C 177 4.50 28.57 39.36
N ARG C 178 5.76 28.56 39.79
CA ARG C 178 6.42 29.79 40.18
C ARG C 178 6.64 30.72 39.00
N LEU C 179 6.79 30.16 37.80
CA LEU C 179 7.00 31.01 36.63
C LEU C 179 5.69 31.56 36.09
N ALA C 180 4.60 30.80 36.20
CA ALA C 180 3.31 31.30 35.74
C ALA C 180 2.62 32.19 36.76
N ARG C 181 3.02 32.12 38.02
CA ARG C 181 2.38 32.93 39.04
C ARG C 181 2.53 34.42 38.77
N LYS C 182 3.57 34.80 38.04
CA LYS C 182 3.84 36.20 37.75
C LYS C 182 3.27 36.65 36.42
N LYS C 183 2.35 35.89 35.84
CA LYS C 183 1.75 36.29 34.57
C LYS C 183 0.33 35.71 34.51
N ARG C 184 -0.64 36.51 34.96
CA ARG C 184 -2.06 36.23 34.80
C ARG C 184 -2.44 34.77 34.97
N SER C 185 -1.89 34.10 35.98
CA SER C 185 -2.34 32.77 36.35
C SER C 185 -2.61 32.79 37.84
N ARG C 186 -3.78 33.29 38.19
CA ARG C 186 -4.32 33.19 39.52
C ARG C 186 -5.81 32.95 39.48
N ASN C 187 -6.37 32.78 38.28
CA ASN C 187 -7.79 32.59 38.04
C ASN C 187 -8.02 31.53 36.98
N MET C 188 -7.05 30.63 36.84
CA MET C 188 -7.12 29.63 35.77
C MET C 188 -8.35 28.74 35.93
N ALA C 189 -8.72 28.43 37.17
CA ALA C 189 -9.98 27.73 37.41
C ALA C 189 -11.16 28.55 36.91
N LEU C 190 -11.11 29.87 37.10
CA LEU C 190 -12.17 30.73 36.57
C LEU C 190 -12.21 30.66 35.06
N PHE C 191 -11.05 30.64 34.40
CA PHE C 191 -11.03 30.53 32.95
C PHE C 191 -11.67 29.21 32.51
N TYR C 192 -11.33 28.12 33.18
CA TYR C 192 -11.90 26.84 32.79
C TYR C 192 -13.41 26.83 32.97
N THR C 193 -13.88 27.34 34.11
CA THR C 193 -15.32 27.29 34.34
C THR C 193 -16.06 28.24 33.42
N LEU C 194 -15.40 29.32 32.99
CA LEU C 194 -16.01 30.18 31.98
C LEU C 194 -16.12 29.46 30.65
N SER C 195 -15.08 28.72 30.28
CA SER C 195 -15.17 27.91 29.07
C SER C 195 -16.31 26.92 29.16
N THR C 196 -16.52 26.33 30.33
CA THR C 196 -17.60 25.35 30.45
C THR C 196 -18.96 26.02 30.39
N VAL C 197 -19.09 27.22 30.98
CA VAL C 197 -20.32 27.99 30.81
C VAL C 197 -20.59 28.22 29.32
N TRP C 198 -19.56 28.64 28.59
CA TRP C 198 -19.73 28.85 27.16
C TRP C 198 -20.17 27.57 26.47
N GLN C 199 -19.60 26.44 26.87
CA GLN C 199 -19.93 25.18 26.23
C GLN C 199 -21.39 24.80 26.45
N ALA C 200 -21.88 24.98 27.68
CA ALA C 200 -23.27 24.65 27.96
C ALA C 200 -24.23 25.57 27.23
N VAL C 201 -23.95 26.88 27.27
CA VAL C 201 -24.79 27.82 26.54
C VAL C 201 -24.79 27.48 25.06
N ASN C 202 -23.64 27.09 24.52
CA ASN C 202 -23.58 26.71 23.11
C ASN C 202 -24.44 25.49 22.82
N ALA C 203 -24.41 24.50 23.72
CA ALA C 203 -25.24 23.32 23.51
C ALA C 203 -26.71 23.70 23.46
N TRP C 204 -27.15 24.53 24.39
CA TRP C 204 -28.56 24.91 24.40
C TRP C 204 -28.92 25.74 23.17
N ILE C 205 -28.01 26.58 22.70
CA ILE C 205 -28.31 27.39 21.52
C ILE C 205 -28.38 26.52 20.28
N GLN C 206 -27.52 25.51 20.18
CA GLN C 206 -27.64 24.60 19.04
C GLN C 206 -28.95 23.85 19.08
N PHE C 207 -29.37 23.43 20.26
CA PHE C 207 -30.67 22.77 20.38
C PHE C 207 -31.80 23.69 19.93
N TYR C 208 -31.74 24.96 20.32
CA TYR C 208 -32.77 25.90 19.90
C TYR C 208 -32.76 26.10 18.39
N ILE C 209 -31.57 26.27 17.81
CA ILE C 209 -31.48 26.42 16.36
C ILE C 209 -32.11 25.22 15.66
N LEU C 210 -31.88 24.02 16.18
CA LEU C 210 -32.49 22.85 15.57
C LEU C 210 -34.02 22.90 15.68
N THR C 211 -34.53 23.12 16.88
CA THR C 211 -35.97 23.03 17.06
C THR C 211 -36.73 24.17 16.38
N GLN C 212 -36.04 25.21 15.92
CA GLN C 212 -36.68 26.29 15.16
C GLN C 212 -36.43 26.14 13.67
N LEU C 213 -36.42 24.90 13.19
CA LEU C 213 -36.17 24.60 11.78
C LEU C 213 -37.29 23.67 11.33
N LEU C 214 -38.41 24.26 10.93
CA LEU C 214 -39.58 23.49 10.51
C LEU C 214 -40.20 24.08 9.25
N LEU C 221 -44.78 19.53 17.65
CA LEU C 221 -43.63 20.11 16.97
C LEU C 221 -42.39 20.02 17.86
N TRP C 222 -42.59 19.75 19.15
CA TRP C 222 -41.51 19.75 20.13
C TRP C 222 -40.92 18.37 20.37
N GLY C 223 -40.98 17.48 19.38
CA GLY C 223 -40.30 16.21 19.49
C GLY C 223 -41.20 15.06 19.83
N PRO C 224 -41.20 14.63 21.09
CA PRO C 224 -41.96 13.42 21.46
C PRO C 224 -43.45 13.52 21.18
N SER C 225 -44.02 14.72 21.09
CA SER C 225 -45.39 14.82 20.57
C SER C 225 -45.47 14.29 19.15
N ILE C 226 -44.58 14.76 18.27
CA ILE C 226 -44.56 14.27 16.90
C ILE C 226 -44.25 12.78 16.86
N LEU C 227 -43.34 12.33 17.71
CA LEU C 227 -43.00 10.91 17.74
C LEU C 227 -44.22 10.07 18.11
N GLY C 228 -44.94 10.46 19.16
CA GLY C 228 -46.14 9.73 19.53
C GLY C 228 -47.19 9.78 18.46
N ASP C 229 -47.33 10.92 17.78
CA ASP C 229 -48.21 11.00 16.62
C ASP C 229 -47.78 10.01 15.55
N LEU C 230 -46.49 9.74 15.43
CA LEU C 230 -45.98 8.73 14.52
C LEU C 230 -45.97 7.33 15.11
N LEU C 231 -45.95 7.22 16.44
CA LEU C 231 -46.01 5.90 17.05
C LEU C 231 -47.43 5.34 17.08
N GLN C 232 -48.44 6.19 16.98
CA GLN C 232 -49.83 5.76 16.97
C GLN C 232 -50.36 5.47 15.57
N GLY C 233 -49.57 5.71 14.53
CA GLY C 233 -49.98 5.36 13.19
C GLY C 233 -50.61 6.48 12.40
N ASN C 234 -49.97 7.65 12.41
CA ASN C 234 -50.38 8.81 11.60
C ASN C 234 -49.13 9.26 10.86
N ASP C 235 -48.89 8.71 9.67
CA ASP C 235 -47.54 8.78 9.11
C ASP C 235 -47.26 10.13 8.47
N TRP C 236 -47.86 10.44 7.32
CA TRP C 236 -47.75 11.80 6.83
C TRP C 236 -49.00 12.34 6.15
N GLN C 237 -49.87 11.50 5.59
CA GLN C 237 -51.03 12.02 4.88
C GLN C 237 -52.13 12.47 5.83
N THR C 238 -52.15 11.94 7.05
CA THR C 238 -53.08 12.38 8.07
C THR C 238 -52.44 13.38 9.03
N THR C 239 -51.31 13.97 8.65
CA THR C 239 -50.55 14.87 9.49
C THR C 239 -50.37 16.26 8.90
N GLY C 240 -50.15 16.34 7.59
CA GLY C 240 -49.86 17.62 6.97
C GLY C 240 -48.37 17.89 6.83
N HIS C 241 -47.67 17.97 7.96
CA HIS C 241 -46.24 18.23 7.93
C HIS C 241 -45.50 17.01 7.40
N PHE C 242 -44.21 17.19 7.12
CA PHE C 242 -43.33 16.11 6.70
C PHE C 242 -43.94 15.39 5.50
N PRO C 243 -43.93 15.99 4.31
CA PRO C 243 -44.52 15.35 3.15
C PRO C 243 -43.51 14.58 2.33
N ARG C 244 -44.04 13.67 1.50
CA ARG C 244 -43.24 12.95 0.54
C ARG C 244 -43.84 12.89 -0.85
N ILE C 245 -45.06 13.38 -1.03
CA ILE C 245 -45.71 13.44 -2.34
C ILE C 245 -46.31 14.84 -2.45
N VAL C 246 -45.72 15.67 -3.31
CA VAL C 246 -46.05 17.09 -3.35
C VAL C 246 -46.27 17.52 -4.80
N HIS C 247 -47.22 18.41 -5.00
CA HIS C 247 -47.51 18.95 -6.31
C HIS C 247 -46.57 20.10 -6.62
N CYS C 248 -46.45 20.42 -7.91
CA CYS C 248 -45.48 21.39 -8.39
C CYS C 248 -46.15 22.37 -9.34
N ASP C 249 -45.82 23.65 -9.18
CA ASP C 249 -46.31 24.67 -10.09
C ASP C 249 -45.56 24.59 -11.40
N PHE C 250 -46.28 24.82 -12.50
CA PHE C 250 -45.65 24.76 -13.81
C PHE C 250 -46.57 25.45 -14.81
N ASN C 251 -46.11 26.55 -15.40
CA ASN C 251 -46.89 27.26 -16.41
C ASN C 251 -46.64 26.70 -17.80
N THR C 262 -49.76 20.43 -12.00
CA THR C 262 -50.10 19.04 -11.72
C THR C 262 -48.92 18.11 -12.01
N VAL C 263 -47.74 18.50 -11.57
CA VAL C 263 -46.54 17.74 -11.92
C VAL C 263 -46.27 16.60 -10.96
N LEU C 264 -46.71 16.73 -9.71
CA LEU C 264 -46.72 15.62 -8.75
C LEU C 264 -45.32 15.01 -8.60
N CYS C 265 -44.43 15.80 -8.04
CA CYS C 265 -43.07 15.35 -7.78
C CYS C 265 -42.97 14.70 -6.41
N VAL C 266 -42.19 13.62 -6.33
CA VAL C 266 -41.95 12.88 -5.11
C VAL C 266 -40.57 13.23 -4.57
N LEU C 267 -40.49 13.43 -3.26
CA LEU C 267 -39.27 13.83 -2.58
C LEU C 267 -38.67 12.61 -1.89
N THR C 268 -37.63 12.06 -2.49
CA THR C 268 -36.98 10.90 -1.88
C THR C 268 -36.34 11.28 -0.55
N LEU C 269 -35.51 12.33 -0.55
CA LEU C 269 -34.75 12.70 0.63
C LEU C 269 -35.61 12.85 1.86
N ASN C 270 -36.82 13.38 1.71
CA ASN C 270 -37.67 13.63 2.86
C ASN C 270 -37.98 12.38 3.66
N ILE C 271 -37.62 11.19 3.16
CA ILE C 271 -37.76 10.00 3.99
C ILE C 271 -36.60 9.86 4.96
N TYR C 272 -35.45 10.48 4.67
CA TYR C 272 -34.31 10.41 5.57
C TYR C 272 -34.25 11.57 6.55
N TYR C 273 -35.06 12.61 6.37
CA TYR C 273 -35.03 13.71 7.31
C TYR C 273 -35.82 13.40 8.57
N GLU C 274 -37.12 13.20 8.43
CA GLU C 274 -37.87 12.93 9.66
C GLU C 274 -37.56 11.60 10.26
N LYS C 275 -36.59 10.84 9.76
CA LYS C 275 -35.96 9.80 10.54
C LYS C 275 -34.62 10.24 11.09
N LEU C 276 -34.27 11.50 10.92
CA LEU C 276 -33.03 12.07 11.43
C LEU C 276 -33.25 13.14 12.47
N PHE C 277 -34.28 13.96 12.31
CA PHE C 277 -34.64 14.91 13.36
C PHE C 277 -35.06 14.17 14.62
N ILE C 278 -35.82 13.09 14.47
CA ILE C 278 -36.25 12.30 15.61
C ILE C 278 -35.06 11.86 16.44
N PHE C 279 -33.92 11.64 15.81
CA PHE C 279 -32.73 11.22 16.55
C PHE C 279 -31.89 12.38 17.05
N LEU C 280 -31.69 13.39 16.21
CA LEU C 280 -30.88 14.53 16.63
C LEU C 280 -31.51 15.27 17.78
N TRP C 281 -32.83 15.30 17.85
CA TRP C 281 -33.48 15.94 19.00
C TRP C 281 -33.06 15.27 20.29
N PHE C 282 -33.23 13.95 20.38
CA PHE C 282 -32.82 13.22 21.56
C PHE C 282 -31.35 13.44 21.86
N TRP C 283 -30.50 13.33 20.84
CA TRP C 283 -29.07 13.35 21.12
C TRP C 283 -28.62 14.74 21.55
N LEU C 284 -29.16 15.79 20.95
CA LEU C 284 -28.79 17.13 21.37
C LEU C 284 -29.30 17.44 22.76
N VAL C 285 -30.50 16.97 23.12
CA VAL C 285 -30.95 17.28 24.47
C VAL C 285 -30.11 16.52 25.49
N PHE C 286 -29.67 15.31 25.16
CA PHE C 286 -28.81 14.56 26.07
C PHE C 286 -27.47 15.28 26.25
N VAL C 287 -26.85 15.68 25.13
CA VAL C 287 -25.60 16.41 25.21
C VAL C 287 -25.77 17.69 26.02
N ALA C 288 -26.89 18.38 25.84
CA ALA C 288 -27.10 19.64 26.52
C ALA C 288 -27.18 19.44 28.03
N VAL C 289 -27.98 18.47 28.47
CA VAL C 289 -28.07 18.29 29.92
C VAL C 289 -26.79 17.75 30.51
N VAL C 290 -26.02 16.94 29.78
CA VAL C 290 -24.75 16.49 30.30
C VAL C 290 -23.80 17.66 30.48
N SER C 291 -23.63 18.47 29.45
CA SER C 291 -22.77 19.63 29.58
C SER C 291 -23.26 20.59 30.66
N THR C 292 -24.57 20.70 30.86
CA THR C 292 -25.07 21.58 31.90
C THR C 292 -24.78 21.06 33.30
N VAL C 293 -24.90 19.74 33.53
CA VAL C 293 -24.55 19.26 34.85
C VAL C 293 -23.05 19.38 35.08
N ASN C 294 -22.25 19.22 34.02
CA ASN C 294 -20.82 19.46 34.18
C ASN C 294 -20.55 20.92 34.56
N CYS C 295 -21.24 21.84 33.89
CA CYS C 295 -21.06 23.26 34.18
C CYS C 295 -21.45 23.57 35.62
N PHE C 296 -22.57 23.01 36.08
CA PHE C 296 -23.00 23.28 37.44
C PHE C 296 -22.01 22.71 38.45
N LYS C 297 -21.50 21.51 38.19
CA LYS C 297 -20.48 20.95 39.06
C LYS C 297 -19.28 21.88 39.15
N TRP C 298 -18.84 22.41 38.01
CA TRP C 298 -17.64 23.25 38.06
C TRP C 298 -17.91 24.60 38.72
N ILE C 299 -19.09 25.18 38.52
CA ILE C 299 -19.37 26.49 39.10
C ILE C 299 -19.52 26.35 40.61
N TYR C 300 -20.12 25.26 41.07
CA TYR C 300 -20.21 25.04 42.51
C TYR C 300 -18.85 24.72 43.10
N TYR C 301 -18.00 24.03 42.34
CA TYR C 301 -16.62 23.82 42.74
C TYR C 301 -15.92 25.15 42.99
N LEU C 302 -15.94 26.03 41.98
CA LEU C 302 -15.24 27.30 42.10
C LEU C 302 -15.82 28.16 43.22
N CYS C 303 -17.14 28.22 43.32
CA CYS C 303 -17.75 29.13 44.28
C CYS C 303 -17.50 28.70 45.71
N ASN C 304 -17.45 27.39 45.97
CA ASN C 304 -17.36 26.91 47.35
C ASN C 304 -15.97 27.16 47.92
N LYS C 305 -14.92 26.71 47.23
CA LYS C 305 -13.53 26.96 47.58
C LYS C 305 -13.15 26.21 48.86
N THR C 306 -14.12 25.59 49.52
CA THR C 306 -13.87 24.86 50.75
C THR C 306 -13.96 23.36 50.58
N LYS C 307 -14.92 22.87 49.82
CA LYS C 307 -14.97 21.47 49.44
C LYS C 307 -14.28 21.22 48.11
N ALA C 308 -13.40 22.11 47.70
CA ALA C 308 -12.50 21.84 46.59
C ALA C 308 -11.23 21.13 47.04
N GLN C 309 -10.86 21.30 48.31
CA GLN C 309 -9.68 20.66 48.88
C GLN C 309 -9.99 19.31 49.49
N LYS C 310 -11.06 18.65 49.05
CA LYS C 310 -11.37 17.33 49.58
C LYS C 310 -10.36 16.29 49.09
N THR C 311 -10.18 16.20 47.78
CA THR C 311 -9.28 15.20 47.23
C THR C 311 -7.85 15.43 47.69
N ILE C 312 -7.44 16.69 47.85
CA ILE C 312 -6.07 16.95 48.26
C ILE C 312 -5.86 16.52 49.70
N LYS C 313 -6.80 16.87 50.58
CA LYS C 313 -6.68 16.46 51.97
C LYS C 313 -6.76 14.95 52.11
N ASN C 314 -7.46 14.29 51.20
CA ASN C 314 -7.49 12.83 51.26
C ASN C 314 -6.21 12.21 50.74
N TYR C 315 -5.59 12.84 49.74
CA TYR C 315 -4.30 12.37 49.26
C TYR C 315 -3.24 12.50 50.35
N LEU C 316 -3.17 13.67 50.96
CA LEU C 316 -2.13 13.95 51.95
C LEU C 316 -2.23 13.09 53.19
N SER C 317 -3.27 12.26 53.34
CA SER C 317 -3.42 11.40 54.50
C SER C 317 -2.95 9.99 54.22
N THR C 318 -1.95 9.83 53.38
CA THR C 318 -1.43 8.50 53.08
C THR C 318 0.04 8.35 53.39
N ALA C 319 0.86 9.35 53.08
CA ALA C 319 2.29 9.25 53.31
C ALA C 319 2.57 9.07 54.80
N PRO C 320 3.19 7.98 55.23
CA PRO C 320 3.33 7.69 56.65
C PRO C 320 4.40 8.51 57.37
N ILE C 321 4.40 9.82 57.10
CA ILE C 321 5.39 10.71 57.69
C ILE C 321 4.70 11.84 58.43
N LYS C 322 3.92 12.64 57.72
CA LYS C 322 3.34 13.88 58.23
C LYS C 322 4.43 14.75 58.85
N SER C 323 5.36 15.17 57.99
CA SER C 323 6.67 15.60 58.49
C SER C 323 6.63 16.92 59.23
N THR C 324 6.41 18.03 58.54
CA THR C 324 6.37 19.30 59.24
C THR C 324 5.22 20.20 58.82
N ILE C 325 4.93 20.23 57.53
CA ILE C 325 4.19 21.34 56.94
C ILE C 325 2.69 21.10 57.13
N SER C 326 2.04 22.04 57.81
CA SER C 326 0.58 21.98 57.93
C SER C 326 -0.06 22.14 56.56
N ASP C 327 -1.30 21.68 56.46
CA ASP C 327 -2.00 21.75 55.19
C ASP C 327 -2.30 23.19 54.80
N ASP C 328 -2.77 23.99 55.74
CA ASP C 328 -3.27 25.32 55.41
C ASP C 328 -2.19 26.20 54.80
N GLN C 329 -0.98 26.14 55.36
CA GLN C 329 0.13 26.87 54.74
C GLN C 329 0.45 26.28 53.38
N PHE C 330 0.42 24.95 53.27
CA PHE C 330 0.64 24.31 51.98
C PHE C 330 -0.41 24.76 50.97
N PHE C 331 -1.68 24.77 51.36
CA PHE C 331 -2.72 25.21 50.45
C PHE C 331 -2.55 26.66 50.05
N SER C 332 -2.25 27.53 51.01
CA SER C 332 -2.02 28.93 50.67
C SER C 332 -0.84 29.08 49.73
N ALA C 333 0.16 28.20 49.84
CA ALA C 333 1.23 28.18 48.87
C ALA C 333 0.76 27.65 47.52
N LEU C 334 -0.28 26.83 47.51
CA LEU C 334 -0.79 26.19 46.31
C LEU C 334 -2.19 26.67 45.98
N GLY C 335 -2.52 27.92 46.30
CA GLY C 335 -3.92 28.31 46.38
C GLY C 335 -4.60 28.39 45.03
N GLU C 336 -4.16 29.32 44.18
CA GLU C 336 -4.91 29.63 42.97
C GLU C 336 -4.81 28.51 41.94
N ASP C 337 -3.59 28.23 41.47
CA ASP C 337 -3.38 27.36 40.32
C ASP C 337 -3.24 25.89 40.72
N GLY C 338 -2.25 25.59 41.55
CA GLY C 338 -1.91 24.21 41.82
C GLY C 338 -3.09 23.36 42.21
N LEU C 339 -4.09 23.95 42.88
CA LEU C 339 -5.27 23.19 43.21
C LEU C 339 -6.01 22.70 41.98
N PHE C 340 -5.78 23.35 40.84
CA PHE C 340 -6.39 22.92 39.58
C PHE C 340 -5.47 22.01 38.79
N ILE C 341 -4.16 22.28 38.81
CA ILE C 341 -3.22 21.39 38.15
C ILE C 341 -3.29 19.99 38.74
N MET C 342 -3.40 19.89 40.06
CA MET C 342 -3.50 18.58 40.67
C MET C 342 -4.77 17.87 40.22
N ASP C 343 -5.85 18.61 40.04
CA ASP C 343 -7.08 18.00 39.55
C ASP C 343 -6.89 17.47 38.14
N GLN C 344 -6.27 18.27 37.28
CA GLN C 344 -6.03 17.80 35.91
C GLN C 344 -5.14 16.57 35.90
N MET C 345 -4.12 16.54 36.76
CA MET C 345 -3.27 15.38 36.83
C MET C 345 -4.05 14.15 37.27
N ALA C 346 -4.91 14.30 38.28
CA ALA C 346 -5.75 13.19 38.69
C ALA C 346 -6.64 12.73 37.56
N LEU C 347 -7.09 13.66 36.71
CA LEU C 347 -8.02 13.31 35.65
C LEU C 347 -7.33 12.56 34.52
N ASN C 348 -6.08 12.93 34.22
CA ASN C 348 -5.39 12.31 33.09
C ASN C 348 -4.65 11.04 33.49
N LEU C 349 -3.92 11.08 34.59
CA LEU C 349 -3.03 9.97 34.94
C LEU C 349 -3.75 8.91 35.77
N GLY C 350 -4.62 9.33 36.66
CA GLY C 350 -5.24 8.43 37.60
C GLY C 350 -5.15 9.03 38.98
N ASP C 351 -5.25 8.17 39.99
CA ASP C 351 -5.11 8.62 41.36
C ASP C 351 -3.79 8.23 41.98
N ILE C 352 -3.35 6.99 41.75
CA ILE C 352 -2.05 6.58 42.28
C ILE C 352 -0.93 7.46 41.77
N PRO C 353 -0.77 7.67 40.47
CA PRO C 353 0.35 8.52 40.04
C PRO C 353 0.07 10.00 40.25
N ALA C 354 -0.95 10.33 41.03
CA ALA C 354 -1.18 11.70 41.43
C ALA C 354 -1.06 11.92 42.92
N SER C 355 -1.39 10.92 43.73
CA SER C 355 -1.18 11.05 45.17
C SER C 355 0.31 11.20 45.48
N TYR C 356 1.15 10.41 44.82
CA TYR C 356 2.59 10.57 44.98
C TYR C 356 3.02 11.97 44.60
N LEU C 357 2.47 12.50 43.51
CA LEU C 357 2.83 13.83 43.05
C LEU C 357 2.47 14.88 44.09
N THR C 358 1.24 14.84 44.59
CA THR C 358 0.84 15.88 45.53
C THR C 358 1.49 15.71 46.89
N ILE C 359 1.93 14.51 47.24
CA ILE C 359 2.71 14.35 48.46
C ILE C 359 4.08 14.97 48.29
N SER C 360 4.76 14.63 47.20
CA SER C 360 6.06 15.21 46.93
C SER C 360 6.00 16.72 46.89
N MET C 361 4.98 17.27 46.22
CA MET C 361 4.88 18.72 46.17
C MET C 361 4.60 19.34 47.53
N ARG C 362 4.23 18.54 48.52
CA ARG C 362 4.16 19.05 49.88
C ARG C 362 5.50 18.97 50.57
N ASN C 363 6.26 17.91 50.31
CA ASN C 363 7.51 17.73 51.03
C ASN C 363 8.58 18.74 50.63
N ILE C 364 8.38 19.55 49.60
CA ILE C 364 9.39 20.51 49.18
C ILE C 364 8.81 21.92 49.03
N CYS C 365 7.63 22.17 49.59
CA CYS C 365 7.01 23.47 49.38
C CYS C 365 7.78 24.56 50.12
N GLN C 366 8.69 25.22 49.42
CA GLN C 366 9.53 26.22 50.06
C GLN C 366 9.66 27.50 49.25
N ASP C 367 8.88 27.67 48.18
CA ASP C 367 8.92 28.93 47.46
C ASP C 367 8.06 29.98 48.15
N PHE C 368 6.96 29.56 48.78
CA PHE C 368 6.16 30.46 49.61
C PHE C 368 6.37 30.21 51.10
N ILE C 369 6.17 28.99 51.54
CA ILE C 369 6.32 28.66 52.95
C ILE C 369 6.95 27.29 53.10
N LYS D 23 11.23 25.26 12.93
CA LYS D 23 9.82 25.24 13.29
C LYS D 23 9.33 26.63 13.62
N GLY D 24 8.01 26.75 13.78
CA GLY D 24 7.41 27.99 14.21
C GLY D 24 5.95 27.82 14.52
N ASP D 25 5.52 28.29 15.70
CA ASP D 25 4.15 28.17 16.16
C ASP D 25 3.55 29.54 16.41
N LEU D 26 3.75 30.45 15.46
CA LEU D 26 3.32 31.84 15.63
C LEU D 26 1.84 31.92 15.95
N ALA D 27 1.51 32.64 17.02
CA ALA D 27 0.15 32.69 17.53
C ALA D 27 -0.74 33.43 16.56
N ASP D 28 -1.64 32.70 15.89
CA ASP D 28 -2.64 33.30 15.02
C ASP D 28 -2.01 34.08 13.86
N ARG D 29 -0.78 33.72 13.53
CA ARG D 29 -0.26 33.89 12.18
C ARG D 29 -0.37 32.61 11.39
N LEU D 30 -0.71 31.51 12.04
CA LEU D 30 -1.04 30.27 11.37
C LEU D 30 -2.47 30.25 10.86
N ASN D 31 -3.14 31.40 10.84
CA ASN D 31 -4.38 31.53 10.10
C ASN D 31 -4.15 31.75 8.62
N SER D 32 -2.90 32.01 8.21
CA SER D 32 -2.58 31.89 6.79
C SER D 32 -2.73 30.45 6.32
N ARG D 33 -2.31 29.49 7.15
CA ARG D 33 -2.47 28.08 6.78
C ARG D 33 -3.93 27.72 6.60
N VAL D 34 -4.76 27.95 7.62
CA VAL D 34 -6.16 27.56 7.53
C VAL D 34 -6.88 28.38 6.46
N THR D 35 -6.51 29.65 6.28
CA THR D 35 -7.15 30.47 5.26
C THR D 35 -6.85 29.94 3.87
N VAL D 36 -5.58 29.67 3.58
CA VAL D 36 -5.21 29.12 2.29
C VAL D 36 -5.95 27.81 2.06
N VAL D 37 -6.01 26.95 3.07
CA VAL D 37 -6.67 25.66 2.89
C VAL D 37 -8.14 25.85 2.54
N ILE D 38 -8.86 26.66 3.33
CA ILE D 38 -10.29 26.78 3.10
C ILE D 38 -10.58 27.44 1.74
N LEU D 39 -9.86 28.51 1.42
CA LEU D 39 -10.12 29.19 0.15
C LEU D 39 -9.77 28.30 -1.03
N ALA D 40 -8.64 27.60 -0.97
CA ALA D 40 -8.23 26.77 -2.09
C ALA D 40 -9.15 25.58 -2.26
N VAL D 41 -9.64 25.00 -1.16
CA VAL D 41 -10.54 23.86 -1.30
C VAL D 41 -11.87 24.31 -1.87
N SER D 42 -12.35 25.49 -1.47
CA SER D 42 -13.57 26.01 -2.07
C SER D 42 -13.39 26.26 -3.56
N SER D 43 -12.28 26.89 -3.94
CA SER D 43 -12.04 27.20 -5.35
C SER D 43 -11.93 25.92 -6.18
N ALA D 44 -11.17 24.94 -5.69
CA ALA D 44 -11.05 23.68 -6.40
C ALA D 44 -12.37 22.95 -6.50
N LEU D 45 -13.18 22.97 -5.44
CA LEU D 45 -14.50 22.33 -5.51
C LEU D 45 -15.38 22.98 -6.57
N LEU D 46 -15.42 24.32 -6.60
CA LEU D 46 -16.27 24.98 -7.58
C LEU D 46 -15.78 24.76 -9.00
N LEU D 47 -14.46 24.80 -9.21
CA LEU D 47 -13.94 24.57 -10.55
C LEU D 47 -14.21 23.14 -11.01
N SER D 48 -14.00 22.16 -10.13
CA SER D 48 -14.32 20.79 -10.50
C SER D 48 -15.82 20.63 -10.74
N SER D 49 -16.64 21.40 -10.03
CA SER D 49 -18.08 21.32 -10.24
C SER D 49 -18.45 21.77 -11.64
N HIS D 50 -18.16 23.02 -11.98
CA HIS D 50 -18.52 23.50 -13.30
C HIS D 50 -17.47 23.15 -14.35
N PHE D 51 -16.66 22.13 -14.10
CA PHE D 51 -15.88 21.48 -15.14
C PHE D 51 -16.24 20.01 -15.33
N ILE D 52 -17.00 19.42 -14.41
CA ILE D 52 -17.36 18.00 -14.49
C ILE D 52 -18.87 17.85 -14.59
N GLY D 53 -19.58 18.32 -13.58
CA GLY D 53 -21.02 18.23 -13.57
C GLY D 53 -21.63 19.22 -14.54
N ASP D 54 -22.93 19.45 -14.36
CA ASP D 54 -23.64 20.41 -15.18
C ASP D 54 -23.85 21.70 -14.40
N PRO D 55 -23.23 22.81 -14.80
CA PRO D 55 -23.38 24.07 -14.07
C PRO D 55 -24.63 24.84 -14.42
N ILE D 56 -25.46 24.32 -15.31
CA ILE D 56 -26.64 25.03 -15.78
C ILE D 56 -27.53 24.03 -16.50
N THR D 57 -28.82 24.31 -16.55
CA THR D 57 -29.73 23.48 -17.34
C THR D 57 -30.68 24.40 -18.09
N CYS D 58 -31.15 23.95 -19.25
CA CYS D 58 -31.98 24.81 -20.08
C CYS D 58 -33.15 24.03 -20.63
N TRP D 59 -34.23 24.76 -20.95
CA TRP D 59 -35.51 24.15 -21.31
C TRP D 59 -36.22 25.03 -22.31
N THR D 60 -36.21 24.63 -23.57
CA THR D 60 -37.16 25.41 -24.36
C THR D 60 -38.39 24.59 -24.68
N PRO D 61 -39.58 25.18 -24.65
CA PRO D 61 -40.79 24.35 -24.77
C PRO D 61 -41.18 24.05 -26.20
N ALA D 62 -40.21 23.66 -27.03
CA ALA D 62 -40.52 23.25 -28.39
C ALA D 62 -40.20 21.79 -28.64
N GLN D 63 -38.93 21.39 -28.48
CA GLN D 63 -38.48 20.01 -28.65
C GLN D 63 -36.99 19.97 -28.37
N PHE D 64 -36.50 18.77 -28.04
CA PHE D 64 -35.08 18.57 -27.81
C PHE D 64 -34.60 17.37 -28.59
N ASN D 65 -33.28 17.27 -28.72
CA ASN D 65 -32.67 16.11 -29.35
C ASN D 65 -31.41 15.68 -28.62
N ALA D 66 -31.27 16.02 -27.33
CA ALA D 66 -30.11 15.69 -26.53
C ALA D 66 -28.84 16.32 -27.09
N GLN D 67 -28.99 17.11 -28.15
CA GLN D 67 -27.91 17.91 -28.70
C GLN D 67 -28.24 19.39 -28.73
N TRP D 68 -29.51 19.75 -28.73
CA TRP D 68 -29.89 21.12 -28.44
C TRP D 68 -29.42 21.50 -27.04
N VAL D 69 -29.77 20.70 -26.03
CA VAL D 69 -29.49 21.09 -24.66
C VAL D 69 -28.00 21.03 -24.37
N ASN D 70 -27.31 20.03 -24.92
CA ASN D 70 -25.88 19.91 -24.65
C ASN D 70 -25.09 21.08 -25.22
N PHE D 71 -25.68 21.84 -26.13
CA PHE D 71 -25.06 23.06 -26.63
C PHE D 71 -25.60 24.30 -25.96
N VAL D 72 -26.92 24.39 -25.79
CA VAL D 72 -27.49 25.56 -25.14
C VAL D 72 -26.94 25.72 -23.74
N ASN D 73 -26.61 24.62 -23.06
CA ASN D 73 -25.97 24.75 -21.76
C ASN D 73 -24.72 25.61 -21.85
N GLN D 74 -23.76 25.20 -22.68
CA GLN D 74 -22.53 25.97 -22.82
C GLN D 74 -22.80 27.37 -23.32
N TYR D 75 -23.74 27.52 -24.25
CA TYR D 75 -24.00 28.84 -24.81
C TYR D 75 -24.51 29.79 -23.74
N CYS D 76 -25.62 29.43 -23.10
CA CYS D 76 -26.19 30.28 -22.08
C CYS D 76 -25.27 30.45 -20.88
N PHE D 77 -24.33 29.54 -20.69
CA PHE D 77 -23.37 29.71 -19.61
C PHE D 77 -22.32 30.75 -19.96
N VAL D 78 -21.65 30.56 -21.10
CA VAL D 78 -20.64 31.52 -21.54
C VAL D 78 -21.28 32.89 -21.77
N HIS D 79 -22.22 32.97 -22.68
CA HIS D 79 -22.94 34.21 -22.89
C HIS D 79 -23.69 34.59 -21.62
N GLY D 80 -24.01 35.87 -21.50
CA GLY D 80 -24.65 36.36 -20.30
C GLY D 80 -26.07 35.83 -20.14
N THR D 81 -26.58 35.98 -18.93
CA THR D 81 -27.97 35.70 -18.61
C THR D 81 -28.53 36.89 -17.86
N TYR D 82 -29.85 37.02 -17.88
CA TYR D 82 -30.51 38.09 -17.14
C TYR D 82 -31.70 37.53 -16.40
N PHE D 83 -32.03 38.18 -15.28
CA PHE D 83 -33.07 37.71 -14.38
C PHE D 83 -34.25 38.66 -14.39
N VAL D 84 -35.44 38.11 -14.24
CA VAL D 84 -36.66 38.92 -14.14
C VAL D 84 -37.56 38.34 -13.05
N PRO D 85 -38.38 39.19 -12.45
CA PRO D 85 -39.33 38.69 -11.45
C PRO D 85 -40.41 37.81 -12.07
N LEU D 86 -41.36 37.36 -11.26
CA LEU D 86 -42.41 36.45 -11.72
C LEU D 86 -43.73 37.15 -11.97
N ASP D 87 -43.70 38.41 -12.37
CA ASP D 87 -44.92 39.15 -12.68
C ASP D 87 -45.47 38.71 -14.04
N SER D 101 -28.03 42.03 -15.76
CA SER D 101 -27.40 40.81 -16.23
C SER D 101 -26.30 40.37 -15.27
N ILE D 102 -26.71 39.91 -14.09
CA ILE D 102 -25.75 39.50 -13.07
C ILE D 102 -25.05 38.22 -13.50
N GLN D 103 -23.74 38.31 -13.72
CA GLN D 103 -22.95 37.15 -14.10
C GLN D 103 -21.58 37.29 -13.48
N TYR D 104 -21.40 36.72 -12.29
CA TYR D 104 -20.09 36.56 -11.68
C TYR D 104 -19.65 35.11 -11.67
N TYR D 105 -20.35 34.26 -12.41
CA TYR D 105 -19.94 32.87 -12.54
C TYR D 105 -18.54 32.73 -13.08
N GLN D 106 -18.02 33.75 -13.76
CA GLN D 106 -16.73 33.67 -14.40
C GLN D 106 -15.62 34.33 -13.60
N TRP D 107 -15.86 34.68 -12.35
CA TRP D 107 -14.81 35.30 -11.54
C TRP D 107 -14.68 34.75 -10.14
N VAL D 108 -15.71 34.14 -9.57
CA VAL D 108 -15.62 33.66 -8.20
C VAL D 108 -14.56 32.56 -8.09
N PRO D 109 -14.65 31.46 -8.84
CA PRO D 109 -13.71 30.37 -8.60
C PRO D 109 -12.31 30.63 -9.12
N TYR D 110 -12.03 31.86 -9.55
CA TYR D 110 -10.67 32.29 -9.87
C TYR D 110 -10.17 33.34 -8.90
N VAL D 111 -11.00 34.34 -8.60
CA VAL D 111 -10.63 35.29 -7.58
C VAL D 111 -10.38 34.58 -6.26
N PHE D 112 -11.04 33.46 -6.01
CA PHE D 112 -10.79 32.74 -4.76
C PHE D 112 -9.38 32.16 -4.72
N ALA D 113 -8.93 31.54 -5.81
CA ALA D 113 -7.56 31.04 -5.83
C ALA D 113 -6.56 32.17 -5.72
N LEU D 114 -6.85 33.30 -6.37
CA LEU D 114 -5.95 34.45 -6.23
C LEU D 114 -5.92 34.93 -4.78
N GLN D 115 -7.06 34.94 -4.10
CA GLN D 115 -7.10 35.28 -2.69
C GLN D 115 -6.22 34.33 -1.89
N ALA D 116 -6.31 33.03 -2.17
CA ALA D 116 -5.50 32.07 -1.43
C ALA D 116 -4.03 32.36 -1.60
N PHE D 117 -3.61 32.62 -2.83
CA PHE D 117 -2.20 32.93 -3.07
C PHE D 117 -1.78 34.19 -2.31
N LEU D 118 -2.60 35.22 -2.35
CA LEU D 118 -2.24 36.46 -1.66
C LEU D 118 -2.28 36.32 -0.15
N PHE D 119 -3.06 35.37 0.36
CA PHE D 119 -2.98 35.07 1.80
C PHE D 119 -1.71 34.34 2.15
N TYR D 120 -1.22 33.48 1.26
CA TYR D 120 0.00 32.75 1.59
C TYR D 120 1.23 33.63 1.49
N ILE D 121 1.19 34.68 0.67
CA ILE D 121 2.39 35.49 0.43
C ILE D 121 3.08 35.96 1.71
N PRO D 122 2.40 36.56 2.69
CA PRO D 122 3.14 37.21 3.79
C PRO D 122 4.05 36.29 4.58
N ARG D 123 3.71 35.00 4.70
CA ARG D 123 4.65 34.08 5.34
C ARG D 123 5.95 33.99 4.56
N PHE D 124 5.85 33.92 3.24
CA PHE D 124 7.06 33.92 2.43
C PHE D 124 7.81 35.24 2.58
N ILE D 125 7.08 36.34 2.70
CA ILE D 125 7.76 37.62 2.95
C ILE D 125 8.57 37.55 4.23
N TRP D 126 7.97 37.03 5.29
CA TRP D 126 8.69 36.97 6.56
C TRP D 126 9.90 36.06 6.47
N LYS D 127 9.78 34.95 5.77
CA LYS D 127 10.93 34.06 5.66
C LYS D 127 12.06 34.70 4.87
N ALA D 128 11.73 35.37 3.76
CA ALA D 128 12.76 36.07 3.01
C ALA D 128 13.37 37.18 3.84
N MET D 129 12.57 37.86 4.64
CA MET D 129 13.09 38.96 5.43
C MET D 129 14.02 38.45 6.53
N ILE D 130 13.70 37.31 7.13
CA ILE D 130 14.60 36.78 8.15
C ILE D 130 15.85 36.22 7.51
N ALA D 131 15.78 35.73 6.28
CA ALA D 131 16.99 35.36 5.58
C ALA D 131 17.86 36.57 5.30
N TYR D 132 17.23 37.70 4.99
CA TYR D 132 17.96 38.93 4.72
C TYR D 132 18.49 39.57 5.99
N SER D 133 17.89 39.29 7.14
CA SER D 133 18.30 39.93 8.38
C SER D 133 19.69 39.52 8.83
N GLY D 134 20.22 38.43 8.30
CA GLY D 134 21.53 37.96 8.70
C GLY D 134 21.45 36.82 9.70
N TYR D 135 20.53 36.93 10.64
CA TYR D 135 20.36 35.87 11.63
C TYR D 135 19.54 34.74 11.03
N ASP D 136 19.24 33.74 11.86
CA ASP D 136 18.42 32.61 11.45
C ASP D 136 17.66 32.09 12.66
N LEU D 137 16.34 32.14 12.59
CA LEU D 137 15.53 31.70 13.73
C LEU D 137 15.26 30.21 13.69
N ALA D 138 15.02 29.64 12.50
CA ALA D 138 14.68 28.23 12.42
C ALA D 138 15.78 27.38 13.04
N ALA D 139 17.03 27.64 12.66
CA ALA D 139 18.13 26.83 13.16
C ALA D 139 18.22 26.91 14.68
N ALA D 140 18.20 28.13 15.22
CA ALA D 140 18.39 28.29 16.66
C ALA D 140 17.24 27.68 17.45
N VAL D 141 16.00 27.89 17.00
CA VAL D 141 14.87 27.34 17.73
C VAL D 141 14.91 25.82 17.68
N LYS D 142 15.20 25.26 16.50
CA LYS D 142 15.29 23.80 16.41
C LYS D 142 16.41 23.28 17.30
N TYR D 143 17.51 24.01 17.39
CA TYR D 143 18.63 23.55 18.20
C TYR D 143 18.27 23.52 19.67
N VAL D 144 17.72 24.62 20.18
CA VAL D 144 17.38 24.63 21.60
C VAL D 144 16.28 23.61 21.88
N ASP D 145 15.36 23.43 20.94
CA ASP D 145 14.32 22.42 21.14
C ASP D 145 14.92 21.03 21.23
N ARG D 146 15.86 20.71 20.34
CA ARG D 146 16.46 19.38 20.37
C ARG D 146 17.24 19.16 21.64
N PHE D 147 17.98 20.17 22.10
CA PHE D 147 18.73 20.03 23.33
C PHE D 147 17.80 19.80 24.51
N TRP D 148 16.72 20.56 24.59
CA TRP D 148 15.77 20.40 25.69
C TRP D 148 15.11 19.03 25.65
N SER D 149 14.69 18.59 24.46
CA SER D 149 14.05 17.28 24.36
C SER D 149 15.04 16.15 24.61
N GLU D 150 16.33 16.38 24.38
CA GLU D 150 17.32 15.36 24.72
C GLU D 150 17.50 15.24 26.22
N ASN D 151 17.81 16.35 26.88
CA ASN D 151 18.13 16.20 28.30
C ASN D 151 17.26 17.04 29.21
N ARG D 152 15.94 16.99 29.02
CA ARG D 152 15.01 17.37 30.06
C ARG D 152 14.52 16.17 30.86
N ASP D 153 14.71 14.96 30.34
CA ASP D 153 14.24 13.76 31.02
C ASP D 153 15.33 13.05 31.80
N LYS D 154 16.55 13.00 31.26
CA LYS D 154 17.64 12.29 31.92
C LYS D 154 17.80 12.78 33.35
N ASP D 155 17.60 11.87 34.31
CA ASP D 155 17.57 12.25 35.71
C ASP D 155 18.91 12.82 36.17
N ASP D 156 20.01 12.37 35.58
CA ASP D 156 21.32 12.88 35.92
C ASP D 156 21.45 14.35 35.58
N LYS D 157 20.98 14.75 34.40
CA LYS D 157 21.16 16.13 33.95
C LYS D 157 20.02 17.00 34.44
N PHE D 158 19.69 16.96 35.72
CA PHE D 158 18.57 17.76 36.19
C PHE D 158 18.90 18.51 37.47
N LYS D 159 19.81 17.97 38.27
CA LYS D 159 20.32 18.73 39.40
C LYS D 159 21.25 19.83 38.90
N THR D 160 22.14 19.49 37.98
CA THR D 160 22.95 20.47 37.27
C THR D 160 22.16 21.01 36.08
N ARG D 161 20.94 21.48 36.36
CA ARG D 161 20.04 21.89 35.29
C ARG D 161 20.52 23.15 34.59
N LEU D 162 21.04 24.11 35.36
CA LEU D 162 21.41 25.40 34.77
C LEU D 162 22.81 25.37 34.18
N ALA D 163 23.72 24.58 34.75
CA ALA D 163 25.04 24.45 34.13
C ALA D 163 24.94 23.84 32.75
N ALA D 164 24.00 22.93 32.54
CA ALA D 164 23.84 22.33 31.21
C ALA D 164 23.42 23.38 30.19
N PHE D 165 22.38 24.14 30.50
CA PHE D 165 21.97 25.22 29.61
C PHE D 165 23.06 26.26 29.45
N GLU D 166 23.93 26.39 30.44
CA GLU D 166 25.01 27.35 30.33
C GLU D 166 26.13 26.85 29.44
N GLY D 167 26.32 25.55 29.35
CA GLY D 167 27.38 25.04 28.50
C GLY D 167 27.07 25.04 27.02
N ARG D 168 26.15 24.20 26.59
CA ARG D 168 25.98 23.96 25.17
C ARG D 168 25.17 25.02 24.43
N PRO D 169 23.88 25.23 24.75
CA PRO D 169 23.03 26.01 23.85
C PRO D 169 23.20 27.50 23.98
N SER D 170 23.49 27.98 25.18
CA SER D 170 23.61 29.42 25.37
C SER D 170 24.82 29.97 24.64
N VAL D 171 25.91 29.20 24.59
CA VAL D 171 27.07 29.61 23.81
C VAL D 171 26.71 29.71 22.34
N TYR D 172 25.89 28.77 21.85
CA TYR D 172 25.46 28.81 20.46
C TYR D 172 24.65 30.06 20.18
N ILE D 173 23.69 30.37 21.05
CA ILE D 173 22.86 31.55 20.85
C ILE D 173 23.71 32.81 20.87
N TRP D 174 24.66 32.89 21.80
CA TRP D 174 25.50 34.08 21.88
C TRP D 174 26.40 34.20 20.67
N ASP D 175 26.91 33.08 20.16
CA ASP D 175 27.72 33.14 18.95
C ASP D 175 26.89 33.62 17.77
N GLY D 176 25.65 33.16 17.67
CA GLY D 176 24.78 33.64 16.61
C GLY D 176 24.51 35.13 16.72
N ILE D 177 24.27 35.61 17.94
CA ILE D 177 24.05 37.03 18.15
C ILE D 177 25.26 37.83 17.72
N ARG D 178 26.44 37.41 18.18
CA ARG D 178 27.66 38.16 17.88
C ARG D 178 28.00 38.12 16.40
N LEU D 179 27.63 37.05 15.71
CA LEU D 179 27.93 36.95 14.30
C LEU D 179 26.92 37.72 13.45
N ALA D 180 25.66 37.79 13.88
CA ALA D 180 24.66 38.54 13.13
C ALA D 180 24.68 40.02 13.45
N ARG D 181 25.28 40.41 14.57
CA ARG D 181 25.31 41.82 14.95
C ARG D 181 26.04 42.65 13.92
N LYS D 182 26.96 42.05 13.17
CA LYS D 182 27.75 42.77 12.19
C LYS D 182 27.17 42.70 10.78
N LYS D 183 25.91 42.32 10.66
CA LYS D 183 25.28 42.27 9.33
C LYS D 183 23.78 42.52 9.50
N ARG D 184 23.40 43.79 9.37
CA ARG D 184 22.01 44.22 9.28
C ARG D 184 21.06 43.45 10.20
N SER D 185 21.46 43.22 11.45
CA SER D 185 20.56 42.66 12.45
C SER D 185 20.65 43.57 13.67
N ARG D 186 19.94 44.67 13.61
CA ARG D 186 19.72 45.55 14.74
C ARG D 186 18.30 46.09 14.73
N ASN D 187 17.48 45.63 13.78
CA ASN D 187 16.11 46.09 13.58
C ASN D 187 15.21 44.91 13.26
N MET D 188 15.62 43.72 13.69
CA MET D 188 14.87 42.51 13.34
C MET D 188 13.44 42.56 13.87
N ALA D 189 13.25 43.16 15.05
CA ALA D 189 11.90 43.39 15.54
C ALA D 189 11.14 44.31 14.59
N LEU D 190 11.82 45.31 14.04
CA LEU D 190 11.17 46.18 13.06
C LEU D 190 10.77 45.39 11.82
N PHE D 191 11.62 44.48 11.37
CA PHE D 191 11.27 43.67 10.22
C PHE D 191 10.04 42.82 10.51
N TYR D 192 9.98 42.20 11.69
CA TYR D 192 8.83 41.39 12.02
C TYR D 192 7.56 42.22 12.07
N THR D 193 7.62 43.38 12.71
CA THR D 193 6.40 44.17 12.83
C THR D 193 5.99 44.76 11.49
N LEU D 194 6.95 44.97 10.59
CA LEU D 194 6.59 45.39 9.25
C LEU D 194 5.89 44.26 8.51
N SER D 195 6.37 43.02 8.68
CA SER D 195 5.67 41.89 8.09
C SER D 195 4.25 41.79 8.63
N THR D 196 4.07 42.07 9.92
CA THR D 196 2.72 41.97 10.48
C THR D 196 1.82 43.09 9.97
N VAL D 197 2.37 44.29 9.79
CA VAL D 197 1.61 45.35 9.14
C VAL D 197 1.16 44.92 7.77
N TRP D 198 2.08 44.34 7.00
CA TRP D 198 1.71 43.84 5.67
C TRP D 198 0.61 42.81 5.76
N GLN D 199 0.69 41.92 6.75
CA GLN D 199 -0.31 40.86 6.87
C GLN D 199 -1.69 41.44 7.17
N ALA D 200 -1.76 42.42 8.06
CA ALA D 200 -3.07 43.01 8.39
C ALA D 200 -3.63 43.77 7.20
N VAL D 201 -2.80 44.58 6.53
CA VAL D 201 -3.27 45.30 5.36
C VAL D 201 -3.75 44.32 4.30
N ASN D 202 -3.05 43.20 4.14
CA ASN D 202 -3.47 42.21 3.17
C ASN D 202 -4.82 41.62 3.54
N ALA D 203 -5.04 41.34 4.82
CA ALA D 203 -6.33 40.80 5.24
C ALA D 203 -7.45 41.77 4.87
N TRP D 204 -7.26 43.05 5.19
CA TRP D 204 -8.30 44.02 4.88
C TRP D 204 -8.52 44.17 3.38
N ILE D 205 -7.45 44.08 2.60
CA ILE D 205 -7.60 44.21 1.15
C ILE D 205 -8.33 43.00 0.57
N GLN D 206 -8.06 41.82 1.10
CA GLN D 206 -8.81 40.65 0.63
C GLN D 206 -10.28 40.78 0.98
N PHE D 207 -10.58 41.30 2.17
CA PHE D 207 -11.97 41.52 2.54
C PHE D 207 -12.63 42.50 1.58
N TYR D 208 -11.93 43.58 1.22
CA TYR D 208 -12.49 44.55 0.29
C TYR D 208 -12.72 43.93 -1.08
N ILE D 209 -11.75 43.16 -1.57
CA ILE D 209 -11.91 42.49 -2.86
C ILE D 209 -13.15 41.61 -2.84
N LEU D 210 -13.38 40.90 -1.73
CA LEU D 210 -14.57 40.06 -1.67
C LEU D 210 -15.84 40.90 -1.71
N THR D 211 -15.92 41.92 -0.86
CA THR D 211 -17.18 42.66 -0.76
C THR D 211 -17.48 43.49 -2.00
N GLN D 212 -16.51 43.67 -2.89
CA GLN D 212 -16.74 44.36 -4.16
C GLN D 212 -16.92 43.39 -5.31
N LEU D 213 -17.57 42.27 -5.04
CA LEU D 213 -17.80 41.22 -6.03
C LEU D 213 -19.29 40.88 -5.99
N LEU D 214 -20.08 41.65 -6.72
CA LEU D 214 -21.53 41.46 -6.74
C LEU D 214 -22.08 41.56 -8.16
N LEU D 221 -26.25 44.82 1.03
CA LEU D 221 -25.14 44.32 0.23
C LEU D 221 -23.91 44.08 1.09
N TRP D 222 -23.93 44.64 2.31
CA TRP D 222 -22.77 44.60 3.20
C TRP D 222 -22.83 43.45 4.19
N GLY D 223 -23.50 42.35 3.86
CA GLY D 223 -23.44 41.17 4.68
C GLY D 223 -24.68 40.96 5.53
N PRO D 224 -24.60 41.29 6.82
CA PRO D 224 -25.71 40.99 7.72
C PRO D 224 -27.02 41.65 7.34
N SER D 225 -27.00 42.74 6.57
CA SER D 225 -28.24 43.23 5.99
C SER D 225 -28.88 42.18 5.08
N ILE D 226 -28.08 41.64 4.16
CA ILE D 226 -28.59 40.60 3.27
C ILE D 226 -28.99 39.36 4.06
N LEU D 227 -28.21 39.01 5.08
CA LEU D 227 -28.55 37.86 5.90
C LEU D 227 -29.90 38.04 6.59
N GLY D 228 -30.11 39.21 7.20
CA GLY D 228 -31.40 39.46 7.83
C GLY D 228 -32.54 39.48 6.83
N ASP D 229 -32.29 40.01 5.64
CA ASP D 229 -33.27 39.92 4.56
C ASP D 229 -33.58 38.48 4.22
N LEU D 230 -32.60 37.58 4.37
CA LEU D 230 -32.82 36.15 4.18
C LEU D 230 -33.30 35.46 5.44
N LEU D 231 -33.05 36.03 6.61
CA LEU D 231 -33.56 35.43 7.84
C LEU D 231 -35.02 35.75 8.07
N GLN D 232 -35.55 36.79 7.45
CA GLN D 232 -36.95 37.17 7.58
C GLN D 232 -37.84 36.52 6.53
N GLY D 233 -37.27 35.78 5.59
CA GLY D 233 -38.08 35.07 4.63
C GLY D 233 -38.29 35.77 3.31
N ASN D 234 -37.22 36.29 2.72
CA ASN D 234 -37.24 36.91 1.39
C ASN D 234 -36.11 36.24 0.61
N ASP D 235 -36.41 35.13 -0.06
CA ASP D 235 -35.33 34.24 -0.48
C ASP D 235 -34.61 34.74 -1.72
N TRP D 236 -35.24 34.68 -2.89
CA TRP D 236 -34.66 35.35 -4.04
C TRP D 236 -35.64 36.00 -4.98
N GLN D 237 -36.89 35.55 -5.06
CA GLN D 237 -37.82 36.14 -6.01
C GLN D 237 -38.37 37.48 -5.54
N THR D 238 -38.36 37.72 -4.23
CA THR D 238 -38.74 39.01 -3.69
C THR D 238 -37.53 39.89 -3.39
N THR D 239 -36.37 39.56 -3.95
CA THR D 239 -35.12 40.25 -3.68
C THR D 239 -34.48 40.85 -4.91
N GLY D 240 -34.53 40.15 -6.04
CA GLY D 240 -33.84 40.59 -7.23
C GLY D 240 -32.47 39.98 -7.39
N HIS D 241 -31.58 40.26 -6.45
CA HIS D 241 -30.23 39.72 -6.51
C HIS D 241 -30.25 38.22 -6.23
N PHE D 242 -29.11 37.57 -6.48
CA PHE D 242 -28.92 36.17 -6.18
C PHE D 242 -30.03 35.36 -6.83
N PRO D 243 -30.01 35.18 -8.15
CA PRO D 243 -31.06 34.43 -8.82
C PRO D 243 -30.71 32.97 -9.02
N ARG D 244 -31.75 32.18 -9.26
CA ARG D 244 -31.59 30.78 -9.62
C ARG D 244 -32.44 30.34 -10.79
N ILE D 245 -33.33 31.20 -11.29
CA ILE D 245 -34.15 30.90 -12.46
C ILE D 245 -34.06 32.13 -13.35
N VAL D 246 -33.38 32.01 -14.49
CA VAL D 246 -33.03 33.15 -15.31
C VAL D 246 -33.35 32.84 -16.77
N HIS D 247 -33.82 33.84 -17.49
CA HIS D 247 -34.10 33.71 -18.90
C HIS D 247 -32.85 33.91 -19.72
N CYS D 248 -32.89 33.42 -20.96
CA CYS D 248 -31.72 33.40 -21.82
C CYS D 248 -32.06 33.95 -23.19
N ASP D 249 -31.17 34.78 -23.73
CA ASP D 249 -31.33 35.28 -25.08
C ASP D 249 -31.00 34.20 -26.09
N PHE D 250 -31.75 34.16 -27.18
CA PHE D 250 -31.53 33.16 -28.21
C PHE D 250 -32.24 33.59 -29.48
N ASN D 251 -31.48 33.85 -30.53
CA ASN D 251 -32.06 34.24 -31.82
C ASN D 251 -32.38 33.02 -32.67
N THR D 262 -36.64 33.01 -24.62
CA THR D 262 -37.49 32.34 -23.66
C THR D 262 -36.95 30.95 -23.32
N VAL D 263 -35.66 30.87 -23.07
CA VAL D 263 -35.04 29.56 -22.88
C VAL D 263 -35.10 29.10 -21.43
N LEU D 264 -35.16 30.04 -20.48
CA LEU D 264 -35.45 29.72 -19.08
C LEU D 264 -34.47 28.67 -18.53
N CYS D 265 -33.22 29.08 -18.42
CA CYS D 265 -32.19 28.22 -17.87
C CYS D 265 -32.10 28.40 -16.36
N VAL D 266 -31.89 27.29 -15.65
CA VAL D 266 -31.75 27.27 -14.21
C VAL D 266 -30.27 27.10 -13.86
N LEU D 267 -29.82 27.86 -12.86
CA LEU D 267 -28.44 27.88 -12.43
C LEU D 267 -28.32 27.07 -11.15
N THR D 268 -27.79 25.85 -11.27
CA THR D 268 -27.62 25.02 -10.08
C THR D 268 -26.60 25.65 -9.14
N LEU D 269 -25.41 25.99 -9.65
CA LEU D 269 -24.32 26.46 -8.81
C LEU D 269 -24.74 27.61 -7.92
N ASN D 270 -25.58 28.51 -8.42
CA ASN D 270 -25.95 29.69 -7.66
C ASN D 270 -26.61 29.35 -6.32
N ILE D 271 -26.94 28.08 -6.08
CA ILE D 271 -27.42 27.71 -4.75
C ILE D 271 -26.26 27.53 -3.78
N TYR D 272 -25.05 27.27 -4.26
CA TYR D 272 -23.89 27.10 -3.40
C TYR D 272 -23.11 28.38 -3.20
N TYR D 273 -23.39 29.44 -3.97
CA TYR D 273 -22.65 30.68 -3.79
C TYR D 273 -23.21 31.48 -2.62
N GLU D 274 -24.46 31.90 -2.71
CA GLU D 274 -24.96 32.70 -1.60
C GLU D 274 -25.15 31.91 -0.35
N LYS D 275 -24.76 30.64 -0.28
CA LYS D 275 -24.52 29.97 0.98
C LYS D 275 -23.03 29.91 1.30
N LEU D 276 -22.20 30.55 0.49
CA LEU D 276 -20.76 30.58 0.70
C LEU D 276 -20.24 31.98 0.97
N PHE D 277 -20.81 33.00 0.32
CA PHE D 277 -20.46 34.37 0.65
C PHE D 277 -20.88 34.69 2.08
N ILE D 278 -22.06 34.21 2.48
CA ILE D 278 -22.53 34.44 3.84
C ILE D 278 -21.52 33.96 4.86
N PHE D 279 -20.76 32.93 4.53
CA PHE D 279 -19.78 32.41 5.46
C PHE D 279 -18.42 33.07 5.30
N LEU D 280 -17.96 33.27 4.06
CA LEU D 280 -16.66 33.88 3.85
C LEU D 280 -16.63 35.30 4.37
N TRP D 281 -17.75 36.02 4.33
CA TRP D 281 -17.77 37.36 4.89
C TRP D 281 -17.42 37.33 6.37
N PHE D 282 -18.14 36.51 7.14
CA PHE D 282 -17.86 36.40 8.56
C PHE D 282 -16.42 35.97 8.80
N TRP D 283 -15.96 34.96 8.07
CA TRP D 283 -14.64 34.41 8.38
C TRP D 283 -13.54 35.39 8.03
N LEU D 284 -13.66 36.10 6.91
CA LEU D 284 -12.65 37.08 6.56
C LEU D 284 -12.65 38.25 7.52
N VAL D 285 -13.83 38.69 7.99
CA VAL D 285 -13.78 39.81 8.92
C VAL D 285 -13.16 39.37 10.24
N PHE D 286 -13.41 38.13 10.65
CA PHE D 286 -12.80 37.63 11.88
C PHE D 286 -11.28 37.57 11.73
N VAL D 287 -10.80 36.99 10.63
CA VAL D 287 -9.37 36.92 10.38
C VAL D 287 -8.77 38.33 10.36
N ALA D 288 -9.47 39.27 9.75
CA ALA D 288 -8.94 40.62 9.63
C ALA D 288 -8.78 41.27 10.99
N VAL D 289 -9.80 41.20 11.84
CA VAL D 289 -9.65 41.86 13.13
C VAL D 289 -8.64 41.13 14.01
N VAL D 290 -8.51 39.81 13.89
CA VAL D 290 -7.48 39.11 14.67
C VAL D 290 -6.09 39.57 14.25
N SER D 291 -5.82 39.54 12.95
CA SER D 291 -4.52 40.02 12.50
C SER D 291 -4.29 41.48 12.84
N THR D 292 -5.33 42.30 12.86
CA THR D 292 -5.13 43.69 13.22
C THR D 292 -4.82 43.88 14.69
N VAL D 293 -5.45 43.13 15.58
CA VAL D 293 -5.08 43.28 16.99
C VAL D 293 -3.68 42.73 17.21
N ASN D 294 -3.28 41.70 16.47
CA ASN D 294 -1.90 41.24 16.58
C ASN D 294 -0.93 42.33 16.11
N CYS D 295 -1.26 42.99 15.00
CA CYS D 295 -0.40 44.05 14.50
C CYS D 295 -0.30 45.20 15.49
N PHE D 296 -1.42 45.58 16.10
CA PHE D 296 -1.37 46.67 17.08
C PHE D 296 -0.55 46.28 18.29
N LYS D 297 -0.71 45.04 18.76
CA LYS D 297 0.12 44.58 19.87
C LYS D 297 1.59 44.71 19.52
N TRP D 298 1.98 44.29 18.32
CA TRP D 298 3.40 44.32 17.98
C TRP D 298 3.91 45.74 17.78
N ILE D 299 3.10 46.62 17.21
CA ILE D 299 3.57 47.98 16.97
C ILE D 299 3.72 48.73 18.29
N TYR D 300 2.80 48.48 19.23
CA TYR D 300 2.94 49.10 20.55
C TYR D 300 4.11 48.48 21.31
N TYR D 301 4.37 47.19 21.11
CA TYR D 301 5.57 46.57 21.66
C TYR D 301 6.82 47.30 21.18
N LEU D 302 6.97 47.43 19.87
CA LEU D 302 8.17 48.04 19.32
C LEU D 302 8.30 49.49 19.76
N CYS D 303 7.20 50.24 19.72
CA CYS D 303 7.29 51.68 19.98
C CYS D 303 7.63 51.95 21.44
N ASN D 304 7.14 51.13 22.35
CA ASN D 304 7.31 51.44 23.77
C ASN D 304 8.76 51.23 24.22
N LYS D 305 9.30 50.03 23.97
CA LYS D 305 10.71 49.70 24.22
C LYS D 305 10.98 49.63 25.73
N THR D 306 10.00 49.99 26.54
CA THR D 306 10.16 49.97 27.99
C THR D 306 9.37 48.86 28.66
N LYS D 307 8.15 48.61 28.22
CA LYS D 307 7.40 47.45 28.66
C LYS D 307 7.59 46.26 27.73
N ALA D 308 8.67 46.26 26.95
CA ALA D 308 9.08 45.06 26.24
C ALA D 308 9.95 44.16 27.10
N GLN D 309 10.64 44.73 28.09
CA GLN D 309 11.50 43.98 29.00
C GLN D 309 10.76 43.48 30.22
N LYS D 310 9.45 43.32 30.13
CA LYS D 310 8.69 42.80 31.28
C LYS D 310 9.00 41.33 31.50
N THR D 311 8.83 40.51 30.47
CA THR D 311 9.04 39.07 30.62
C THR D 311 10.49 38.77 30.97
N ILE D 312 11.44 39.54 30.44
CA ILE D 312 12.83 39.24 30.74
C ILE D 312 13.15 39.57 32.20
N LYS D 313 12.68 40.72 32.68
CA LYS D 313 12.90 41.06 34.07
C LYS D 313 12.18 40.11 35.01
N ASN D 314 11.08 39.52 34.56
CA ASN D 314 10.42 38.54 35.40
C ASN D 314 11.13 37.20 35.38
N TYR D 315 11.73 36.83 34.25
CA TYR D 315 12.54 35.63 34.20
C TYR D 315 13.75 35.74 35.10
N LEU D 316 14.47 36.86 34.99
CA LEU D 316 15.71 37.03 35.74
C LEU D 316 15.52 37.11 37.24
N SER D 317 14.28 37.09 37.73
CA SER D 317 14.02 37.15 39.17
C SER D 317 13.73 35.77 39.73
N THR D 318 14.35 34.73 39.18
CA THR D 318 14.13 33.38 39.69
C THR D 318 15.41 32.70 40.13
N ALA D 319 16.49 32.86 39.39
CA ALA D 319 17.74 32.19 39.74
C ALA D 319 18.22 32.69 41.10
N PRO D 320 18.37 31.82 42.09
CA PRO D 320 18.67 32.25 43.46
C PRO D 320 20.12 32.67 43.67
N ILE D 321 20.65 33.46 42.74
CA ILE D 321 22.04 33.90 42.81
C ILE D 321 22.11 35.42 42.79
N LYS D 322 21.64 36.02 41.69
CA LYS D 322 21.80 37.45 41.42
C LYS D 322 23.27 37.83 41.54
N SER D 323 24.08 37.24 40.66
CA SER D 323 25.50 37.15 40.92
C SER D 323 26.24 38.48 40.83
N THR D 324 26.38 39.03 39.63
CA THR D 324 27.07 40.31 39.53
C THR D 324 26.38 41.30 38.61
N ILE D 325 25.86 40.81 37.49
CA ILE D 325 25.59 41.67 36.35
C ILE D 325 24.23 42.33 36.53
N SER D 326 24.23 43.67 36.53
CA SER D 326 22.97 44.40 36.57
C SER D 326 22.18 44.15 35.29
N ASP D 327 20.88 44.38 35.37
CA ASP D 327 20.03 44.13 34.22
C ASP D 327 20.33 45.11 33.09
N ASP D 328 20.49 46.39 33.42
CA ASP D 328 20.57 47.41 32.38
C ASP D 328 21.78 47.19 31.48
N GLN D 329 22.93 46.84 32.05
CA GLN D 329 24.05 46.50 31.21
C GLN D 329 23.78 45.24 30.42
N PHE D 330 23.14 44.25 31.04
CA PHE D 330 22.76 43.04 30.33
C PHE D 330 21.84 43.37 29.16
N PHE D 331 20.82 44.21 29.40
CA PHE D 331 19.91 44.56 28.33
C PHE D 331 20.63 45.31 27.21
N SER D 332 21.48 46.27 27.57
CA SER D 332 22.23 46.98 26.54
C SER D 332 23.12 46.03 25.76
N ALA D 333 23.60 44.97 26.40
CA ALA D 333 24.32 43.93 25.66
C ALA D 333 23.39 43.12 24.80
N LEU D 334 22.11 43.03 25.16
CA LEU D 334 21.13 42.24 24.46
C LEU D 334 20.05 43.11 23.82
N GLY D 335 20.39 44.32 23.40
CA GLY D 335 19.38 45.32 23.15
C GLY D 335 18.53 45.02 21.93
N GLU D 336 19.14 45.05 20.75
CA GLU D 336 18.37 45.03 19.51
C GLU D 336 17.73 43.67 19.26
N ASP D 337 18.55 42.63 19.11
CA ASP D 337 18.10 41.34 18.63
C ASP D 337 17.65 40.43 19.77
N GLY D 338 18.56 40.14 20.70
CA GLY D 338 18.28 39.13 21.71
C GLY D 338 16.97 39.30 22.41
N LEU D 339 16.52 40.54 22.58
CA LEU D 339 15.22 40.76 23.19
C LEU D 339 14.10 40.15 22.37
N PHE D 340 14.32 39.94 21.08
CA PHE D 340 13.34 39.30 20.21
C PHE D 340 13.55 37.79 20.11
N ILE D 341 14.81 37.35 20.07
CA ILE D 341 15.09 35.92 20.07
C ILE D 341 14.53 35.26 21.31
N MET D 342 14.68 35.92 22.47
CA MET D 342 14.13 35.33 23.68
C MET D 342 12.62 35.23 23.61
N ASP D 343 11.97 36.20 22.99
CA ASP D 343 10.53 36.13 22.82
C ASP D 343 10.16 34.94 21.94
N GLN D 344 10.86 34.78 20.82
CA GLN D 344 10.56 33.64 19.95
C GLN D 344 10.77 32.32 20.67
N MET D 345 11.83 32.23 21.48
CA MET D 345 12.07 31.02 22.24
C MET D 345 10.93 30.75 23.21
N ALA D 346 10.48 31.78 23.91
CA ALA D 346 9.34 31.62 24.80
C ALA D 346 8.11 31.17 24.04
N LEU D 347 7.96 31.62 22.79
CA LEU D 347 6.77 31.30 22.03
C LEU D 347 6.79 29.86 21.54
N ASN D 348 7.96 29.35 21.17
CA ASN D 348 8.04 28.00 20.62
C ASN D 348 8.19 26.94 21.69
N LEU D 349 9.09 27.15 22.65
CA LEU D 349 9.43 26.11 23.60
C LEU D 349 8.52 26.13 24.81
N GLY D 350 8.15 27.30 25.28
CA GLY D 350 7.41 27.45 26.50
C GLY D 350 8.06 28.50 27.35
N ASP D 351 7.81 28.46 28.64
CA ASP D 351 8.43 29.40 29.56
C ASP D 351 9.53 28.78 30.39
N ILE D 352 9.31 27.57 30.90
CA ILE D 352 10.36 26.90 31.66
C ILE D 352 11.63 26.72 30.82
N PRO D 353 11.58 26.14 29.63
CA PRO D 353 12.84 25.98 28.89
C PRO D 353 13.30 27.27 28.25
N ALA D 354 12.74 28.40 28.65
CA ALA D 354 13.24 29.69 28.22
C ALA D 354 13.76 30.53 29.36
N SER D 355 13.20 30.38 30.56
CA SER D 355 13.76 31.09 31.71
C SER D 355 15.18 30.63 31.98
N TYR D 356 15.42 29.31 31.93
CA TYR D 356 16.78 28.81 32.07
C TYR D 356 17.69 29.41 31.02
N LEU D 357 17.21 29.50 29.78
CA LEU D 357 18.02 30.03 28.70
C LEU D 357 18.41 31.47 28.97
N THR D 358 17.43 32.30 29.33
CA THR D 358 17.74 33.71 29.52
C THR D 358 18.54 33.96 30.80
N ILE D 359 18.46 33.06 31.78
CA ILE D 359 19.33 33.18 32.93
C ILE D 359 20.76 32.85 32.55
N SER D 360 20.95 31.73 31.87
CA SER D 360 22.29 31.36 31.42
C SER D 360 22.90 32.45 30.56
N MET D 361 22.13 33.00 29.63
CA MET D 361 22.67 34.06 28.79
C MET D 361 23.00 35.31 29.58
N ARG D 362 22.53 35.43 30.82
CA ARG D 362 23.00 36.52 31.66
C ARG D 362 24.28 36.15 32.38
N ASN D 363 24.40 34.89 32.80
CA ASN D 363 25.56 34.50 33.58
C ASN D 363 26.86 34.48 32.78
N ILE D 364 26.81 34.65 31.46
CA ILE D 364 28.03 34.62 30.66
C ILE D 364 28.14 35.83 29.74
N CYS D 365 27.34 36.87 29.98
CA CYS D 365 27.34 38.00 29.05
C CYS D 365 28.65 38.76 29.14
N GLN D 366 29.59 38.43 28.26
CA GLN D 366 30.91 39.05 28.30
C GLN D 366 31.41 39.49 26.94
N ASP D 367 30.58 39.45 25.90
CA ASP D 367 31.02 39.98 24.61
C ASP D 367 30.90 41.49 24.56
N PHE D 368 29.89 42.06 25.24
CA PHE D 368 29.79 43.50 25.39
C PHE D 368 30.18 43.97 26.79
N ILE D 369 29.55 43.42 27.81
CA ILE D 369 29.85 43.82 29.18
C ILE D 369 29.81 42.61 30.09
N LYS E 23 23.90 18.88 -2.16
CA LYS E 23 22.74 19.73 -1.95
C LYS E 23 23.00 21.14 -2.45
N GLY E 24 21.95 21.95 -2.48
CA GLY E 24 22.07 23.35 -2.83
C GLY E 24 20.78 24.10 -2.56
N ASP E 25 20.88 25.22 -1.86
CA ASP E 25 19.73 26.04 -1.51
C ASP E 25 19.87 27.44 -2.08
N LEU E 26 20.25 27.53 -3.34
CA LEU E 26 20.53 28.81 -3.97
C LEU E 26 19.35 29.76 -3.86
N ALA E 27 19.61 30.96 -3.37
CA ALA E 27 18.56 31.91 -3.05
C ALA E 27 17.90 32.41 -4.34
N ASP E 28 16.67 31.99 -4.56
CA ASP E 28 15.87 32.47 -5.69
C ASP E 28 16.51 32.14 -7.03
N ARG E 29 17.35 31.11 -7.04
CA ARG E 29 17.60 30.32 -8.23
C ARG E 29 16.77 29.05 -8.22
N LEU E 30 16.11 28.76 -7.10
CA LEU E 30 15.13 27.69 -7.02
C LEU E 30 13.78 28.13 -7.54
N ASN E 31 13.70 29.27 -8.22
CA ASN E 31 12.52 29.60 -9.00
C ASN E 31 12.51 28.92 -10.35
N SER E 32 13.61 28.28 -10.75
CA SER E 32 13.54 27.33 -11.85
C SER E 32 12.67 26.15 -11.48
N ARG E 33 12.78 25.66 -10.24
CA ARG E 33 11.94 24.55 -9.80
C ARG E 33 10.46 24.92 -9.86
N VAL E 34 10.08 25.99 -9.19
CA VAL E 34 8.67 26.36 -9.16
C VAL E 34 8.18 26.76 -10.55
N THR E 35 9.03 27.39 -11.35
CA THR E 35 8.61 27.79 -12.69
C THR E 35 8.34 26.57 -13.55
N VAL E 36 9.27 25.62 -13.56
CA VAL E 36 9.06 24.40 -14.32
C VAL E 36 7.79 23.70 -13.87
N VAL E 37 7.57 23.62 -12.56
CA VAL E 37 6.38 22.94 -12.08
C VAL E 37 5.12 23.62 -12.57
N ILE E 38 5.02 24.94 -12.39
CA ILE E 38 3.78 25.62 -12.76
C ILE E 38 3.53 25.55 -14.25
N LEU E 39 4.56 25.80 -15.06
CA LEU E 39 4.38 25.78 -16.50
C LEU E 39 4.03 24.39 -16.99
N ALA E 40 4.72 23.36 -16.49
CA ALA E 40 4.46 22.01 -16.96
C ALA E 40 3.09 21.52 -16.53
N VAL E 41 2.64 21.89 -15.32
CA VAL E 41 1.32 21.44 -14.90
C VAL E 41 0.24 22.15 -15.70
N SER E 42 0.44 23.42 -16.05
CA SER E 42 -0.52 24.09 -16.90
C SER E 42 -0.56 23.44 -18.28
N SER E 43 0.60 23.16 -18.86
CA SER E 43 0.64 22.56 -20.19
C SER E 43 0.00 21.18 -20.20
N ALA E 44 0.32 20.34 -19.21
CA ALA E 44 -0.28 19.03 -19.12
C ALA E 44 -1.79 19.11 -18.91
N LEU E 45 -2.26 20.04 -18.09
CA LEU E 45 -3.69 20.19 -17.90
C LEU E 45 -4.39 20.57 -19.19
N LEU E 46 -3.85 21.52 -19.93
CA LEU E 46 -4.50 21.94 -21.17
C LEU E 46 -4.46 20.83 -22.22
N LEU E 47 -3.36 20.11 -22.32
CA LEU E 47 -3.29 19.02 -23.29
C LEU E 47 -4.25 17.90 -22.93
N SER E 48 -4.32 17.53 -21.65
CA SER E 48 -5.30 16.53 -21.25
C SER E 48 -6.71 17.02 -21.46
N SER E 49 -6.94 18.33 -21.34
CA SER E 49 -8.27 18.87 -21.57
C SER E 49 -8.69 18.68 -23.02
N HIS E 50 -7.94 19.26 -23.95
CA HIS E 50 -8.33 19.12 -25.35
C HIS E 50 -7.80 17.83 -25.97
N PHE E 51 -7.48 16.83 -25.16
CA PHE E 51 -7.32 15.47 -25.62
C PHE E 51 -8.33 14.50 -25.02
N ILE E 52 -9.07 14.90 -23.98
CA ILE E 52 -10.02 14.03 -23.31
C ILE E 52 -11.42 14.61 -23.43
N GLY E 53 -11.62 15.80 -22.87
CA GLY E 53 -12.91 16.44 -22.92
C GLY E 53 -13.21 16.97 -24.32
N ASP E 54 -14.19 17.85 -24.38
CA ASP E 54 -14.56 18.48 -25.63
C ASP E 54 -14.00 19.89 -25.68
N PRO E 55 -13.05 20.18 -26.56
CA PRO E 55 -12.47 21.52 -26.63
C PRO E 55 -13.28 22.51 -27.44
N ILE E 56 -14.43 22.10 -27.97
CA ILE E 56 -15.23 22.96 -28.82
C ILE E 56 -16.61 22.32 -28.95
N THR E 57 -17.62 23.12 -29.24
CA THR E 57 -18.95 22.59 -29.51
C THR E 57 -19.52 23.32 -30.71
N CYS E 58 -20.38 22.66 -31.47
CA CYS E 58 -20.89 23.27 -32.69
C CYS E 58 -22.39 23.01 -32.81
N TRP E 59 -23.05 23.90 -33.54
CA TRP E 59 -24.51 23.91 -33.60
C TRP E 59 -24.95 24.39 -34.97
N THR E 60 -25.40 23.47 -35.83
CA THR E 60 -26.02 24.10 -36.97
C THR E 60 -27.54 23.96 -36.89
N PRO E 61 -28.31 24.97 -37.26
CA PRO E 61 -29.75 24.92 -37.00
C PRO E 61 -30.53 24.17 -38.06
N ALA E 62 -30.04 23.01 -38.50
CA ALA E 62 -30.78 22.19 -39.44
C ALA E 62 -31.20 20.86 -38.83
N GLN E 63 -30.25 20.04 -38.40
CA GLN E 63 -30.52 18.76 -37.77
C GLN E 63 -29.17 18.13 -37.41
N PHE E 64 -29.20 17.20 -36.46
CA PHE E 64 -28.01 16.48 -36.05
C PHE E 64 -28.30 14.99 -36.04
N ASN E 65 -27.23 14.21 -36.00
CA ASN E 65 -27.34 12.77 -35.85
C ASN E 65 -26.28 12.20 -34.93
N ALA E 66 -25.74 13.02 -34.02
CA ALA E 66 -24.70 12.61 -33.09
C ALA E 66 -23.44 12.17 -33.81
N GLN E 67 -23.44 12.27 -35.14
CA GLN E 67 -22.26 12.05 -35.95
C GLN E 67 -21.90 13.25 -36.78
N TRP E 68 -22.85 14.13 -37.08
CA TRP E 68 -22.50 15.45 -37.59
C TRP E 68 -21.62 16.19 -36.59
N VAL E 69 -22.07 16.29 -35.33
CA VAL E 69 -21.36 17.11 -34.37
C VAL E 69 -20.03 16.48 -33.99
N ASN E 70 -19.99 15.15 -33.87
CA ASN E 70 -18.75 14.50 -33.47
C ASN E 70 -17.66 14.67 -34.53
N PHE E 71 -18.03 15.06 -35.74
CA PHE E 71 -17.05 15.37 -36.77
C PHE E 71 -16.82 16.87 -36.91
N VAL E 72 -17.90 17.66 -36.91
CA VAL E 72 -17.74 19.10 -37.04
C VAL E 72 -16.88 19.64 -35.90
N ASN E 73 -16.94 19.03 -34.72
CA ASN E 73 -16.06 19.45 -33.65
C ASN E 73 -14.60 19.41 -34.10
N GLN E 74 -14.13 18.23 -34.51
CA GLN E 74 -12.73 18.11 -34.95
C GLN E 74 -12.46 19.00 -36.15
N TYR E 75 -13.41 19.11 -37.07
CA TYR E 75 -13.17 19.90 -38.27
C TYR E 75 -12.95 21.36 -37.91
N CYS E 76 -13.94 21.96 -37.27
CA CYS E 76 -13.85 23.37 -36.91
C CYS E 76 -12.72 23.63 -35.92
N PHE E 77 -12.26 22.61 -35.20
CA PHE E 77 -11.12 22.81 -34.32
C PHE E 77 -9.82 22.86 -35.12
N VAL E 78 -9.56 21.82 -35.91
CA VAL E 78 -8.35 21.80 -36.73
C VAL E 78 -8.34 22.98 -37.69
N HIS E 79 -9.33 23.05 -38.58
CA HIS E 79 -9.43 24.19 -39.46
C HIS E 79 -9.65 25.46 -38.66
N GLY E 80 -9.33 26.58 -39.27
CA GLY E 80 -9.42 27.85 -38.56
C GLY E 80 -10.85 28.24 -38.25
N THR E 81 -10.97 29.20 -37.33
CA THR E 81 -12.24 29.84 -37.02
C THR E 81 -12.04 31.35 -37.08
N TYR E 82 -13.13 32.08 -37.25
CA TYR E 82 -13.05 33.53 -37.25
C TYR E 82 -14.19 34.08 -36.41
N PHE E 83 -13.95 35.25 -35.84
CA PHE E 83 -14.87 35.88 -34.90
C PHE E 83 -15.47 37.14 -35.50
N VAL E 84 -16.74 37.40 -35.15
CA VAL E 84 -17.40 38.62 -35.59
C VAL E 84 -18.20 39.18 -34.44
N PRO E 85 -18.42 40.50 -34.44
CA PRO E 85 -19.25 41.11 -33.39
C PRO E 85 -20.71 40.69 -33.52
N LEU E 86 -21.57 41.24 -32.67
CA LEU E 86 -22.98 40.87 -32.63
C LEU E 86 -23.88 41.89 -33.31
N ASP E 87 -23.37 42.59 -34.32
CA ASP E 87 -24.17 43.54 -35.07
C ASP E 87 -25.13 42.83 -36.00
N SER E 101 -8.85 35.82 -38.03
CA SER E 101 -8.95 34.40 -37.72
C SER E 101 -7.99 34.03 -36.60
N ILE E 102 -8.30 34.49 -35.39
CA ILE E 102 -7.43 34.23 -34.25
C ILE E 102 -7.49 32.76 -33.87
N GLN E 103 -6.35 32.07 -34.02
CA GLN E 103 -6.27 30.66 -33.66
C GLN E 103 -4.86 30.40 -33.11
N TYR E 104 -4.73 30.50 -31.79
CA TYR E 104 -3.53 30.06 -31.10
C TYR E 104 -3.79 28.81 -30.30
N TYR E 105 -4.94 28.17 -30.50
CA TYR E 105 -5.23 26.91 -29.84
C TYR E 105 -4.18 25.85 -30.12
N GLN E 106 -3.42 26.00 -31.21
CA GLN E 106 -2.47 24.98 -31.61
C GLN E 106 -1.04 25.31 -31.21
N TRP E 107 -0.83 26.30 -30.36
CA TRP E 107 0.53 26.63 -29.95
C TRP E 107 0.70 26.87 -28.47
N VAL E 108 -0.34 27.23 -27.73
CA VAL E 108 -0.20 27.52 -26.31
C VAL E 108 0.27 26.27 -25.57
N PRO E 109 -0.46 25.15 -25.60
CA PRO E 109 -0.07 24.02 -24.74
C PRO E 109 1.15 23.27 -25.23
N TYR E 110 1.83 23.79 -26.23
CA TYR E 110 3.14 23.29 -26.63
C TYR E 110 4.25 24.27 -26.36
N VAL E 111 4.04 25.54 -26.69
CA VAL E 111 5.00 26.55 -26.32
C VAL E 111 5.19 26.58 -24.81
N PHE E 112 4.16 26.22 -24.05
CA PHE E 112 4.33 26.21 -22.60
C PHE E 112 5.31 25.13 -22.15
N ALA E 113 5.19 23.92 -22.70
CA ALA E 113 6.14 22.88 -22.36
C ALA E 113 7.55 23.26 -22.81
N LEU E 114 7.67 23.88 -23.97
CA LEU E 114 8.99 24.34 -24.40
C LEU E 114 9.54 25.39 -23.44
N GLN E 115 8.69 26.29 -22.96
CA GLN E 115 9.11 27.26 -21.96
C GLN E 115 9.63 26.55 -20.71
N ALA E 116 8.91 25.53 -20.25
CA ALA E 116 9.33 24.81 -19.06
C ALA E 116 10.72 24.20 -19.26
N PHE E 117 10.93 23.57 -20.40
CA PHE E 117 12.24 22.99 -20.67
C PHE E 117 13.34 24.06 -20.67
N LEU E 118 13.07 25.18 -21.33
CA LEU E 118 14.08 26.24 -21.39
C LEU E 118 14.30 26.90 -20.04
N PHE E 119 13.32 26.87 -19.15
CA PHE E 119 13.55 27.33 -17.79
C PHE E 119 14.41 26.35 -17.01
N TYR E 120 14.26 25.05 -17.26
CA TYR E 120 15.06 24.10 -16.50
C TYR E 120 16.51 24.08 -16.97
N ILE E 121 16.76 24.43 -18.23
CA ILE E 121 18.12 24.32 -18.78
C ILE E 121 19.21 24.95 -17.92
N PRO E 122 19.08 26.21 -17.46
CA PRO E 122 20.24 26.86 -16.83
C PRO E 122 20.79 26.13 -15.62
N ARG E 123 19.96 25.45 -14.84
CA ARG E 123 20.50 24.65 -13.73
C ARG E 123 21.43 23.56 -14.25
N PHE E 124 21.02 22.90 -15.34
CA PHE E 124 21.90 21.89 -15.94
C PHE E 124 23.17 22.55 -16.46
N ILE E 125 23.06 23.76 -17.00
CA ILE E 125 24.27 24.47 -17.44
C ILE E 125 25.22 24.66 -16.27
N TRP E 126 24.69 25.10 -15.14
CA TRP E 126 25.56 25.35 -13.98
C TRP E 126 26.18 24.06 -13.48
N LYS E 127 25.43 22.96 -13.49
CA LYS E 127 26.02 21.71 -13.01
C LYS E 127 27.11 21.23 -13.96
N ALA E 128 26.89 21.32 -15.27
CA ALA E 128 27.93 20.94 -16.20
C ALA E 128 29.15 21.84 -16.06
N MET E 129 28.92 23.13 -15.81
CA MET E 129 30.04 24.05 -15.69
C MET E 129 30.85 23.79 -14.44
N ILE E 130 30.19 23.42 -13.34
CA ILE E 130 30.95 23.11 -12.13
C ILE E 130 31.66 21.78 -12.29
N ALA E 131 31.11 20.85 -13.07
CA ALA E 131 31.85 19.63 -13.37
C ALA E 131 33.09 19.95 -14.20
N TYR E 132 32.97 20.91 -15.11
CA TYR E 132 34.10 21.30 -15.94
C TYR E 132 35.13 22.13 -15.18
N SER E 133 34.71 22.79 -14.10
CA SER E 133 35.62 23.67 -13.39
C SER E 133 36.74 22.92 -12.68
N GLY E 134 36.60 21.61 -12.51
CA GLY E 134 37.61 20.83 -11.83
C GLY E 134 37.26 20.55 -10.38
N TYR E 135 36.70 21.55 -9.70
CA TYR E 135 36.29 21.38 -8.32
C TYR E 135 34.95 20.66 -8.27
N ASP E 136 34.42 20.51 -7.05
CA ASP E 136 33.11 19.89 -6.86
C ASP E 136 32.48 20.49 -5.61
N LEU E 137 31.33 21.14 -5.79
CA LEU E 137 30.68 21.79 -4.65
C LEU E 137 29.77 20.83 -3.91
N ALA E 138 29.06 19.97 -4.62
CA ALA E 138 28.12 19.07 -3.95
C ALA E 138 28.81 18.24 -2.90
N ALA E 139 29.94 17.61 -3.27
CA ALA E 139 30.64 16.75 -2.33
C ALA E 139 31.09 17.52 -1.09
N ALA E 140 31.72 18.68 -1.29
CA ALA E 140 32.27 19.41 -0.15
C ALA E 140 31.16 19.93 0.75
N VAL E 141 30.10 20.47 0.17
CA VAL E 141 29.02 20.98 1.00
C VAL E 141 28.36 19.85 1.77
N LYS E 142 28.11 18.72 1.12
CA LYS E 142 27.52 17.59 1.82
C LYS E 142 28.44 17.11 2.94
N TYR E 143 29.76 17.14 2.69
CA TYR E 143 30.69 16.66 3.70
C TYR E 143 30.69 17.55 4.93
N VAL E 144 30.80 18.86 4.73
CA VAL E 144 30.80 19.74 5.89
C VAL E 144 29.47 19.69 6.60
N ASP E 145 28.37 19.54 5.85
CA ASP E 145 27.06 19.42 6.48
C ASP E 145 26.99 18.19 7.34
N ARG E 146 27.48 17.05 6.84
CA ARG E 146 27.40 15.82 7.60
C ARG E 146 28.26 15.92 8.85
N PHE E 147 29.45 16.50 8.74
CA PHE E 147 30.30 16.65 9.90
C PHE E 147 29.64 17.53 10.97
N TRP E 148 29.06 18.65 10.54
CA TRP E 148 28.39 19.54 11.49
C TRP E 148 27.20 18.86 12.14
N SER E 149 26.38 18.16 11.35
CA SER E 149 25.23 17.48 11.93
C SER E 149 25.63 16.31 12.82
N GLU E 150 26.80 15.73 12.59
CA GLU E 150 27.29 14.68 13.49
C GLU E 150 27.70 15.26 14.82
N ASN E 151 28.61 16.23 14.81
CA ASN E 151 29.13 16.67 16.11
C ASN E 151 28.93 18.16 16.36
N ARG E 152 27.73 18.66 16.12
CA ARG E 152 27.31 19.91 16.73
C ARG E 152 26.52 19.69 18.01
N ASP E 153 26.04 18.48 18.24
CA ASP E 153 25.24 18.17 19.43
C ASP E 153 26.03 17.53 20.54
N LYS E 154 26.95 16.63 20.20
CA LYS E 154 27.73 15.92 21.21
C LYS E 154 28.38 16.90 22.17
N ASP E 155 28.02 16.82 23.44
CA ASP E 155 28.46 17.81 24.42
C ASP E 155 29.97 17.79 24.59
N ASP E 156 30.59 16.63 24.41
CA ASP E 156 32.05 16.53 24.52
C ASP E 156 32.73 17.36 23.44
N LYS E 157 32.26 17.27 22.20
CA LYS E 157 32.93 17.96 21.10
C LYS E 157 32.43 19.39 20.96
N PHE E 158 32.39 20.15 22.05
CA PHE E 158 31.88 21.51 21.93
C PHE E 158 32.78 22.51 22.62
N LYS E 159 33.49 22.08 23.66
CA LYS E 159 34.52 22.94 24.22
C LYS E 159 35.71 23.03 23.29
N THR E 160 36.14 21.88 22.75
CA THR E 160 37.13 21.84 21.68
C THR E 160 36.43 22.02 20.34
N ARG E 161 35.64 23.09 20.23
CA ARG E 161 34.81 23.29 19.05
C ARG E 161 35.65 23.62 17.83
N LEU E 162 36.69 24.43 17.99
CA LEU E 162 37.45 24.87 16.83
C LEU E 162 38.54 23.87 16.45
N ALA E 163 39.09 23.14 17.41
CA ALA E 163 40.06 22.10 17.06
C ALA E 163 39.41 21.02 16.21
N ALA E 164 38.13 20.72 16.46
CA ALA E 164 37.45 19.72 15.65
C ALA E 164 37.33 20.17 14.21
N PHE E 165 36.84 21.38 13.99
CA PHE E 165 36.77 21.91 12.63
C PHE E 165 38.14 22.04 12.01
N GLU E 166 39.17 22.20 12.84
CA GLU E 166 40.52 22.30 12.31
C GLU E 166 41.07 20.96 11.90
N GLY E 167 40.64 19.88 12.54
CA GLY E 167 41.15 18.58 12.17
C GLY E 167 40.58 17.99 10.91
N ARG E 168 39.30 17.63 10.93
CA ARG E 168 38.74 16.82 9.85
C ARG E 168 38.35 17.62 8.61
N PRO E 169 37.39 18.57 8.68
CA PRO E 169 36.81 19.08 7.44
C PRO E 169 37.66 20.14 6.75
N SER E 170 38.37 20.94 7.53
CA SER E 170 39.16 22.00 6.92
C SER E 170 40.30 21.43 6.10
N VAL E 171 40.90 20.33 6.55
CA VAL E 171 41.92 19.67 5.75
C VAL E 171 41.34 19.18 4.44
N TYR E 172 40.11 18.67 4.47
CA TYR E 172 39.45 18.21 3.25
C TYR E 172 39.25 19.37 2.29
N ILE E 173 38.73 20.49 2.78
CA ILE E 173 38.50 21.64 1.92
C ILE E 173 39.81 22.13 1.33
N TRP E 174 40.87 22.20 2.13
CA TRP E 174 42.14 22.67 1.62
C TRP E 174 42.72 21.72 0.59
N ASP E 175 42.56 20.42 0.79
CA ASP E 175 43.04 19.46 -0.19
C ASP E 175 42.28 19.62 -1.50
N GLY E 176 40.96 19.85 -1.42
CA GLY E 176 40.21 20.09 -2.63
C GLY E 176 40.65 21.34 -3.35
N ILE E 177 40.91 22.41 -2.60
CA ILE E 177 41.40 23.65 -3.21
C ILE E 177 42.73 23.40 -3.90
N ARG E 178 43.67 22.76 -3.22
CA ARG E 178 44.99 22.56 -3.79
C ARG E 178 44.95 21.63 -4.98
N LEU E 179 44.00 20.69 -5.02
CA LEU E 179 43.92 19.78 -6.14
C LEU E 179 43.20 20.39 -7.33
N ALA E 180 42.23 21.26 -7.10
CA ALA E 180 41.54 21.92 -8.20
C ALA E 180 42.29 23.14 -8.72
N ARG E 181 43.22 23.68 -7.94
CA ARG E 181 43.96 24.86 -8.38
C ARG E 181 44.74 24.59 -9.64
N LYS E 182 45.11 23.34 -9.88
CA LYS E 182 45.91 22.98 -11.04
C LYS E 182 45.08 22.51 -12.22
N LYS E 183 43.78 22.79 -12.22
CA LYS E 183 42.94 22.39 -13.34
C LYS E 183 41.78 23.39 -13.45
N ARG E 184 41.99 24.43 -14.25
CA ARG E 184 40.95 25.37 -14.65
C ARG E 184 39.98 25.74 -13.54
N SER E 185 40.49 26.00 -12.35
CA SER E 185 39.67 26.56 -11.26
C SER E 185 40.42 27.76 -10.72
N ARG E 186 40.27 28.87 -11.42
CA ARG E 186 40.71 30.17 -10.94
C ARG E 186 39.71 31.23 -11.35
N ASN E 187 38.60 30.84 -11.96
CA ASN E 187 37.57 31.74 -12.45
C ASN E 187 36.20 31.17 -12.16
N MET E 188 36.11 30.33 -11.13
CA MET E 188 34.85 29.67 -10.83
C MET E 188 33.74 30.66 -10.52
N ALA E 189 34.09 31.77 -9.86
CA ALA E 189 33.12 32.84 -9.67
C ALA E 189 32.67 33.40 -11.00
N LEU E 190 33.59 33.52 -11.96
CA LEU E 190 33.20 33.96 -13.29
C LEU E 190 32.23 32.98 -13.93
N PHE E 191 32.49 31.68 -13.77
CA PHE E 191 31.56 30.69 -14.32
C PHE E 191 30.18 30.84 -13.71
N TYR E 192 30.11 31.01 -12.39
CA TYR E 192 28.81 31.16 -11.76
C TYR E 192 28.09 32.40 -12.25
N THR E 193 28.80 33.53 -12.33
CA THR E 193 28.12 34.75 -12.74
C THR E 193 27.74 34.69 -14.20
N LEU E 194 28.48 33.94 -15.02
CA LEU E 194 28.06 33.73 -16.39
C LEU E 194 26.79 32.90 -16.46
N SER E 195 26.70 31.87 -15.62
CA SER E 195 25.46 31.11 -15.54
C SER E 195 24.29 31.99 -15.15
N THR E 196 24.53 32.93 -14.23
CA THR E 196 23.43 33.80 -13.79
C THR E 196 23.04 34.78 -14.89
N VAL E 197 24.01 35.30 -15.64
CA VAL E 197 23.70 36.10 -16.81
C VAL E 197 22.81 35.32 -17.76
N TRP E 198 23.19 34.07 -18.04
CA TRP E 198 22.37 33.24 -18.90
C TRP E 198 20.97 33.08 -18.35
N GLN E 199 20.85 32.90 -17.05
CA GLN E 199 19.54 32.70 -16.45
C GLN E 199 18.66 33.92 -16.60
N ALA E 200 19.22 35.11 -16.38
CA ALA E 200 18.42 36.32 -16.51
C ALA E 200 18.02 36.57 -17.96
N VAL E 201 18.96 36.41 -18.89
CA VAL E 201 18.63 36.56 -20.30
C VAL E 201 17.54 35.57 -20.69
N ASN E 202 17.62 34.35 -20.18
CA ASN E 202 16.60 33.36 -20.49
C ASN E 202 15.25 33.77 -19.96
N ALA E 203 15.21 34.32 -18.75
CA ALA E 203 13.93 34.78 -18.20
C ALA E 203 13.31 35.84 -19.09
N TRP E 204 14.11 36.82 -19.52
CA TRP E 204 13.56 37.87 -20.37
C TRP E 204 13.13 37.33 -21.72
N ILE E 205 13.85 36.35 -22.26
CA ILE E 205 13.48 35.80 -23.55
C ILE E 205 12.18 35.02 -23.45
N GLN E 206 11.99 34.29 -22.35
CA GLN E 206 10.73 33.59 -22.16
C GLN E 206 9.58 34.58 -22.04
N PHE E 207 9.81 35.69 -21.34
CA PHE E 207 8.78 36.71 -21.26
C PHE E 207 8.43 37.26 -22.63
N TYR E 208 9.45 37.51 -23.46
CA TYR E 208 9.19 38.02 -24.80
C TYR E 208 8.42 37.00 -25.64
N ILE E 209 8.82 35.73 -25.58
CA ILE E 209 8.10 34.69 -26.31
C ILE E 209 6.64 34.67 -25.90
N LEU E 210 6.35 34.83 -24.61
CA LEU E 210 4.96 34.85 -24.18
C LEU E 210 4.23 36.04 -24.76
N THR E 211 4.78 37.24 -24.58
CA THR E 211 4.05 38.43 -24.99
C THR E 211 3.90 38.55 -26.50
N GLN E 212 4.62 37.76 -27.29
CA GLN E 212 4.46 37.74 -28.75
C GLN E 212 3.63 36.56 -29.20
N LEU E 213 2.62 36.21 -28.41
CA LEU E 213 1.74 35.08 -28.70
C LEU E 213 0.31 35.59 -28.58
N LEU E 214 -0.20 36.16 -29.67
CA LEU E 214 -1.54 36.74 -29.69
C LEU E 214 -2.27 36.36 -30.98
N LEU E 221 -2.50 45.30 -25.28
CA LEU E 221 -1.92 44.01 -25.61
C LEU E 221 -0.77 43.67 -24.67
N TRP E 222 -0.28 44.68 -23.95
CA TRP E 222 0.89 44.53 -23.09
C TRP E 222 0.53 44.23 -21.65
N GLY E 223 -0.60 43.60 -21.39
CA GLY E 223 -0.91 43.14 -20.05
C GLY E 223 -1.89 44.02 -19.32
N PRO E 224 -1.40 44.86 -18.40
CA PRO E 224 -2.30 45.64 -17.56
C PRO E 224 -3.24 46.55 -18.33
N SER E 225 -2.90 46.95 -19.56
CA SER E 225 -3.88 47.62 -20.41
C SER E 225 -5.09 46.72 -20.65
N ILE E 226 -4.84 45.47 -21.07
CA ILE E 226 -5.94 44.53 -21.29
C ILE E 226 -6.67 44.25 -19.99
N LEU E 227 -5.92 44.13 -18.90
CA LEU E 227 -6.56 43.87 -17.61
C LEU E 227 -7.51 45.00 -17.22
N GLY E 228 -7.05 46.25 -17.36
CA GLY E 228 -7.91 47.38 -17.05
C GLY E 228 -9.11 47.44 -17.98
N ASP E 229 -8.90 47.11 -19.26
CA ASP E 229 -10.03 46.99 -20.17
C ASP E 229 -11.02 45.93 -19.70
N LEU E 230 -10.53 44.89 -19.03
CA LEU E 230 -11.39 43.89 -18.44
C LEU E 230 -11.86 44.25 -17.04
N LEU E 231 -11.14 45.12 -16.34
CA LEU E 231 -11.59 45.55 -15.03
C LEU E 231 -12.67 46.61 -15.10
N GLN E 232 -12.78 47.31 -16.23
CA GLN E 232 -13.81 48.32 -16.41
C GLN E 232 -15.10 47.78 -17.00
N GLY E 233 -15.13 46.50 -17.37
CA GLY E 233 -16.37 45.90 -17.85
C GLY E 233 -16.51 45.86 -19.35
N ASN E 234 -15.47 45.41 -20.05
CA ASN E 234 -15.50 45.20 -21.50
C ASN E 234 -14.97 43.78 -21.71
N ASP E 235 -15.87 42.79 -21.71
CA ASP E 235 -15.42 41.43 -21.50
C ASP E 235 -14.84 40.81 -22.78
N TRP E 236 -15.67 40.49 -23.76
CA TRP E 236 -15.10 40.11 -25.05
C TRP E 236 -15.87 40.59 -26.26
N GLN E 237 -17.17 40.85 -26.17
CA GLN E 237 -17.92 41.25 -27.35
C GLN E 237 -17.69 42.71 -27.71
N THR E 238 -17.30 43.53 -26.74
CA THR E 238 -16.94 44.92 -27.00
C THR E 238 -15.44 45.10 -27.14
N THR E 239 -14.70 44.01 -27.35
CA THR E 239 -13.25 44.03 -27.41
C THR E 239 -12.69 43.53 -28.72
N GLY E 240 -13.28 42.49 -29.29
CA GLY E 240 -12.73 41.88 -30.49
C GLY E 240 -11.85 40.70 -30.20
N HIS E 241 -10.75 40.93 -29.49
CA HIS E 241 -9.83 39.86 -29.16
C HIS E 241 -10.46 38.93 -28.13
N PHE E 242 -9.80 37.77 -27.91
CA PHE E 242 -10.21 36.82 -26.89
C PHE E 242 -11.68 36.46 -27.08
N PRO E 243 -12.01 35.66 -28.08
CA PRO E 243 -13.41 35.32 -28.32
C PRO E 243 -13.79 34.00 -27.68
N ARG E 244 -15.11 33.82 -27.53
CA ARG E 244 -15.66 32.56 -27.06
C ARG E 244 -16.85 32.09 -27.87
N ILE E 245 -17.35 32.88 -28.82
CA ILE E 245 -18.43 32.50 -29.71
C ILE E 245 -18.00 32.88 -31.11
N VAL E 246 -17.70 31.89 -31.95
CA VAL E 246 -17.07 32.13 -33.23
C VAL E 246 -17.79 31.33 -34.31
N HIS E 247 -17.90 31.93 -35.49
CA HIS E 247 -18.52 31.27 -36.62
C HIS E 247 -17.51 30.38 -37.34
N CYS E 248 -18.03 29.45 -38.11
CA CYS E 248 -17.21 28.43 -38.74
C CYS E 248 -17.55 28.30 -40.22
N ASP E 249 -16.51 28.19 -41.06
CA ASP E 249 -16.71 27.96 -42.48
C ASP E 249 -17.14 26.52 -42.71
N PHE E 250 -18.03 26.33 -43.67
CA PHE E 250 -18.50 24.98 -43.98
C PHE E 250 -19.20 25.02 -45.33
N ASN E 251 -18.64 24.30 -46.30
CA ASN E 251 -19.25 24.22 -47.62
C ASN E 251 -20.26 23.08 -47.71
N THR E 262 -22.26 29.16 -41.24
CA THR E 262 -23.08 29.57 -40.12
C THR E 262 -23.17 28.49 -39.06
N VAL E 263 -22.02 27.91 -38.71
CA VAL E 263 -22.02 26.77 -37.80
C VAL E 263 -21.98 27.20 -36.34
N LEU E 264 -21.40 28.37 -36.05
CA LEU E 264 -21.50 28.98 -34.72
C LEU E 264 -21.00 28.03 -33.63
N CYS E 265 -19.70 27.76 -33.67
CA CYS E 265 -19.08 26.92 -32.68
C CYS E 265 -18.60 27.75 -31.50
N VAL E 266 -18.76 27.21 -30.29
CA VAL E 266 -18.34 27.83 -29.05
C VAL E 266 -17.06 27.18 -28.57
N LEU E 267 -16.12 27.99 -28.10
CA LEU E 267 -14.80 27.55 -27.66
C LEU E 267 -14.80 27.54 -26.14
N THR E 268 -14.91 26.36 -25.56
CA THR E 268 -14.87 26.27 -24.10
C THR E 268 -13.52 26.69 -23.57
N LEU E 269 -12.44 26.10 -24.10
CA LEU E 269 -11.10 26.32 -23.56
C LEU E 269 -10.75 27.78 -23.46
N ASN E 270 -11.19 28.59 -24.42
CA ASN E 270 -10.84 30.00 -24.43
C ASN E 270 -11.28 30.74 -23.18
N ILE E 271 -12.07 30.12 -22.31
CA ILE E 271 -12.36 30.75 -21.03
C ILE E 271 -11.24 30.53 -20.04
N TYR E 272 -10.40 29.51 -20.23
CA TYR E 272 -9.29 29.26 -19.33
C TYR E 272 -7.99 29.89 -19.80
N TYR E 273 -7.94 30.40 -21.03
CA TYR E 273 -6.70 31.02 -21.50
C TYR E 273 -6.58 32.45 -20.97
N GLU E 274 -7.49 33.32 -21.37
CA GLU E 274 -7.34 34.68 -20.89
C GLU E 274 -7.60 34.83 -19.43
N LYS E 275 -7.81 33.77 -18.68
CA LYS E 275 -7.61 33.80 -17.24
C LYS E 275 -6.30 33.19 -16.83
N LEU E 276 -5.45 32.83 -17.79
CA LEU E 276 -4.14 32.26 -17.53
C LEU E 276 -3.00 33.14 -18.03
N PHE E 277 -3.19 33.82 -19.16
CA PHE E 277 -2.20 34.81 -19.59
C PHE E 277 -2.12 35.94 -18.59
N ILE E 278 -3.27 36.38 -18.07
CA ILE E 278 -3.30 37.45 -17.09
C ILE E 278 -2.41 37.13 -15.90
N PHE E 279 -2.27 35.84 -15.58
CA PHE E 279 -1.46 35.45 -14.44
C PHE E 279 -0.01 35.19 -14.84
N LEU E 280 0.20 34.49 -15.95
CA LEU E 280 1.57 34.19 -16.37
C LEU E 280 2.35 35.44 -16.70
N TRP E 281 1.68 36.49 -17.19
CA TRP E 281 2.37 37.74 -17.44
C TRP E 281 2.98 38.28 -16.15
N PHE E 282 2.15 38.43 -15.12
CA PHE E 282 2.65 38.91 -13.84
C PHE E 282 3.76 38.02 -13.32
N TRP E 283 3.56 36.71 -13.36
CA TRP E 283 4.52 35.83 -12.71
C TRP E 283 5.85 35.81 -13.46
N LEU E 284 5.81 35.83 -14.78
CA LEU E 284 7.05 35.87 -15.54
C LEU E 284 7.78 37.19 -15.36
N VAL E 285 7.05 38.30 -15.28
CA VAL E 285 7.79 39.55 -15.09
C VAL E 285 8.41 39.60 -13.70
N PHE E 286 7.73 39.03 -12.71
CA PHE E 286 8.32 38.97 -11.36
C PHE E 286 9.57 38.11 -11.34
N VAL E 287 9.48 36.92 -11.93
CA VAL E 287 10.66 36.04 -12.00
C VAL E 287 11.79 36.74 -12.73
N ALA E 288 11.47 37.47 -13.80
CA ALA E 288 12.51 38.11 -14.59
C ALA E 288 13.24 39.17 -13.79
N VAL E 289 12.49 40.05 -13.12
CA VAL E 289 13.19 41.09 -12.36
C VAL E 289 13.93 40.52 -11.16
N VAL E 290 13.43 39.44 -10.54
CA VAL E 290 14.18 38.83 -9.45
C VAL E 290 15.51 38.27 -9.95
N SER E 291 15.45 37.47 -11.00
CA SER E 291 16.69 36.94 -11.55
C SER E 291 17.62 38.04 -12.03
N THR E 292 17.09 39.16 -12.53
CA THR E 292 17.96 40.23 -12.97
C THR E 292 18.63 40.95 -11.80
N VAL E 293 17.93 41.17 -10.69
CA VAL E 293 18.62 41.79 -9.57
C VAL E 293 19.64 40.82 -8.99
N ASN E 294 19.37 39.52 -9.03
CA ASN E 294 20.40 38.57 -8.60
C ASN E 294 21.62 38.64 -9.50
N CYS E 295 21.39 38.73 -10.81
CA CYS E 295 22.50 38.82 -11.75
C CYS E 295 23.32 40.09 -11.52
N PHE E 296 22.64 41.20 -11.29
CA PHE E 296 23.37 42.45 -11.06
C PHE E 296 24.17 42.37 -9.77
N LYS E 297 23.59 41.80 -8.72
CA LYS E 297 24.34 41.61 -7.49
C LYS E 297 25.60 40.81 -7.74
N TRP E 298 25.49 39.72 -8.50
CA TRP E 298 26.67 38.88 -8.70
C TRP E 298 27.70 39.55 -9.59
N ILE E 299 27.27 40.29 -10.60
CA ILE E 299 28.24 40.92 -11.49
C ILE E 299 28.97 42.04 -10.78
N TYR E 300 28.27 42.78 -9.92
CA TYR E 300 28.95 43.80 -9.13
C TYR E 300 29.85 43.17 -8.08
N TYR E 301 29.46 42.02 -7.54
CA TYR E 301 30.34 41.26 -6.66
C TYR E 301 31.65 40.93 -7.36
N LEU E 302 31.56 40.29 -8.53
CA LEU E 302 32.76 39.88 -9.23
C LEU E 302 33.61 41.07 -9.63
N CYS E 303 32.98 42.12 -10.14
CA CYS E 303 33.75 43.24 -10.69
C CYS E 303 34.48 44.00 -9.60
N ASN E 304 33.89 44.11 -8.41
CA ASN E 304 34.48 44.95 -7.37
C ASN E 304 35.73 44.32 -6.79
N LYS E 305 35.62 43.07 -6.32
CA LYS E 305 36.74 42.28 -5.84
C LYS E 305 37.27 42.83 -4.51
N THR E 306 36.76 43.97 -4.09
CA THR E 306 37.19 44.60 -2.85
C THR E 306 36.16 44.53 -1.74
N LYS E 307 34.88 44.73 -2.06
CA LYS E 307 33.81 44.49 -1.12
C LYS E 307 33.25 43.07 -1.24
N ALA E 308 34.02 42.16 -1.82
CA ALA E 308 33.69 40.74 -1.75
C ALA E 308 34.24 40.10 -0.49
N GLN E 309 35.30 40.66 0.09
CA GLN E 309 35.90 40.16 1.31
C GLN E 309 35.30 40.77 2.55
N LYS E 310 34.05 41.25 2.48
CA LYS E 310 33.42 41.82 3.66
C LYS E 310 33.08 40.72 4.67
N THR E 311 32.34 39.71 4.23
CA THR E 311 31.92 38.66 5.13
C THR E 311 33.11 37.90 5.70
N ILE E 312 34.17 37.72 4.91
CA ILE E 312 35.32 36.99 5.41
C ILE E 312 36.05 37.79 6.48
N LYS E 313 36.25 39.08 6.24
CA LYS E 313 36.90 39.91 7.25
C LYS E 313 36.04 40.04 8.49
N ASN E 314 34.73 39.94 8.35
CA ASN E 314 33.89 39.98 9.54
C ASN E 314 33.91 38.65 10.29
N TYR E 315 34.03 37.54 9.57
CA TYR E 315 34.19 36.25 10.24
C TYR E 315 35.48 36.20 11.03
N LEU E 316 36.59 36.58 10.39
CA LEU E 316 37.90 36.48 11.00
C LEU E 316 38.08 37.37 12.22
N SER E 317 37.11 38.22 12.54
CA SER E 317 37.21 39.09 13.71
C SER E 317 36.46 38.53 14.90
N THR E 318 36.42 37.21 15.03
CA THR E 318 35.74 36.61 16.18
C THR E 318 36.64 35.72 17.00
N ALA E 319 37.50 34.92 16.36
CA ALA E 319 38.36 34.02 17.11
C ALA E 319 39.28 34.81 18.01
N PRO E 320 39.24 34.61 19.32
CA PRO E 320 39.98 35.45 20.27
C PRO E 320 41.47 35.14 20.32
N ILE E 321 42.09 34.99 19.16
CA ILE E 321 43.51 34.67 19.08
C ILE E 321 44.23 35.71 18.24
N LYS E 322 43.86 35.82 16.96
CA LYS E 322 44.58 36.62 15.99
C LYS E 322 46.06 36.23 15.98
N SER E 323 46.31 34.97 15.61
CA SER E 323 47.56 34.35 15.99
C SER E 323 48.77 34.91 15.24
N THR E 324 48.89 34.63 13.94
CA THR E 324 50.04 35.15 13.23
C THR E 324 49.69 35.75 11.87
N ILE E 325 48.78 35.09 11.16
CA ILE E 325 48.69 35.27 9.71
C ILE E 325 47.84 36.50 9.42
N SER E 326 48.43 37.46 8.70
CA SER E 326 47.67 38.62 8.25
C SER E 326 46.61 38.18 7.26
N ASP E 327 45.59 39.03 7.11
CA ASP E 327 44.49 38.69 6.21
C ASP E 327 44.95 38.69 4.76
N ASP E 328 45.72 39.69 4.36
CA ASP E 328 46.04 39.87 2.94
C ASP E 328 46.79 38.67 2.38
N GLN E 329 47.75 38.14 3.14
CA GLN E 329 48.41 36.92 2.70
C GLN E 329 47.44 35.76 2.69
N PHE E 330 46.57 35.69 3.70
CA PHE E 330 45.55 34.64 3.72
C PHE E 330 44.65 34.75 2.49
N PHE E 331 44.19 35.96 2.19
CA PHE E 331 43.33 36.13 1.02
C PHE E 331 44.06 35.76 -0.27
N SER E 332 45.30 36.20 -0.42
CA SER E 332 46.04 35.83 -1.62
C SER E 332 46.23 34.32 -1.70
N ALA E 333 46.32 33.65 -0.57
CA ALA E 333 46.32 32.19 -0.57
C ALA E 333 44.96 31.62 -0.93
N LEU E 334 43.89 32.38 -0.68
CA LEU E 334 42.53 31.93 -0.90
C LEU E 334 41.85 32.77 -1.97
N GLY E 335 42.60 33.26 -2.95
CA GLY E 335 42.10 34.35 -3.78
C GLY E 335 40.97 33.96 -4.71
N GLU E 336 41.27 33.08 -5.66
CA GLU E 336 40.33 32.82 -6.75
C GLU E 336 39.11 32.04 -6.27
N ASP E 337 39.34 30.83 -5.78
CA ASP E 337 38.25 29.88 -5.52
C ASP E 337 37.71 30.01 -4.11
N GLY E 338 38.56 29.83 -3.11
CA GLY E 338 38.09 29.73 -1.74
C GLY E 338 37.16 30.85 -1.33
N LEU E 339 37.37 32.05 -1.89
CA LEU E 339 36.46 33.15 -1.58
C LEU E 339 35.05 32.84 -2.02
N PHE E 340 34.86 31.93 -2.98
CA PHE E 340 33.54 31.53 -3.43
C PHE E 340 33.04 30.29 -2.70
N ILE E 341 33.93 29.34 -2.40
CA ILE E 341 33.53 28.18 -1.62
C ILE E 341 33.02 28.61 -0.26
N MET E 342 33.68 29.58 0.37
CA MET E 342 33.21 30.04 1.67
C MET E 342 31.83 30.66 1.56
N ASP E 343 31.56 31.36 0.46
CA ASP E 343 30.24 31.93 0.26
C ASP E 343 29.20 30.84 0.13
N GLN E 344 29.50 29.81 -0.66
CA GLN E 344 28.55 28.72 -0.81
C GLN E 344 28.30 28.02 0.52
N MET E 345 29.35 27.84 1.32
CA MET E 345 29.17 27.23 2.62
C MET E 345 28.27 28.08 3.51
N ALA E 346 28.50 29.39 3.51
CA ALA E 346 27.62 30.27 4.26
C ALA E 346 26.19 30.17 3.78
N LEU E 347 26.00 29.95 2.49
CA LEU E 347 24.65 29.93 1.94
C LEU E 347 23.92 28.65 2.29
N ASN E 348 24.64 27.52 2.35
CA ASN E 348 23.98 26.24 2.61
C ASN E 348 23.87 25.93 4.09
N LEU E 349 24.95 26.13 4.84
CA LEU E 349 24.99 25.69 6.22
C LEU E 349 24.46 26.75 7.17
N GLY E 350 24.76 28.00 6.91
CA GLY E 350 24.44 29.08 7.80
C GLY E 350 25.66 29.94 7.99
N ASP E 351 25.70 30.67 9.09
CA ASP E 351 26.86 31.50 9.39
C ASP E 351 27.71 30.93 10.51
N ILE E 352 27.09 30.43 11.57
CA ILE E 352 27.86 29.80 12.64
C ILE E 352 28.71 28.65 12.12
N PRO E 353 28.15 27.66 11.43
CA PRO E 353 29.01 26.56 10.97
C PRO E 353 29.85 26.94 9.77
N ALA E 354 29.95 28.22 9.47
CA ALA E 354 30.87 28.69 8.45
C ALA E 354 31.95 29.60 9.00
N SER E 355 31.66 30.37 10.05
CA SER E 355 32.70 31.17 10.66
C SER E 355 33.78 30.28 11.25
N TYR E 356 33.39 29.20 11.92
CA TYR E 356 34.37 28.24 12.41
C TYR E 356 35.21 27.70 11.27
N LEU E 357 34.58 27.39 10.14
CA LEU E 357 35.29 26.83 9.01
C LEU E 357 36.33 27.81 8.49
N THR E 358 35.93 29.06 8.27
CA THR E 358 36.87 30.01 7.70
C THR E 358 37.93 30.44 8.70
N ILE E 359 37.67 30.32 10.00
CA ILE E 359 38.74 30.55 10.97
C ILE E 359 39.75 29.43 10.92
N SER E 360 39.27 28.19 10.96
CA SER E 360 40.17 27.04 10.88
C SER E 360 41.00 27.10 9.61
N MET E 361 40.38 27.41 8.48
CA MET E 361 41.15 27.49 7.25
C MET E 361 42.15 28.62 7.25
N ARG E 362 42.07 29.55 8.20
CA ARG E 362 43.14 30.51 8.36
C ARG E 362 44.24 29.98 9.26
N ASN E 363 43.87 29.23 10.29
CA ASN E 363 44.88 28.77 11.23
C ASN E 363 45.82 27.72 10.67
N ILE E 364 45.58 27.21 9.46
CA ILE E 364 46.45 26.19 8.89
C ILE E 364 46.89 26.55 7.47
N CYS E 365 46.71 27.81 7.05
CA CYS E 365 47.01 28.15 5.68
C CYS E 365 48.52 28.10 5.43
N GLN E 366 49.00 26.96 4.93
CA GLN E 366 50.43 26.79 4.73
C GLN E 366 50.78 26.18 3.38
N ASP E 367 49.82 26.03 2.47
CA ASP E 367 50.15 25.56 1.14
C ASP E 367 50.71 26.68 0.27
N PHE E 368 50.23 27.91 0.46
CA PHE E 368 50.82 29.07 -0.19
C PHE E 368 51.66 29.91 0.75
N ILE E 369 51.09 30.33 1.88
CA ILE E 369 51.82 31.16 2.83
C ILE E 369 51.44 30.76 4.24
N LYS F 23 28.76 0.56 -10.31
CA LYS F 23 28.18 1.84 -10.67
C LYS F 23 28.93 2.46 -11.85
N GLY F 24 28.37 3.54 -12.38
CA GLY F 24 29.02 4.30 -13.42
C GLY F 24 28.31 5.59 -13.70
N ASP F 25 29.04 6.70 -13.72
CA ASP F 25 28.48 8.03 -13.94
C ASP F 25 29.11 8.66 -15.18
N LEU F 26 29.20 7.89 -16.26
CA LEU F 26 29.88 8.35 -17.46
C LEU F 26 29.30 9.66 -17.97
N ALA F 27 30.19 10.64 -18.19
CA ALA F 27 29.76 12.00 -18.52
C ALA F 27 29.14 12.02 -19.91
N ASP F 28 27.83 12.22 -19.96
CA ASP F 28 27.10 12.39 -21.21
C ASP F 28 27.23 11.16 -22.11
N ARG F 29 27.49 10.01 -21.50
CA ARG F 29 27.09 8.74 -22.05
C ARG F 29 25.81 8.25 -21.41
N LEU F 30 25.35 8.92 -20.36
CA LEU F 30 24.03 8.69 -19.79
C LEU F 30 22.94 9.41 -20.56
N ASN F 31 23.24 9.92 -21.74
CA ASN F 31 22.19 10.34 -22.65
C ASN F 31 21.58 9.19 -23.42
N SER F 32 22.16 7.98 -23.32
CA SER F 32 21.44 6.78 -23.73
C SER F 32 20.23 6.57 -22.84
N ARG F 33 20.39 6.79 -21.54
CA ARG F 33 19.26 6.64 -20.62
C ARG F 33 18.12 7.60 -20.98
N VAL F 34 18.42 8.89 -21.02
CA VAL F 34 17.36 9.86 -21.30
C VAL F 34 16.82 9.69 -22.71
N THR F 35 17.67 9.32 -23.67
CA THR F 35 17.19 9.12 -25.03
C THR F 35 16.22 7.95 -25.11
N VAL F 36 16.60 6.82 -24.53
CA VAL F 36 15.70 5.67 -24.52
C VAL F 36 14.39 6.04 -23.86
N VAL F 37 14.45 6.75 -22.73
CA VAL F 37 13.21 7.08 -22.03
C VAL F 37 12.32 7.94 -22.91
N ILE F 38 12.86 9.02 -23.48
CA ILE F 38 12.02 9.94 -24.23
C ILE F 38 11.44 9.25 -25.47
N LEU F 39 12.27 8.52 -26.21
CA LEU F 39 11.78 7.87 -27.43
C LEU F 39 10.75 6.80 -27.10
N ALA F 40 11.00 5.99 -26.08
CA ALA F 40 10.07 4.93 -25.75
C ALA F 40 8.76 5.47 -25.22
N VAL F 41 8.80 6.55 -24.45
CA VAL F 41 7.54 7.10 -23.95
C VAL F 41 6.74 7.74 -25.07
N SER F 42 7.42 8.36 -26.03
CA SER F 42 6.70 8.88 -27.19
C SER F 42 6.06 7.75 -27.98
N SER F 43 6.81 6.68 -28.23
CA SER F 43 6.30 5.57 -29.02
C SER F 43 5.12 4.91 -28.32
N ALA F 44 5.25 4.65 -27.02
CA ALA F 44 4.15 4.06 -26.27
C ALA F 44 2.93 4.95 -26.24
N LEU F 45 3.12 6.27 -26.10
CA LEU F 45 1.98 7.18 -26.12
C LEU F 45 1.25 7.13 -27.46
N LEU F 46 2.00 7.17 -28.56
CA LEU F 46 1.34 7.17 -29.86
C LEU F 46 0.64 5.84 -30.13
N LEU F 47 1.27 4.72 -29.74
CA LEU F 47 0.63 3.43 -29.95
C LEU F 47 -0.63 3.30 -29.12
N SER F 48 -0.57 3.71 -27.85
CA SER F 48 -1.78 3.69 -27.04
C SER F 48 -2.84 4.62 -27.59
N SER F 49 -2.42 5.72 -28.21
CA SER F 49 -3.38 6.65 -28.80
C SER F 49 -4.15 5.99 -29.93
N HIS F 50 -3.45 5.57 -30.97
CA HIS F 50 -4.14 4.96 -32.10
C HIS F 50 -4.40 3.47 -31.88
N PHE F 51 -4.40 3.01 -30.63
CA PHE F 51 -4.98 1.73 -30.26
C PHE F 51 -6.15 1.85 -29.30
N ILE F 52 -6.38 3.01 -28.71
CA ILE F 52 -7.45 3.20 -27.74
C ILE F 52 -8.42 4.24 -28.25
N GLY F 53 -7.94 5.47 -28.44
CA GLY F 53 -8.79 6.53 -28.93
C GLY F 53 -9.11 6.35 -30.40
N ASP F 54 -9.59 7.44 -31.00
CA ASP F 54 -9.90 7.44 -32.42
C ASP F 54 -8.79 8.13 -33.18
N PRO F 55 -8.03 7.43 -34.02
CA PRO F 55 -6.94 8.06 -34.75
C PRO F 55 -7.38 8.75 -36.03
N ILE F 56 -8.67 8.76 -36.33
CA ILE F 56 -9.18 9.34 -37.56
C ILE F 56 -10.68 9.50 -37.43
N THR F 57 -11.26 10.42 -38.17
CA THR F 57 -12.71 10.55 -38.20
C THR F 57 -13.14 10.77 -39.65
N CYS F 58 -14.35 10.33 -39.98
CA CYS F 58 -14.79 10.40 -41.36
C CYS F 58 -16.23 10.90 -41.43
N TRP F 59 -16.57 11.48 -42.58
CA TRP F 59 -17.84 12.18 -42.73
C TRP F 59 -18.32 12.05 -44.17
N THR F 60 -19.29 11.19 -44.41
CA THR F 60 -19.81 11.38 -45.76
C THR F 60 -21.16 12.06 -45.71
N PRO F 61 -21.45 12.97 -46.63
CA PRO F 61 -22.67 13.78 -46.49
C PRO F 61 -23.91 13.09 -47.02
N ALA F 62 -24.10 11.81 -46.73
CA ALA F 62 -25.32 11.12 -47.12
C ALA F 62 -26.15 10.69 -45.92
N GLN F 63 -25.60 9.85 -45.04
CA GLN F 63 -26.27 9.38 -43.83
C GLN F 63 -25.30 8.47 -43.10
N PHE F 64 -25.54 8.30 -41.80
CA PHE F 64 -24.74 7.40 -40.99
C PHE F 64 -25.65 6.50 -40.18
N ASN F 65 -25.06 5.43 -39.65
CA ASN F 65 -25.77 4.53 -38.76
C ASN F 65 -24.91 4.08 -37.59
N ALA F 66 -23.87 4.85 -37.25
CA ALA F 66 -22.94 4.52 -36.16
C ALA F 66 -22.21 3.21 -36.44
N GLN F 67 -22.45 2.62 -37.60
CA GLN F 67 -21.71 1.48 -38.08
C GLN F 67 -21.03 1.73 -39.41
N TRP F 68 -21.53 2.68 -40.20
CA TRP F 68 -20.74 3.18 -41.32
C TRP F 68 -19.44 3.77 -40.82
N VAL F 69 -19.52 4.69 -39.87
CA VAL F 69 -18.31 5.42 -39.46
C VAL F 69 -17.36 4.50 -38.70
N ASN F 70 -17.90 3.60 -37.88
CA ASN F 70 -17.02 2.73 -37.11
C ASN F 70 -16.24 1.78 -38.00
N PHE F 71 -16.65 1.63 -39.25
CA PHE F 71 -15.88 0.85 -40.22
C PHE F 71 -15.05 1.73 -41.12
N VAL F 72 -15.63 2.82 -41.63
CA VAL F 72 -14.87 3.70 -42.51
C VAL F 72 -13.64 4.24 -41.79
N ASN F 73 -13.70 4.41 -40.48
CA ASN F 73 -12.51 4.82 -39.75
C ASN F 73 -11.37 3.85 -40.00
N GLN F 74 -11.57 2.57 -39.67
CA GLN F 74 -10.52 1.59 -39.89
C GLN F 74 -10.14 1.47 -41.35
N TYR F 75 -11.12 1.55 -42.25
CA TYR F 75 -10.81 1.40 -43.66
C TYR F 75 -9.90 2.51 -44.14
N CYS F 76 -10.35 3.75 -43.99
CA CYS F 76 -9.56 4.88 -44.44
C CYS F 76 -8.25 5.00 -43.70
N PHE F 77 -8.14 4.41 -42.51
CA PHE F 77 -6.87 4.43 -41.79
C PHE F 77 -5.89 3.43 -42.39
N VAL F 78 -6.31 2.17 -42.48
CA VAL F 78 -5.45 1.14 -43.08
C VAL F 78 -5.13 1.50 -44.52
N HIS F 79 -6.15 1.58 -45.36
CA HIS F 79 -5.92 2.00 -46.73
C HIS F 79 -5.36 3.42 -46.76
N GLY F 80 -4.71 3.75 -47.86
CA GLY F 80 -4.07 5.04 -47.97
C GLY F 80 -5.07 6.19 -48.02
N THR F 81 -4.54 7.38 -47.79
CA THR F 81 -5.29 8.62 -47.96
C THR F 81 -4.45 9.57 -48.80
N TYR F 82 -5.11 10.53 -49.42
CA TYR F 82 -4.39 11.53 -50.21
C TYR F 82 -4.95 12.90 -49.88
N PHE F 83 -4.10 13.91 -50.03
CA PHE F 83 -4.40 15.28 -49.65
C PHE F 83 -4.50 16.16 -50.88
N VAL F 84 -5.40 17.14 -50.82
CA VAL F 84 -5.54 18.13 -51.90
C VAL F 84 -5.72 19.50 -51.30
N PRO F 85 -5.31 20.53 -52.02
CA PRO F 85 -5.55 21.90 -51.54
C PRO F 85 -7.01 22.27 -51.52
N LEU F 86 -7.33 23.51 -51.17
CA LEU F 86 -8.72 23.95 -51.04
C LEU F 86 -9.18 24.78 -52.22
N ASP F 87 -8.65 24.52 -53.41
CA ASP F 87 -9.07 25.22 -54.61
C ASP F 87 -10.44 24.72 -55.06
N SER F 101 0.11 10.70 -51.81
CA SER F 101 -0.55 9.89 -50.78
C SER F 101 0.36 9.71 -49.58
N ILE F 102 0.56 10.80 -48.84
CA ILE F 102 1.46 10.77 -47.69
C ILE F 102 0.83 9.94 -46.58
N GLN F 103 1.47 8.82 -46.25
CA GLN F 103 0.98 7.96 -45.17
C GLN F 103 2.21 7.36 -44.47
N TYR F 104 2.66 8.01 -43.41
CA TYR F 104 3.65 7.46 -42.51
C TYR F 104 3.05 7.11 -41.17
N TYR F 105 1.72 7.12 -41.08
CA TYR F 105 1.05 6.70 -39.86
C TYR F 105 1.42 5.29 -39.45
N GLN F 106 1.91 4.48 -40.38
CA GLN F 106 2.20 3.08 -40.10
C GLN F 106 3.66 2.81 -39.85
N TRP F 107 4.47 3.83 -39.66
CA TRP F 107 5.89 3.61 -39.41
C TRP F 107 6.48 4.44 -38.28
N VAL F 108 5.88 5.58 -37.93
CA VAL F 108 6.46 6.42 -36.89
C VAL F 108 6.46 5.69 -35.56
N PRO F 109 5.32 5.24 -35.03
CA PRO F 109 5.33 4.68 -33.67
C PRO F 109 5.95 3.29 -33.59
N TYR F 110 6.57 2.82 -34.66
CA TYR F 110 7.39 1.62 -34.63
C TYR F 110 8.85 1.90 -34.84
N VAL F 111 9.16 2.73 -35.84
CA VAL F 111 10.53 3.17 -36.01
C VAL F 111 11.03 3.85 -34.75
N PHE F 112 10.14 4.49 -33.99
CA PHE F 112 10.60 5.13 -32.75
C PHE F 112 11.06 4.11 -31.73
N ALA F 113 10.30 3.03 -31.54
CA ALA F 113 10.74 1.99 -30.61
C ALA F 113 12.03 1.34 -31.09
N LEU F 114 12.15 1.14 -32.41
CA LEU F 114 13.40 0.60 -32.92
C LEU F 114 14.57 1.55 -32.66
N GLN F 115 14.34 2.86 -32.80
CA GLN F 115 15.36 3.84 -32.46
C GLN F 115 15.76 3.71 -31.00
N ALA F 116 14.78 3.57 -30.11
CA ALA F 116 15.08 3.45 -28.69
C ALA F 116 15.97 2.24 -28.43
N PHE F 117 15.63 1.11 -29.02
CA PHE F 117 16.45 -0.09 -28.84
C PHE F 117 17.87 0.14 -29.34
N LEU F 118 18.00 0.73 -30.53
CA LEU F 118 19.33 0.95 -31.08
C LEU F 118 20.13 1.99 -30.30
N PHE F 119 19.45 2.90 -29.60
CA PHE F 119 20.15 3.79 -28.70
C PHE F 119 20.63 3.07 -27.46
N TYR F 120 19.86 2.10 -26.97
CA TYR F 120 20.30 1.40 -25.76
C TYR F 120 21.45 0.44 -26.04
N ILE F 121 21.55 -0.05 -27.27
CA ILE F 121 22.54 -1.09 -27.57
C ILE F 121 23.96 -0.74 -27.11
N PRO F 122 24.52 0.44 -27.43
CA PRO F 122 25.96 0.65 -27.17
C PRO F 122 26.37 0.47 -25.72
N ARG F 123 25.51 0.78 -24.76
CA ARG F 123 25.87 0.51 -23.37
C ARG F 123 26.07 -0.98 -23.14
N PHE F 124 25.18 -1.81 -23.71
CA PHE F 124 25.37 -3.25 -23.62
C PHE F 124 26.65 -3.67 -24.31
N ILE F 125 26.98 -3.02 -25.44
CA ILE F 125 28.24 -3.34 -26.10
C ILE F 125 29.40 -3.08 -25.16
N TRP F 126 29.40 -1.94 -24.48
CA TRP F 126 30.51 -1.62 -23.60
C TRP F 126 30.59 -2.59 -22.43
N LYS F 127 29.44 -2.99 -21.90
CA LYS F 127 29.49 -3.94 -20.78
C LYS F 127 30.02 -5.29 -21.23
N ALA F 128 29.58 -5.78 -22.39
CA ALA F 128 30.11 -7.03 -22.89
C ALA F 128 31.60 -6.92 -23.18
N MET F 129 32.04 -5.76 -23.68
CA MET F 129 33.44 -5.60 -24.01
C MET F 129 34.30 -5.56 -22.77
N ILE F 130 33.81 -4.94 -21.69
CA ILE F 130 34.59 -4.93 -20.47
C ILE F 130 34.57 -6.30 -19.81
N ALA F 131 33.51 -7.08 -20.01
CA ALA F 131 33.55 -8.46 -19.54
C ALA F 131 34.57 -9.27 -20.31
N TYR F 132 34.71 -8.99 -21.60
CA TYR F 132 35.68 -9.69 -22.43
C TYR F 132 37.10 -9.22 -22.18
N SER F 133 37.28 -8.00 -21.67
CA SER F 133 38.62 -7.47 -21.48
C SER F 133 39.40 -8.20 -20.40
N GLY F 134 38.74 -8.97 -19.56
CA GLY F 134 39.41 -9.68 -18.49
C GLY F 134 39.30 -8.97 -17.16
N TYR F 135 39.41 -7.65 -17.18
CA TYR F 135 39.28 -6.88 -15.96
C TYR F 135 37.81 -6.70 -15.62
N ASP F 136 37.54 -5.93 -14.56
CA ASP F 136 36.18 -5.62 -14.15
C ASP F 136 36.17 -4.26 -13.48
N LEU F 137 35.43 -3.32 -14.05
CA LEU F 137 35.39 -1.98 -13.51
C LEU F 137 34.34 -1.83 -12.43
N ALA F 138 33.18 -2.45 -12.60
CA ALA F 138 32.11 -2.29 -11.62
C ALA F 138 32.57 -2.69 -10.23
N ALA F 139 33.19 -3.87 -10.13
CA ALA F 139 33.61 -4.36 -8.82
C ALA F 139 34.61 -3.42 -8.18
N ALA F 140 35.64 -3.01 -8.92
CA ALA F 140 36.69 -2.18 -8.34
C ALA F 140 36.17 -0.82 -7.94
N VAL F 141 35.35 -0.20 -8.80
CA VAL F 141 34.83 1.12 -8.45
C VAL F 141 33.92 1.03 -7.24
N LYS F 142 33.05 0.01 -7.19
CA LYS F 142 32.19 -0.14 -6.02
C LYS F 142 33.01 -0.39 -4.77
N TYR F 143 34.11 -1.12 -4.89
CA TYR F 143 34.93 -1.42 -3.73
C TYR F 143 35.60 -0.16 -3.19
N VAL F 144 36.24 0.61 -4.06
CA VAL F 144 36.89 1.82 -3.57
C VAL F 144 35.86 2.79 -3.04
N ASP F 145 34.69 2.85 -3.66
CA ASP F 145 33.64 3.73 -3.16
C ASP F 145 33.20 3.32 -1.76
N ARG F 146 33.00 2.03 -1.55
CA ARG F 146 32.56 1.57 -0.24
C ARG F 146 33.62 1.84 0.82
N PHE F 147 34.88 1.61 0.48
CA PHE F 147 35.95 1.89 1.44
C PHE F 147 36.00 3.37 1.80
N TRP F 148 35.90 4.24 0.80
CA TRP F 148 35.93 5.67 1.07
C TRP F 148 34.73 6.10 1.89
N SER F 149 33.54 5.62 1.55
CA SER F 149 32.36 5.99 2.32
C SER F 149 32.38 5.41 3.73
N GLU F 150 33.09 4.31 3.94
CA GLU F 150 33.23 3.78 5.29
C GLU F 150 34.14 4.65 6.13
N ASN F 151 35.37 4.89 5.65
CA ASN F 151 36.30 5.61 6.53
C ASN F 151 36.85 6.87 5.92
N ARG F 152 35.98 7.71 5.37
CA ARG F 152 36.31 9.12 5.17
C ARG F 152 35.80 9.99 6.30
N ASP F 153 34.89 9.48 7.12
CA ASP F 153 34.32 10.25 8.22
C ASP F 153 34.97 9.96 9.55
N LYS F 154 35.29 8.70 9.83
CA LYS F 154 35.85 8.32 11.11
C LYS F 154 37.08 9.18 11.42
N ASP F 155 37.00 9.94 12.51
CA ASP F 155 38.04 10.91 12.81
C ASP F 155 39.38 10.24 13.07
N ASP F 156 39.37 9.02 13.60
CA ASP F 156 40.60 8.29 13.85
C ASP F 156 41.33 7.99 12.55
N LYS F 157 40.61 7.55 11.52
CA LYS F 157 41.26 7.15 10.28
C LYS F 157 41.43 8.34 9.35
N PHE F 158 41.98 9.44 9.84
CA PHE F 158 42.11 10.60 8.96
C PHE F 158 43.50 11.22 9.06
N LYS F 159 44.15 11.09 10.21
CA LYS F 159 45.55 11.47 10.29
C LYS F 159 46.42 10.47 9.54
N THR F 160 46.16 9.19 9.75
CA THR F 160 46.75 8.13 8.95
C THR F 160 45.95 7.93 7.67
N ARG F 161 45.72 9.02 6.95
CA ARG F 161 44.83 8.98 5.79
C ARG F 161 45.43 8.18 4.65
N LEU F 162 46.74 8.33 4.42
CA LEU F 162 47.35 7.68 3.26
C LEU F 162 47.75 6.24 3.55
N ALA F 163 48.12 5.94 4.80
CA ALA F 163 48.40 4.55 5.13
C ALA F 163 47.18 3.67 4.98
N ALA F 164 45.99 4.22 5.25
CA ALA F 164 44.77 3.44 5.07
C ALA F 164 44.56 3.08 3.62
N PHE F 165 44.62 4.08 2.73
CA PHE F 165 44.50 3.80 1.31
C PHE F 165 45.62 2.90 0.82
N GLU F 166 46.76 2.93 1.49
CA GLU F 166 47.86 2.07 1.09
C GLU F 166 47.66 0.64 1.52
N GLY F 167 46.93 0.41 2.61
CA GLY F 167 46.71 -0.95 3.05
C GLY F 167 45.68 -1.73 2.26
N ARG F 168 44.42 -1.34 2.40
CA ARG F 168 43.34 -2.17 1.89
C ARG F 168 43.08 -2.04 0.39
N PRO F 169 42.69 -0.87 -0.13
CA PRO F 169 42.14 -0.85 -1.49
C PRO F 169 43.20 -0.85 -2.58
N SER F 170 44.35 -0.24 -2.32
CA SER F 170 45.38 -0.19 -3.35
C SER F 170 45.93 -1.57 -3.65
N VAL F 171 46.05 -2.41 -2.63
CA VAL F 171 46.47 -3.79 -2.86
C VAL F 171 45.45 -4.50 -3.74
N TYR F 172 44.17 -4.25 -3.51
CA TYR F 172 43.14 -4.86 -4.33
C TYR F 172 43.26 -4.42 -5.78
N ILE F 173 43.43 -3.12 -6.01
CA ILE F 173 43.55 -2.63 -7.38
C ILE F 173 44.77 -3.22 -8.06
N TRP F 174 45.90 -3.29 -7.33
CA TRP F 174 47.11 -3.84 -7.94
C TRP F 174 46.95 -5.33 -8.24
N ASP F 175 46.27 -6.06 -7.37
CA ASP F 175 46.04 -7.46 -7.65
C ASP F 175 45.17 -7.65 -8.87
N GLY F 176 44.15 -6.80 -9.02
CA GLY F 176 43.34 -6.85 -10.22
C GLY F 176 44.13 -6.55 -11.47
N ILE F 177 45.00 -5.55 -11.41
CA ILE F 177 45.84 -5.22 -12.56
C ILE F 177 46.73 -6.39 -12.92
N ARG F 178 47.40 -6.96 -11.92
CA ARG F 178 48.34 -8.05 -12.20
C ARG F 178 47.63 -9.30 -12.69
N LEU F 179 46.38 -9.50 -12.27
CA LEU F 179 45.65 -10.67 -12.73
C LEU F 179 45.05 -10.49 -14.11
N ALA F 180 44.65 -9.26 -14.45
CA ALA F 180 44.09 -9.01 -15.77
C ALA F 180 45.17 -8.79 -16.82
N ARG F 181 46.40 -8.47 -16.40
CA ARG F 181 47.47 -8.20 -17.35
C ARG F 181 47.76 -9.43 -18.22
N LYS F 182 47.46 -10.63 -17.71
CA LYS F 182 47.74 -11.86 -18.42
C LYS F 182 46.56 -12.36 -19.21
N LYS F 183 45.55 -11.52 -19.45
CA LYS F 183 44.40 -11.95 -20.24
C LYS F 183 43.82 -10.73 -20.95
N ARG F 184 44.28 -10.50 -22.18
CA ARG F 184 43.72 -9.52 -23.10
C ARG F 184 43.29 -8.22 -22.44
N SER F 185 44.11 -7.69 -21.54
CA SER F 185 43.89 -6.35 -20.99
C SER F 185 45.19 -5.58 -21.14
N ARG F 186 45.40 -5.07 -22.34
CA ARG F 186 46.47 -4.13 -22.62
C ARG F 186 46.00 -3.09 -23.60
N ASN F 187 44.72 -3.14 -23.98
CA ASN F 187 44.12 -2.23 -24.95
C ASN F 187 42.74 -1.81 -24.49
N MET F 188 42.50 -1.84 -23.19
CA MET F 188 41.18 -1.55 -22.66
C MET F 188 40.75 -0.13 -23.02
N ALA F 189 41.68 0.82 -23.04
CA ALA F 189 41.37 2.15 -23.53
C ALA F 189 40.92 2.10 -24.99
N LEU F 190 41.57 1.25 -25.79
CA LEU F 190 41.14 1.09 -27.17
C LEU F 190 39.73 0.53 -27.24
N PHE F 191 39.39 -0.42 -26.38
CA PHE F 191 38.04 -0.95 -26.37
C PHE F 191 37.03 0.15 -26.03
N TYR F 192 37.34 0.96 -25.03
CA TYR F 192 36.41 2.03 -24.67
C TYR F 192 36.24 3.01 -25.80
N THR F 193 37.34 3.43 -26.44
CA THR F 193 37.21 4.43 -27.49
C THR F 193 36.53 3.84 -28.72
N LEU F 194 36.66 2.53 -28.93
CA LEU F 194 35.90 1.90 -30.00
C LEU F 194 34.42 1.90 -29.69
N SER F 195 34.06 1.63 -28.43
CA SER F 195 32.66 1.75 -28.05
C SER F 195 32.13 3.15 -28.28
N THR F 196 32.95 4.16 -27.99
CA THR F 196 32.48 5.53 -28.18
C THR F 196 32.35 5.87 -29.66
N VAL F 197 33.26 5.37 -30.50
CA VAL F 197 33.09 5.52 -31.94
C VAL F 197 31.76 4.91 -32.38
N TRP F 198 31.47 3.71 -31.89
CA TRP F 198 30.20 3.09 -32.23
C TRP F 198 29.03 3.94 -31.78
N GLN F 199 29.14 4.53 -30.60
CA GLN F 199 28.03 5.33 -30.08
C GLN F 199 27.79 6.56 -30.94
N ALA F 200 28.86 7.24 -31.35
CA ALA F 200 28.68 8.43 -32.19
C ALA F 200 28.11 8.07 -33.56
N VAL F 201 28.66 7.02 -34.18
CA VAL F 201 28.13 6.59 -35.47
C VAL F 201 26.66 6.22 -35.33
N ASN F 202 26.30 5.57 -34.23
CA ASN F 202 24.90 5.21 -34.03
C ASN F 202 24.03 6.44 -33.90
N ALA F 203 24.50 7.46 -33.19
CA ALA F 203 23.72 8.70 -33.08
C ALA F 203 23.47 9.30 -34.44
N TRP F 204 24.51 9.39 -35.27
CA TRP F 204 24.32 9.98 -36.59
C TRP F 204 23.41 9.14 -37.46
N ILE F 205 23.48 7.81 -37.33
CA ILE F 205 22.62 6.96 -38.14
C ILE F 205 21.16 7.09 -37.71
N GLN F 206 20.91 7.22 -36.40
CA GLN F 206 19.54 7.44 -35.96
C GLN F 206 19.02 8.77 -36.48
N PHE F 207 19.86 9.79 -36.48
CA PHE F 207 19.45 11.07 -37.03
C PHE F 207 19.10 10.94 -38.51
N TYR F 208 19.91 10.20 -39.27
CA TYR F 208 19.62 10.01 -40.68
C TYR F 208 18.32 9.24 -40.88
N ILE F 209 18.11 8.18 -40.11
CA ILE F 209 16.86 7.43 -40.21
C ILE F 209 15.67 8.33 -39.96
N LEU F 210 15.78 9.23 -38.99
CA LEU F 210 14.67 10.16 -38.74
C LEU F 210 14.44 11.08 -39.91
N THR F 211 15.50 11.74 -40.39
CA THR F 211 15.31 12.74 -41.43
C THR F 211 14.90 12.14 -42.77
N GLN F 212 15.01 10.82 -42.95
CA GLN F 212 14.54 10.16 -44.17
C GLN F 212 13.19 9.50 -43.96
N LEU F 213 12.33 10.15 -43.18
CA LEU F 213 11.00 9.63 -42.87
C LEU F 213 10.01 10.76 -43.15
N LEU F 214 9.59 10.87 -44.40
CA LEU F 214 8.68 11.93 -44.82
C LEU F 214 7.60 11.38 -45.75
N LEU F 221 12.63 20.71 -45.86
CA LEU F 221 12.49 19.34 -45.39
C LEU F 221 13.54 19.01 -44.34
N TRP F 222 14.57 19.84 -44.26
CA TRP F 222 15.71 19.58 -43.38
C TRP F 222 15.59 20.26 -42.03
N GLY F 223 14.38 20.51 -41.55
CA GLY F 223 14.19 21.01 -40.20
C GLY F 223 13.89 22.48 -40.13
N PRO F 224 14.90 23.30 -39.79
CA PRO F 224 14.64 24.73 -39.57
C PRO F 224 14.08 25.45 -40.78
N SER F 225 14.28 24.94 -42.00
CA SER F 225 13.54 25.48 -43.14
C SER F 225 12.04 25.32 -42.94
N ILE F 226 11.60 24.10 -42.60
CA ILE F 226 10.19 23.86 -42.36
C ILE F 226 9.71 24.67 -41.16
N LEU F 227 10.54 24.77 -40.12
CA LEU F 227 10.15 25.54 -38.96
C LEU F 227 9.92 27.01 -39.32
N GLY F 228 10.86 27.61 -40.07
CA GLY F 228 10.67 28.99 -40.49
C GLY F 228 9.45 29.15 -41.38
N ASP F 229 9.21 28.17 -42.25
CA ASP F 229 7.98 28.19 -43.03
C ASP F 229 6.75 28.16 -42.14
N LEU F 230 6.86 27.51 -40.98
CA LEU F 230 5.79 27.52 -40.00
C LEU F 230 5.85 28.71 -39.06
N LEU F 231 7.02 29.32 -38.89
CA LEU F 231 7.12 30.51 -38.06
C LEU F 231 6.62 31.76 -38.78
N GLN F 232 6.59 31.75 -40.11
CA GLN F 232 6.12 32.88 -40.88
C GLN F 232 4.62 32.84 -41.17
N GLY F 233 3.94 31.76 -40.79
CA GLY F 233 2.50 31.70 -40.94
C GLY F 233 2.03 30.98 -42.19
N ASN F 234 2.58 29.80 -42.45
CA ASN F 234 2.15 28.94 -43.55
C ASN F 234 1.92 27.57 -42.93
N ASP F 235 0.70 27.32 -42.45
CA ASP F 235 0.52 26.22 -41.50
C ASP F 235 0.48 24.86 -42.19
N TRP F 236 -0.60 24.55 -42.90
CA TRP F 236 -0.56 23.34 -43.72
C TRP F 236 -1.27 23.45 -45.06
N GLN F 237 -2.27 24.33 -45.21
CA GLN F 237 -3.00 24.38 -46.47
C GLN F 237 -2.23 25.13 -47.54
N THR F 238 -1.32 26.01 -47.16
CA THR F 238 -0.44 26.69 -48.10
C THR F 238 0.93 26.00 -48.21
N THR F 239 1.03 24.76 -47.74
CA THR F 239 2.29 24.03 -47.70
C THR F 239 2.27 22.74 -48.49
N GLY F 240 1.15 22.01 -48.45
CA GLY F 240 1.10 20.71 -49.08
C GLY F 240 1.40 19.57 -48.12
N HIS F 241 2.61 19.55 -47.58
CA HIS F 241 3.00 18.50 -46.65
C HIS F 241 2.27 18.67 -45.33
N PHE F 242 2.36 17.64 -44.49
CA PHE F 242 1.81 17.67 -43.14
C PHE F 242 0.33 18.05 -43.20
N PRO F 243 -0.53 17.14 -43.63
CA PRO F 243 -1.95 17.46 -43.75
C PRO F 243 -2.73 17.04 -42.51
N ARG F 244 -3.92 17.63 -42.39
CA ARG F 244 -4.87 17.26 -41.35
C ARG F 244 -6.30 17.09 -41.85
N ILE F 245 -6.57 17.43 -43.11
CA ILE F 245 -7.87 17.24 -43.71
C ILE F 245 -7.63 16.59 -45.07
N VAL F 246 -8.00 15.33 -45.20
CA VAL F 246 -7.63 14.54 -46.37
C VAL F 246 -8.84 13.79 -46.89
N HIS F 247 -8.94 13.67 -48.21
CA HIS F 247 -10.02 12.93 -48.84
C HIS F 247 -9.69 11.45 -48.89
N CYS F 248 -10.73 10.65 -49.07
CA CYS F 248 -10.60 9.20 -48.98
C CYS F 248 -11.27 8.54 -50.17
N ASP F 249 -10.61 7.53 -50.73
CA ASP F 249 -11.21 6.76 -51.81
C ASP F 249 -12.26 5.82 -51.25
N PHE F 250 -13.34 5.65 -52.01
CA PHE F 250 -14.41 4.77 -51.56
C PHE F 250 -15.30 4.45 -52.76
N ASN F 251 -15.35 3.17 -53.14
CA ASN F 251 -16.19 2.76 -54.25
C ASN F 251 -17.61 2.41 -53.78
N THR F 262 -15.20 10.95 -51.82
CA THR F 262 -15.49 12.22 -51.17
C THR F 262 -15.82 12.04 -49.69
N VAL F 263 -15.00 11.22 -49.00
CA VAL F 263 -15.31 10.88 -47.63
C VAL F 263 -14.76 11.89 -46.63
N LEU F 264 -13.69 12.58 -46.98
CA LEU F 264 -13.20 13.73 -46.21
C LEU F 264 -12.96 13.37 -44.76
N CYS F 265 -11.96 12.51 -44.55
CA CYS F 265 -11.58 12.10 -43.21
C CYS F 265 -10.53 13.06 -42.64
N VAL F 266 -10.66 13.35 -41.35
CA VAL F 266 -9.74 14.22 -40.63
C VAL F 266 -8.82 13.35 -39.78
N LEU F 267 -7.54 13.71 -39.77
CA LEU F 267 -6.49 12.98 -39.06
C LEU F 267 -6.16 13.73 -37.78
N THR F 268 -6.66 13.24 -36.65
CA THR F 268 -6.35 13.88 -35.39
C THR F 268 -4.86 13.78 -35.08
N LEU F 269 -4.32 12.56 -35.12
CA LEU F 269 -2.94 12.33 -34.71
C LEU F 269 -1.96 13.25 -35.40
N ASN F 270 -2.19 13.56 -36.67
CA ASN F 270 -1.25 14.37 -37.42
C ASN F 270 -1.02 15.75 -36.81
N ILE F 271 -1.80 16.13 -35.80
CA ILE F 271 -1.50 17.37 -35.09
C ILE F 271 -0.39 17.16 -34.06
N TYR F 272 -0.18 15.94 -33.60
CA TYR F 272 0.87 15.65 -32.64
C TYR F 272 2.18 15.22 -33.28
N TYR F 273 2.19 14.95 -34.58
CA TYR F 273 3.44 14.55 -35.22
C TYR F 273 4.29 15.75 -35.56
N GLU F 274 3.80 16.63 -36.43
CA GLU F 274 4.65 17.76 -36.76
C GLU F 274 4.82 18.73 -35.64
N LYS F 275 4.32 18.46 -34.44
CA LYS F 275 4.81 19.11 -33.24
C LYS F 275 5.78 18.22 -32.47
N LEU F 276 6.13 17.08 -33.03
CA LEU F 276 7.08 16.15 -32.41
C LEU F 276 8.35 15.97 -33.23
N PHE F 277 8.24 15.97 -34.55
CA PHE F 277 9.44 15.97 -35.37
C PHE F 277 10.24 17.24 -35.15
N ILE F 278 9.56 18.37 -35.04
CA ILE F 278 10.22 19.65 -34.80
C ILE F 278 11.10 19.57 -33.57
N PHE F 279 10.71 18.76 -32.58
CA PHE F 279 11.50 18.65 -31.37
C PHE F 279 12.55 17.55 -31.46
N LEU F 280 12.18 16.39 -32.00
CA LEU F 280 13.13 15.30 -32.08
C LEU F 280 14.31 15.64 -32.99
N TRP F 281 14.07 16.45 -34.01
CA TRP F 281 15.19 16.88 -34.86
C TRP F 281 16.24 17.61 -34.03
N PHE F 282 15.81 18.65 -33.31
CA PHE F 282 16.74 19.39 -32.46
C PHE F 282 17.43 18.47 -31.46
N TRP F 283 16.66 17.61 -30.80
CA TRP F 283 17.23 16.84 -29.71
C TRP F 283 18.21 15.80 -30.22
N LEU F 284 17.90 15.16 -31.36
CA LEU F 284 18.83 14.20 -31.92
C LEU F 284 20.09 14.86 -32.43
N VAL F 285 19.98 16.06 -33.02
CA VAL F 285 21.21 16.67 -33.50
C VAL F 285 22.08 17.09 -32.32
N PHE F 286 21.46 17.53 -31.22
CA PHE F 286 22.22 17.88 -30.02
C PHE F 286 22.93 16.65 -29.46
N VAL F 287 22.20 15.56 -29.29
CA VAL F 287 22.81 14.32 -28.81
C VAL F 287 23.94 13.89 -29.71
N ALA F 288 23.76 14.02 -31.02
CA ALA F 288 24.77 13.57 -31.96
C ALA F 288 26.05 14.37 -31.82
N VAL F 289 25.94 15.70 -31.78
CA VAL F 289 27.18 16.48 -31.67
C VAL F 289 27.83 16.30 -30.29
N VAL F 290 27.05 16.10 -29.24
CA VAL F 290 27.67 15.84 -27.93
C VAL F 290 28.45 14.54 -27.96
N SER F 291 27.82 13.47 -28.41
CA SER F 291 28.54 12.21 -28.49
C SER F 291 29.73 12.29 -29.43
N THR F 292 29.66 13.10 -30.48
CA THR F 292 30.81 13.22 -31.38
C THR F 292 31.96 13.97 -30.75
N VAL F 293 31.69 15.03 -29.98
CA VAL F 293 32.81 15.70 -29.33
C VAL F 293 33.39 14.81 -28.25
N ASN F 294 32.57 13.99 -27.59
CA ASN F 294 33.13 13.04 -26.65
C ASN F 294 34.02 12.02 -27.36
N CYS F 295 33.57 11.53 -28.52
CA CYS F 295 34.38 10.59 -29.27
C CYS F 295 35.69 11.19 -29.71
N PHE F 296 35.66 12.44 -30.17
CA PHE F 296 36.90 13.07 -30.60
C PHE F 296 37.85 13.27 -29.43
N LYS F 297 37.31 13.69 -28.28
CA LYS F 297 38.15 13.81 -27.09
C LYS F 297 38.82 12.48 -26.78
N TRP F 298 38.08 11.38 -26.83
CA TRP F 298 38.68 10.10 -26.46
C TRP F 298 39.69 9.62 -27.51
N ILE F 299 39.42 9.85 -28.78
CA ILE F 299 40.35 9.37 -29.80
C ILE F 299 41.64 10.16 -29.75
N TYR F 300 41.55 11.47 -29.49
CA TYR F 300 42.76 12.26 -29.34
C TYR F 300 43.50 11.89 -28.05
N TYR F 301 42.76 11.54 -27.00
CA TYR F 301 43.38 11.01 -25.80
C TYR F 301 44.22 9.78 -26.11
N LEU F 302 43.59 8.79 -26.74
CA LEU F 302 44.29 7.54 -27.03
C LEU F 302 45.48 7.77 -27.95
N CYS F 303 45.30 8.56 -29.00
CA CYS F 303 46.35 8.71 -30.00
C CYS F 303 47.55 9.44 -29.45
N ASN F 304 47.34 10.41 -28.56
CA ASN F 304 48.45 11.23 -28.10
C ASN F 304 49.39 10.46 -27.19
N LYS F 305 48.84 9.86 -26.12
CA LYS F 305 49.57 8.98 -25.21
C LYS F 305 50.55 9.79 -24.36
N THR F 306 50.72 11.07 -24.67
CA THR F 306 51.65 11.92 -23.94
C THR F 306 50.96 12.94 -23.05
N LYS F 307 49.87 13.54 -23.52
CA LYS F 307 49.04 14.37 -22.67
C LYS F 307 47.89 13.59 -22.05
N ALA F 308 48.03 12.26 -21.98
CA ALA F 308 47.12 11.45 -21.18
C ALA F 308 47.58 11.37 -19.73
N GLN F 309 48.88 11.53 -19.48
CA GLN F 309 49.45 11.49 -18.13
C GLN F 309 49.47 12.85 -17.48
N LYS F 310 48.60 13.76 -17.89
CA LYS F 310 48.56 15.08 -17.25
C LYS F 310 47.99 14.98 -15.84
N THR F 311 46.79 14.40 -15.71
CA THR F 311 46.16 14.30 -14.41
C THR F 311 46.98 13.48 -13.44
N ILE F 312 47.64 12.43 -13.92
CA ILE F 312 48.42 11.59 -13.02
C ILE F 312 49.64 12.34 -12.52
N LYS F 313 50.35 13.03 -13.41
CA LYS F 313 51.50 13.80 -12.97
C LYS F 313 51.09 14.95 -12.06
N ASN F 314 49.87 15.46 -12.21
CA ASN F 314 49.42 16.50 -11.30
C ASN F 314 49.01 15.92 -9.95
N TYR F 315 48.46 14.72 -9.94
CA TYR F 315 48.16 14.05 -8.67
C TYR F 315 49.44 13.78 -7.89
N LEU F 316 50.43 13.19 -8.56
CA LEU F 316 51.65 12.76 -7.89
C LEU F 316 52.47 13.92 -7.35
N SER F 317 52.07 15.17 -7.60
CA SER F 317 52.81 16.33 -7.10
C SER F 317 52.17 16.90 -5.85
N THR F 318 51.57 16.05 -5.02
CA THR F 318 50.96 16.53 -3.79
C THR F 318 51.52 15.87 -2.55
N ALA F 319 51.77 14.57 -2.58
CA ALA F 319 52.28 13.87 -1.42
C ALA F 319 53.64 14.43 -1.02
N PRO F 320 53.79 14.97 0.18
CA PRO F 320 55.02 15.68 0.55
C PRO F 320 56.19 14.75 0.88
N ILE F 321 56.40 13.75 0.02
CA ILE F 321 57.47 12.78 0.24
C ILE F 321 58.38 12.74 -0.98
N LYS F 322 57.83 12.36 -2.14
CA LYS F 322 58.60 12.08 -3.34
C LYS F 322 59.70 11.07 -3.03
N SER F 323 59.28 9.87 -2.63
CA SER F 323 60.17 9.00 -1.89
C SER F 323 61.30 8.42 -2.73
N THR F 324 60.99 7.52 -3.66
CA THR F 324 62.07 6.96 -4.46
C THR F 324 61.73 6.87 -5.94
N ILE F 325 60.50 6.50 -6.26
CA ILE F 325 60.18 5.95 -7.57
C ILE F 325 59.93 7.09 -8.54
N SER F 326 60.72 7.13 -9.62
CA SER F 326 60.47 8.09 -10.67
C SER F 326 59.14 7.81 -11.34
N ASP F 327 58.61 8.83 -12.00
CA ASP F 327 57.31 8.69 -12.64
C ASP F 327 57.39 7.72 -13.82
N ASP F 328 58.42 7.85 -14.65
CA ASP F 328 58.47 7.11 -15.91
C ASP F 328 58.46 5.60 -15.67
N GLN F 329 59.23 5.13 -14.69
CA GLN F 329 59.15 3.72 -14.35
C GLN F 329 57.79 3.37 -13.78
N PHE F 330 57.21 4.25 -12.96
CA PHE F 330 55.87 4.04 -12.45
C PHE F 330 54.87 3.93 -13.60
N PHE F 331 54.95 4.86 -14.54
CA PHE F 331 54.02 4.82 -15.67
C PHE F 331 54.21 3.56 -16.49
N SER F 332 55.45 3.18 -16.78
CA SER F 332 55.67 1.95 -17.53
C SER F 332 55.14 0.74 -16.77
N ALA F 333 55.16 0.80 -15.44
CA ALA F 333 54.50 -0.25 -14.65
C ALA F 333 52.99 -0.15 -14.74
N LEU F 334 52.46 1.03 -15.01
CA LEU F 334 51.03 1.28 -15.05
C LEU F 334 50.58 1.67 -16.46
N GLY F 335 51.23 1.14 -17.49
CA GLY F 335 51.12 1.76 -18.81
C GLY F 335 49.75 1.56 -19.44
N GLU F 336 49.41 0.31 -19.75
CA GLU F 336 48.24 0.05 -20.58
C GLU F 336 46.94 0.34 -19.85
N ASP F 337 46.70 -0.38 -18.76
CA ASP F 337 45.40 -0.40 -18.10
C ASP F 337 45.30 0.68 -17.03
N GLY F 338 46.16 0.63 -16.04
CA GLY F 338 46.01 1.48 -14.87
C GLY F 338 45.80 2.93 -15.20
N LEU F 339 46.38 3.40 -16.30
CA LEU F 339 46.17 4.78 -16.70
C LEU F 339 44.70 5.05 -17.01
N PHE F 340 43.93 4.01 -17.33
CA PHE F 340 42.51 4.15 -17.57
C PHE F 340 41.67 3.89 -16.33
N ILE F 341 42.09 2.92 -15.50
CA ILE F 341 41.39 2.69 -14.25
C ILE F 341 41.44 3.93 -13.37
N MET F 342 42.58 4.61 -13.33
CA MET F 342 42.65 5.82 -12.52
C MET F 342 41.71 6.88 -13.05
N ASP F 343 41.57 6.96 -14.37
CA ASP F 343 40.64 7.92 -14.94
C ASP F 343 39.20 7.59 -14.53
N GLN F 344 38.83 6.31 -14.62
CA GLN F 344 37.49 5.93 -14.21
C GLN F 344 37.25 6.23 -12.74
N MET F 345 38.26 5.99 -11.89
CA MET F 345 38.11 6.30 -10.48
C MET F 345 37.91 7.79 -10.26
N ALA F 346 38.69 8.61 -10.96
CA ALA F 346 38.49 10.05 -10.87
C ALA F 346 37.10 10.43 -11.32
N LEU F 347 36.55 9.72 -12.30
CA LEU F 347 35.25 10.09 -12.84
C LEU F 347 34.12 9.72 -11.89
N ASN F 348 34.24 8.59 -11.19
CA ASN F 348 33.17 8.13 -10.32
C ASN F 348 33.26 8.72 -8.92
N LEU F 349 34.45 8.71 -8.33
CA LEU F 349 34.58 9.07 -6.92
C LEU F 349 34.80 10.56 -6.74
N GLY F 350 35.57 11.17 -7.63
CA GLY F 350 35.98 12.54 -7.48
C GLY F 350 37.45 12.65 -7.72
N ASP F 351 38.05 13.70 -7.19
CA ASP F 351 39.49 13.87 -7.30
C ASP F 351 40.22 13.60 -6.00
N ILE F 352 39.69 14.09 -4.88
CA ILE F 352 40.32 13.80 -3.60
C ILE F 352 40.41 12.30 -3.34
N PRO F 353 39.35 11.53 -3.42
CA PRO F 353 39.49 10.10 -3.15
C PRO F 353 40.14 9.35 -4.30
N ALA F 354 40.72 10.06 -5.24
CA ALA F 354 41.51 9.41 -6.28
C ALA F 354 42.97 9.81 -6.25
N SER F 355 43.29 11.03 -5.80
CA SER F 355 44.68 11.39 -5.66
C SER F 355 45.36 10.53 -4.61
N TYR F 356 44.68 10.29 -3.49
CA TYR F 356 45.21 9.37 -2.49
C TYR F 356 45.45 7.98 -3.09
N LEU F 357 44.51 7.52 -3.90
CA LEU F 357 44.64 6.20 -4.50
C LEU F 357 45.86 6.12 -5.39
N THR F 358 46.02 7.10 -6.27
CA THR F 358 47.13 7.03 -7.21
C THR F 358 48.48 7.31 -6.54
N ILE F 359 48.48 8.00 -5.40
CA ILE F 359 49.72 8.14 -4.65
C ILE F 359 50.08 6.81 -4.00
N SER F 360 49.12 6.19 -3.32
CA SER F 360 49.37 4.90 -2.72
C SER F 360 49.84 3.88 -3.75
N MET F 361 49.20 3.84 -4.90
CA MET F 361 49.62 2.90 -5.93
C MET F 361 51.00 3.20 -6.45
N ARG F 362 51.54 4.38 -6.18
CA ARG F 362 52.94 4.63 -6.49
C ARG F 362 53.86 4.15 -5.37
N ASN F 363 53.42 4.32 -4.13
CA ASN F 363 54.30 3.97 -3.02
C ASN F 363 54.53 2.47 -2.87
N ILE F 364 53.82 1.63 -3.60
CA ILE F 364 54.00 0.19 -3.47
C ILE F 364 54.23 -0.48 -4.82
N CYS F 365 54.55 0.28 -5.85
CA CYS F 365 54.66 -0.32 -7.19
C CYS F 365 55.90 -1.22 -7.26
N GLN F 366 55.69 -2.51 -7.02
CA GLN F 366 56.81 -3.44 -7.00
C GLN F 366 56.54 -4.73 -7.77
N ASP F 367 55.44 -4.81 -8.51
CA ASP F 367 55.23 -5.98 -9.35
C ASP F 367 56.03 -5.89 -10.64
N PHE F 368 56.22 -4.69 -11.18
CA PHE F 368 57.09 -4.49 -12.32
C PHE F 368 58.41 -3.83 -11.94
N ILE F 369 58.35 -2.69 -11.26
CA ILE F 369 59.56 -1.98 -10.87
C ILE F 369 59.36 -1.36 -9.49
N LYS G 23 22.91 -19.05 -6.90
CA LYS G 23 22.91 -18.03 -7.93
C LYS G 23 23.58 -18.53 -9.20
N GLY G 24 23.46 -17.75 -10.26
CA GLY G 24 24.15 -18.05 -11.51
C GLY G 24 24.04 -16.91 -12.49
N ASP G 25 25.16 -16.49 -13.04
CA ASP G 25 25.22 -15.38 -13.99
C ASP G 25 25.79 -15.84 -15.32
N LEU G 26 25.29 -16.98 -15.81
CA LEU G 26 25.84 -17.59 -17.02
C LEU G 26 25.81 -16.62 -18.18
N ALA G 27 26.95 -16.46 -18.84
CA ALA G 27 27.12 -15.45 -19.88
C ALA G 27 26.29 -15.82 -21.09
N ASP G 28 25.23 -15.06 -21.34
CA ASP G 28 24.41 -15.22 -22.54
C ASP G 28 23.77 -16.60 -22.62
N ARG G 29 23.63 -17.24 -21.47
CA ARG G 29 22.59 -18.23 -21.27
C ARG G 29 21.40 -17.63 -20.56
N LEU G 30 21.52 -16.40 -20.07
CA LEU G 30 20.40 -15.64 -19.56
C LEU G 30 19.61 -14.98 -20.67
N ASN G 31 19.84 -15.35 -21.92
CA ASN G 31 18.92 -14.99 -22.98
C ASN G 31 17.71 -15.90 -23.03
N SER G 32 17.71 -17.00 -22.27
CA SER G 32 16.45 -17.70 -22.02
C SER G 32 15.49 -16.83 -21.24
N ARG G 33 16.01 -16.09 -20.25
CA ARG G 33 15.15 -15.19 -19.48
C ARG G 33 14.52 -14.13 -20.37
N VAL G 34 15.34 -13.37 -21.09
CA VAL G 34 14.80 -12.30 -21.91
C VAL G 34 13.94 -12.85 -23.05
N THR G 35 14.31 -14.02 -23.59
CA THR G 35 13.52 -14.60 -24.66
C THR G 35 12.14 -15.00 -24.17
N VAL G 36 12.08 -15.71 -23.05
CA VAL G 36 10.80 -16.09 -22.47
C VAL G 36 9.96 -14.85 -22.21
N VAL G 37 10.57 -13.81 -21.65
CA VAL G 37 9.80 -12.61 -21.32
C VAL G 37 9.21 -12.00 -22.58
N ILE G 38 10.04 -11.78 -23.61
CA ILE G 38 9.55 -11.09 -24.79
C ILE G 38 8.48 -11.92 -25.50
N LEU G 39 8.72 -13.22 -25.68
CA LEU G 39 7.74 -14.04 -26.38
C LEU G 39 6.44 -14.14 -25.60
N ALA G 40 6.52 -14.33 -24.29
CA ALA G 40 5.30 -14.48 -23.50
C ALA G 40 4.52 -13.18 -23.44
N VAL G 41 5.20 -12.04 -23.37
CA VAL G 41 4.47 -10.78 -23.32
C VAL G 41 3.80 -10.50 -24.67
N SER G 42 4.48 -10.86 -25.78
CA SER G 42 3.82 -10.71 -27.07
C SER G 42 2.60 -11.61 -27.17
N SER G 43 2.74 -12.87 -26.76
CA SER G 43 1.62 -13.80 -26.86
C SER G 43 0.44 -13.36 -25.99
N ALA G 44 0.72 -12.95 -24.76
CA ALA G 44 -0.34 -12.46 -23.88
C ALA G 44 -0.99 -11.20 -24.43
N LEU G 45 -0.22 -10.29 -25.00
CA LEU G 45 -0.80 -9.09 -25.58
C LEU G 45 -1.73 -9.43 -26.73
N LEU G 46 -1.31 -10.33 -27.62
CA LEU G 46 -2.16 -10.66 -28.77
C LEU G 46 -3.42 -11.40 -28.33
N LEU G 47 -3.29 -12.30 -27.35
CA LEU G 47 -4.46 -13.03 -26.88
C LEU G 47 -5.45 -12.09 -26.19
N SER G 48 -4.94 -11.18 -25.34
CA SER G 48 -5.82 -10.20 -24.73
C SER G 48 -6.44 -9.29 -25.77
N SER G 49 -5.72 -9.02 -26.86
CA SER G 49 -6.27 -8.18 -27.91
C SER G 49 -7.47 -8.84 -28.57
N HIS G 50 -7.27 -10.01 -29.17
CA HIS G 50 -8.40 -10.66 -29.82
C HIS G 50 -9.24 -11.49 -28.87
N PHE G 51 -9.17 -11.20 -27.57
CA PHE G 51 -10.16 -11.65 -26.61
C PHE G 51 -10.92 -10.51 -25.95
N ILE G 52 -10.47 -9.27 -26.10
CA ILE G 52 -11.12 -8.13 -25.45
C ILE G 52 -11.61 -7.15 -26.51
N GLY G 53 -10.69 -6.62 -27.29
CA GLY G 53 -11.06 -5.69 -28.34
C GLY G 53 -11.74 -6.38 -29.49
N ASP G 54 -11.79 -5.68 -30.61
CA ASP G 54 -12.36 -6.23 -31.83
C ASP G 54 -11.25 -6.66 -32.77
N PRO G 55 -11.09 -7.95 -33.04
CA PRO G 55 -10.01 -8.40 -33.93
C PRO G 55 -10.36 -8.33 -35.40
N ILE G 56 -11.55 -7.84 -35.74
CA ILE G 56 -11.99 -7.80 -37.13
C ILE G 56 -13.20 -6.87 -37.20
N THR G 57 -13.45 -6.29 -38.37
CA THR G 57 -14.66 -5.52 -38.57
C THR G 57 -15.24 -5.88 -39.91
N CYS G 58 -16.56 -5.76 -40.05
CA CYS G 58 -17.21 -6.19 -41.28
C CYS G 58 -18.25 -5.16 -41.71
N TRP G 59 -18.53 -5.15 -43.00
CA TRP G 59 -19.37 -4.10 -43.59
C TRP G 59 -20.14 -4.68 -44.77
N THR G 60 -21.43 -4.94 -44.57
CA THR G 60 -22.08 -5.23 -45.83
C THR G 60 -22.94 -4.05 -46.26
N PRO G 61 -22.99 -3.71 -47.55
CA PRO G 61 -23.65 -2.47 -47.94
C PRO G 61 -25.15 -2.62 -48.11
N ALA G 62 -25.82 -3.30 -47.18
CA ALA G 62 -27.28 -3.39 -47.22
C ALA G 62 -27.93 -2.69 -46.05
N GLN G 63 -27.64 -3.12 -44.81
CA GLN G 63 -28.17 -2.53 -43.60
C GLN G 63 -27.58 -3.28 -42.41
N PHE G 64 -27.58 -2.65 -41.26
CA PHE G 64 -27.11 -3.26 -40.03
C PHE G 64 -28.14 -3.08 -38.93
N ASN G 65 -27.98 -3.86 -37.88
CA ASN G 65 -28.81 -3.70 -36.69
C ASN G 65 -28.01 -3.88 -35.40
N ALA G 66 -26.70 -3.66 -35.46
CA ALA G 66 -25.80 -3.81 -34.31
C ALA G 66 -25.81 -5.24 -33.79
N GLN G 67 -26.53 -6.12 -34.46
CA GLN G 67 -26.49 -7.54 -34.20
C GLN G 67 -26.08 -8.36 -35.40
N TRP G 68 -26.26 -7.83 -36.61
CA TRP G 68 -25.60 -8.40 -37.76
C TRP G 68 -24.09 -8.38 -37.57
N VAL G 69 -23.54 -7.21 -37.28
CA VAL G 69 -22.08 -7.07 -37.24
C VAL G 69 -21.50 -7.81 -36.04
N ASN G 70 -22.20 -7.79 -34.90
CA ASN G 70 -21.66 -8.45 -33.73
C ASN G 70 -21.59 -9.96 -33.92
N PHE G 71 -22.29 -10.50 -34.91
CA PHE G 71 -22.16 -11.91 -35.25
C PHE G 71 -21.25 -12.14 -36.43
N VAL G 72 -21.37 -11.33 -37.48
CA VAL G 72 -20.50 -11.51 -38.64
C VAL G 72 -19.04 -11.37 -38.25
N ASN G 73 -18.74 -10.55 -37.24
CA ASN G 73 -17.37 -10.48 -36.77
C ASN G 73 -16.86 -11.87 -36.37
N GLN G 74 -17.54 -12.51 -35.42
CA GLN G 74 -17.10 -13.84 -35.00
C GLN G 74 -17.15 -14.84 -36.14
N TYR G 75 -18.15 -14.75 -37.01
CA TYR G 75 -18.26 -15.72 -38.08
C TYR G 75 -17.07 -15.61 -39.02
N CYS G 76 -16.87 -14.43 -39.60
CA CYS G 76 -15.78 -14.23 -40.54
C CYS G 76 -14.43 -14.40 -39.88
N PHE G 77 -14.34 -14.28 -38.55
CA PHE G 77 -13.08 -14.54 -37.88
C PHE G 77 -12.81 -16.03 -37.77
N VAL G 78 -13.74 -16.78 -37.20
CA VAL G 78 -13.58 -18.23 -37.08
C VAL G 78 -13.45 -18.85 -38.47
N HIS G 79 -14.48 -18.72 -39.29
CA HIS G 79 -14.39 -19.22 -40.65
C HIS G 79 -13.28 -18.48 -41.39
N GLY G 80 -12.80 -19.11 -42.46
CA GLY G 80 -11.69 -18.55 -43.19
C GLY G 80 -12.06 -17.28 -43.92
N THR G 81 -11.02 -16.56 -44.34
CA THR G 81 -11.16 -15.40 -45.19
C THR G 81 -10.19 -15.55 -46.36
N TYR G 82 -10.46 -14.85 -47.45
CA TYR G 82 -9.57 -14.87 -48.59
C TYR G 82 -9.36 -13.46 -49.10
N PHE G 83 -8.20 -13.23 -49.70
CA PHE G 83 -7.79 -11.91 -50.14
C PHE G 83 -7.74 -11.85 -51.66
N VAL G 84 -8.06 -10.68 -52.20
CA VAL G 84 -7.98 -10.44 -53.64
C VAL G 84 -7.39 -9.07 -53.89
N PRO G 85 -6.75 -8.89 -55.03
CA PRO G 85 -6.22 -7.56 -55.38
C PRO G 85 -7.34 -6.58 -55.66
N LEU G 86 -6.99 -5.35 -56.06
CA LEU G 86 -7.96 -4.29 -56.28
C LEU G 86 -8.26 -4.06 -57.76
N ASP G 87 -8.16 -5.10 -58.57
CA ASP G 87 -8.48 -4.99 -59.99
C ASP G 87 -9.98 -4.92 -60.20
N SER G 101 -6.36 -18.48 -49.18
CA SER G 101 -7.07 -18.22 -47.93
C SER G 101 -6.10 -18.19 -46.76
N ILE G 102 -5.29 -17.15 -46.71
CA ILE G 102 -4.27 -17.03 -45.67
C ILE G 102 -4.96 -16.76 -44.33
N GLN G 103 -4.82 -17.71 -43.41
CA GLN G 103 -5.40 -17.55 -42.07
C GLN G 103 -4.46 -18.24 -41.07
N TYR G 104 -3.55 -17.46 -40.51
CA TYR G 104 -2.73 -17.89 -39.39
C TYR G 104 -3.13 -17.17 -38.12
N TYR G 105 -4.26 -16.47 -38.13
CA TYR G 105 -4.77 -15.84 -36.94
C TYR G 105 -4.99 -16.82 -35.80
N GLN G 106 -5.12 -18.10 -36.10
CA GLN G 106 -5.44 -19.11 -35.11
C GLN G 106 -4.23 -19.89 -34.64
N TRP G 107 -3.02 -19.45 -34.98
CA TRP G 107 -1.84 -20.18 -34.54
C TRP G 107 -0.72 -19.31 -34.00
N VAL G 108 -0.65 -18.04 -34.37
CA VAL G 108 0.44 -17.19 -33.91
C VAL G 108 0.41 -17.06 -32.39
N PRO G 109 -0.67 -16.56 -31.79
CA PRO G 109 -0.62 -16.29 -30.35
C PRO G 109 -0.67 -17.54 -29.48
N TYR G 110 -0.58 -18.72 -30.09
CA TYR G 110 -0.40 -19.95 -29.36
C TYR G 110 0.95 -20.58 -29.60
N VAL G 111 1.38 -20.63 -30.85
CA VAL G 111 2.73 -21.08 -31.15
C VAL G 111 3.73 -20.21 -30.42
N PHE G 112 3.41 -18.93 -30.18
CA PHE G 112 4.36 -18.08 -29.46
C PHE G 112 4.53 -18.53 -28.02
N ALA G 113 3.42 -18.84 -27.33
CA ALA G 113 3.54 -19.33 -25.96
C ALA G 113 4.27 -20.66 -25.92
N LEU G 114 4.01 -21.53 -26.91
CA LEU G 114 4.75 -22.78 -26.96
C LEU G 114 6.23 -22.53 -27.17
N GLN G 115 6.59 -21.56 -28.01
CA GLN G 115 7.98 -21.19 -28.18
C GLN G 115 8.59 -20.75 -26.86
N ALA G 116 7.86 -19.92 -26.10
CA ALA G 116 8.37 -19.45 -24.82
C ALA G 116 8.67 -20.62 -23.89
N PHE G 117 7.74 -21.57 -23.81
CA PHE G 117 7.96 -22.73 -22.95
C PHE G 117 9.19 -23.51 -23.40
N LEU G 118 9.30 -23.74 -24.71
CA LEU G 118 10.44 -24.51 -25.19
C LEU G 118 11.75 -23.76 -25.05
N PHE G 119 11.74 -22.44 -25.00
CA PHE G 119 12.94 -21.69 -24.67
C PHE G 119 13.30 -21.82 -23.21
N TYR G 120 12.30 -21.89 -22.32
CA TYR G 120 12.63 -22.00 -20.91
C TYR G 120 13.13 -23.39 -20.55
N ILE G 121 12.73 -24.41 -21.30
CA ILE G 121 13.08 -25.79 -20.93
C ILE G 121 14.57 -26.01 -20.63
N PRO G 122 15.51 -25.59 -21.49
CA PRO G 122 16.90 -26.02 -21.29
C PRO G 122 17.50 -25.63 -19.96
N ARG G 123 17.09 -24.50 -19.37
CA ARG G 123 17.58 -24.18 -18.03
C ARG G 123 17.14 -25.23 -17.03
N PHE G 124 15.88 -25.67 -17.12
CA PHE G 124 15.42 -26.74 -16.25
C PHE G 124 16.19 -28.02 -16.53
N ILE G 125 16.53 -28.29 -17.78
CA ILE G 125 17.35 -29.45 -18.09
C ILE G 125 18.67 -29.38 -17.36
N TRP G 126 19.33 -28.22 -17.41
CA TRP G 126 20.63 -28.09 -16.76
C TRP G 126 20.51 -28.24 -15.25
N LYS G 127 19.44 -27.70 -14.66
CA LYS G 127 19.30 -27.84 -13.21
C LYS G 127 19.07 -29.29 -12.82
N ALA G 128 18.21 -30.00 -13.57
CA ALA G 128 18.01 -31.41 -13.27
C ALA G 128 19.30 -32.20 -13.48
N MET G 129 20.08 -31.84 -14.49
CA MET G 129 21.31 -32.57 -14.76
C MET G 129 22.33 -32.35 -13.67
N ILE G 130 22.41 -31.12 -13.14
CA ILE G 130 23.36 -30.89 -12.05
C ILE G 130 22.88 -31.54 -10.77
N ALA G 131 21.57 -31.66 -10.59
CA ALA G 131 21.08 -32.44 -9.46
C ALA G 131 21.45 -33.91 -9.60
N TYR G 132 21.41 -34.41 -10.83
CA TYR G 132 21.77 -35.80 -11.08
C TYR G 132 23.27 -36.04 -11.02
N SER G 133 24.07 -35.00 -11.24
CA SER G 133 25.52 -35.18 -11.27
C SER G 133 26.10 -35.55 -9.92
N GLY G 134 25.36 -35.35 -8.84
CA GLY G 134 25.86 -35.67 -7.52
C GLY G 134 26.36 -34.43 -6.79
N TYR G 135 27.04 -33.55 -7.50
CA TYR G 135 27.54 -32.32 -6.90
C TYR G 135 26.41 -31.30 -6.81
N ASP G 136 26.75 -30.10 -6.35
CA ASP G 136 25.79 -29.01 -6.27
C ASP G 136 26.53 -27.69 -6.44
N LEU G 137 26.18 -26.95 -7.48
CA LEU G 137 26.87 -25.70 -7.75
C LEU G 137 26.26 -24.53 -7.00
N ALA G 138 24.93 -24.50 -6.88
CA ALA G 138 24.28 -23.37 -6.23
C ALA G 138 24.80 -23.20 -4.81
N ALA G 139 24.84 -24.29 -4.04
CA ALA G 139 25.26 -24.20 -2.66
C ALA G 139 26.69 -23.69 -2.55
N ALA G 140 27.61 -24.27 -3.34
CA ALA G 140 29.01 -23.90 -3.21
C ALA G 140 29.25 -22.46 -3.65
N VAL G 141 28.63 -22.05 -4.75
CA VAL G 141 28.83 -20.69 -5.21
C VAL G 141 28.26 -19.70 -4.21
N LYS G 142 27.08 -19.97 -3.68
CA LYS G 142 26.50 -19.08 -2.68
C LYS G 142 27.38 -19.04 -1.44
N TYR G 143 27.98 -20.16 -1.07
CA TYR G 143 28.81 -20.20 0.12
C TYR G 143 30.06 -19.34 -0.05
N VAL G 144 30.78 -19.55 -1.15
CA VAL G 144 31.98 -18.76 -1.34
C VAL G 144 31.64 -17.30 -1.50
N ASP G 145 30.51 -16.98 -2.13
CA ASP G 145 30.10 -15.59 -2.26
C ASP G 145 29.84 -14.97 -0.90
N ARG G 146 29.14 -15.70 -0.03
CA ARG G 146 28.83 -15.15 1.28
C ARG G 146 30.10 -14.95 2.09
N PHE G 147 31.02 -15.89 2.02
CA PHE G 147 32.27 -15.74 2.76
C PHE G 147 33.05 -14.53 2.26
N TRP G 148 33.14 -14.36 0.95
CA TRP G 148 33.86 -13.22 0.41
C TRP G 148 33.19 -11.91 0.78
N SER G 149 31.86 -11.84 0.68
CA SER G 149 31.16 -10.61 1.04
C SER G 149 31.23 -10.34 2.53
N GLU G 150 31.40 -11.37 3.36
CA GLU G 150 31.58 -11.15 4.78
C GLU G 150 32.94 -10.55 5.07
N ASN G 151 34.01 -11.22 4.64
CA ASN G 151 35.31 -10.72 5.06
C ASN G 151 36.24 -10.38 3.90
N ARG G 152 35.73 -9.63 2.92
CA ARG G 152 36.60 -8.89 2.03
C ARG G 152 36.80 -7.45 2.47
N ASP G 153 35.95 -6.97 3.37
CA ASP G 153 36.03 -5.58 3.82
C ASP G 153 36.75 -5.44 5.15
N LYS G 154 36.52 -6.36 6.09
CA LYS G 154 37.13 -6.27 7.41
C LYS G 154 38.64 -6.11 7.29
N ASP G 155 39.14 -4.98 7.78
CA ASP G 155 40.54 -4.63 7.59
C ASP G 155 41.47 -5.64 8.27
N ASP G 156 41.02 -6.24 9.36
CA ASP G 156 41.83 -7.25 10.05
C ASP G 156 42.05 -8.47 9.17
N LYS G 157 41.00 -8.94 8.49
CA LYS G 157 41.13 -10.17 7.72
C LYS G 157 41.61 -9.86 6.30
N PHE G 158 42.68 -9.10 6.15
CA PHE G 158 43.13 -8.78 4.81
C PHE G 158 44.62 -8.96 4.65
N LYS G 159 45.38 -8.80 5.73
CA LYS G 159 46.79 -9.17 5.68
C LYS G 159 46.93 -10.69 5.65
N THR G 160 46.18 -11.38 6.51
CA THR G 160 46.06 -12.83 6.45
C THR G 160 44.99 -13.20 5.43
N ARG G 161 45.12 -12.68 4.21
CA ARG G 161 44.08 -12.84 3.21
C ARG G 161 44.01 -14.28 2.72
N LEU G 162 45.16 -14.93 2.53
CA LEU G 162 45.15 -16.28 1.95
C LEU G 162 44.94 -17.35 3.00
N ALA G 163 45.37 -17.13 4.23
CA ALA G 163 45.08 -18.10 5.29
C ALA G 163 43.59 -18.21 5.54
N ALA G 164 42.85 -17.10 5.40
CA ALA G 164 41.41 -17.13 5.58
C ALA G 164 40.75 -18.02 4.54
N PHE G 165 41.07 -17.78 3.26
CA PHE G 165 40.53 -18.63 2.21
C PHE G 165 41.00 -20.06 2.36
N GLU G 166 42.15 -20.26 2.99
CA GLU G 166 42.63 -21.61 3.18
C GLU G 166 41.91 -22.33 4.31
N GLY G 167 41.41 -21.60 5.29
CA GLY G 167 40.71 -22.24 6.38
C GLY G 167 39.29 -22.68 6.07
N ARG G 168 38.40 -21.72 5.88
CA ARG G 168 36.98 -22.05 5.84
C ARG G 168 36.50 -22.57 4.49
N PRO G 169 36.57 -21.81 3.39
CA PRO G 169 35.81 -22.20 2.19
C PRO G 169 36.49 -23.26 1.35
N SER G 170 37.82 -23.26 1.33
CA SER G 170 38.52 -24.23 0.51
C SER G 170 38.33 -25.64 1.03
N VAL G 171 38.26 -25.79 2.36
CA VAL G 171 37.97 -27.10 2.93
C VAL G 171 36.58 -27.55 2.51
N TYR G 172 35.63 -26.63 2.47
CA TYR G 172 34.28 -26.97 2.04
C TYR G 172 34.27 -27.44 0.60
N ILE G 173 34.95 -26.71 -0.28
CA ILE G 173 34.98 -27.10 -1.69
C ILE G 173 35.64 -28.45 -1.86
N TRP G 174 36.74 -28.70 -1.13
CA TRP G 174 37.41 -29.98 -1.27
C TRP G 174 36.56 -31.12 -0.73
N ASP G 175 35.82 -30.88 0.35
CA ASP G 175 34.93 -31.91 0.87
C ASP G 175 33.84 -32.22 -0.13
N GLY G 176 33.30 -31.20 -0.78
CA GLY G 176 32.30 -31.44 -1.82
C GLY G 176 32.86 -32.23 -2.98
N ILE G 177 34.08 -31.90 -3.40
CA ILE G 177 34.71 -32.65 -4.49
C ILE G 177 34.89 -34.11 -4.10
N ARG G 178 35.43 -34.35 -2.90
CA ARG G 178 35.70 -35.72 -2.48
C ARG G 178 34.41 -36.51 -2.28
N LEU G 179 33.33 -35.84 -1.91
CA LEU G 179 32.08 -36.56 -1.70
C LEU G 179 31.34 -36.81 -3.01
N ALA G 180 31.46 -35.91 -3.98
CA ALA G 180 30.81 -36.12 -5.26
C ALA G 180 31.63 -37.01 -6.18
N ARG G 181 32.92 -37.17 -5.92
CA ARG G 181 33.76 -37.98 -6.80
C ARG G 181 33.29 -39.42 -6.83
N LYS G 182 32.61 -39.88 -5.80
CA LYS G 182 32.15 -41.26 -5.70
C LYS G 182 30.71 -41.44 -6.18
N LYS G 183 30.17 -40.47 -6.90
CA LYS G 183 28.80 -40.60 -7.41
C LYS G 183 28.70 -39.80 -8.71
N ARG G 184 28.94 -40.48 -9.83
CA ARG G 184 28.69 -39.96 -11.17
C ARG G 184 29.04 -38.48 -11.34
N SER G 185 30.17 -38.05 -10.82
CA SER G 185 30.70 -36.72 -11.10
C SER G 185 32.13 -36.88 -11.54
N ARG G 186 32.30 -37.22 -12.81
CA ARG G 186 33.58 -37.21 -13.47
C ARG G 186 33.42 -36.72 -14.90
N ASN G 187 32.22 -36.32 -15.28
CA ASN G 187 31.89 -35.86 -16.62
C ASN G 187 30.98 -34.66 -16.56
N MET G 188 31.03 -33.91 -15.46
CA MET G 188 30.13 -32.79 -15.27
C MET G 188 30.31 -31.74 -16.36
N ALA G 189 31.53 -31.53 -16.82
CA ALA G 189 31.75 -30.67 -17.98
C ALA G 189 31.03 -31.23 -19.21
N LEU G 190 31.04 -32.55 -19.37
CA LEU G 190 30.30 -33.14 -20.48
C LEU G 190 28.81 -32.87 -20.34
N PHE G 191 28.28 -32.97 -19.12
CA PHE G 191 26.86 -32.68 -18.93
C PHE G 191 26.55 -31.23 -19.29
N TYR G 192 27.40 -30.29 -18.87
CA TYR G 192 27.14 -28.91 -19.21
C TYR G 192 27.19 -28.68 -20.72
N THR G 193 28.20 -29.24 -21.39
CA THR G 193 28.30 -28.99 -22.81
C THR G 193 27.18 -29.69 -23.57
N LEU G 194 26.67 -30.79 -23.05
CA LEU G 194 25.50 -31.41 -23.65
C LEU G 194 24.28 -30.52 -23.49
N SER G 195 24.11 -29.91 -22.33
CA SER G 195 23.03 -28.95 -22.15
C SER G 195 23.15 -27.80 -23.14
N THR G 196 24.38 -27.35 -23.39
CA THR G 196 24.54 -26.24 -24.32
C THR G 196 24.26 -26.65 -25.75
N VAL G 197 24.65 -27.88 -26.13
CA VAL G 197 24.26 -28.42 -27.42
C VAL G 197 22.74 -28.40 -27.56
N TRP G 198 22.05 -28.88 -26.52
CA TRP G 198 20.60 -28.88 -26.56
C TRP G 198 20.06 -27.48 -26.72
N GLN G 199 20.66 -26.51 -26.04
CA GLN G 199 20.18 -25.14 -26.11
C GLN G 199 20.33 -24.57 -27.51
N ALA G 200 21.47 -24.81 -28.15
CA ALA G 200 21.66 -24.29 -29.51
C ALA G 200 20.72 -24.96 -30.50
N VAL G 201 20.60 -26.28 -30.42
CA VAL G 201 19.66 -26.97 -31.31
C VAL G 201 18.26 -26.45 -31.10
N ASN G 202 17.89 -26.19 -29.85
CA ASN G 202 16.56 -25.66 -29.58
C ASN G 202 16.37 -24.29 -30.20
N ALA G 203 17.39 -23.44 -30.12
CA ALA G 203 17.28 -22.12 -30.74
C ALA G 203 17.04 -22.24 -32.23
N TRP G 204 17.81 -23.09 -32.90
CA TRP G 204 17.62 -23.24 -34.34
C TRP G 204 16.26 -23.84 -34.68
N ILE G 205 15.77 -24.75 -33.85
CA ILE G 205 14.47 -25.35 -34.13
C ILE G 205 13.35 -24.32 -33.94
N GLN G 206 13.47 -23.46 -32.93
CA GLN G 206 12.47 -22.41 -32.77
C GLN G 206 12.50 -21.47 -33.96
N PHE G 207 13.69 -21.14 -34.45
CA PHE G 207 13.78 -20.30 -35.64
C PHE G 207 13.10 -20.96 -36.83
N TYR G 208 13.32 -22.26 -37.01
CA TYR G 208 12.67 -22.96 -38.11
C TYR G 208 11.16 -22.98 -37.97
N ILE G 209 10.67 -23.25 -36.76
CA ILE G 209 9.23 -23.22 -36.52
C ILE G 209 8.64 -21.87 -36.88
N LEU G 210 9.36 -20.79 -36.54
CA LEU G 210 8.85 -19.47 -36.90
C LEU G 210 8.81 -19.29 -38.41
N THR G 211 9.93 -19.56 -39.09
CA THR G 211 9.98 -19.27 -40.51
C THR G 211 9.07 -20.17 -41.34
N GLN G 212 8.54 -21.25 -40.77
CA GLN G 212 7.58 -22.11 -41.48
C GLN G 212 6.16 -21.81 -41.04
N LEU G 213 5.86 -20.54 -40.79
CA LEU G 213 4.55 -20.10 -40.35
C LEU G 213 4.13 -18.95 -41.25
N LEU G 214 3.54 -19.29 -42.39
CA LEU G 214 3.13 -18.30 -43.38
C LEU G 214 1.75 -18.62 -43.94
N LEU G 221 10.26 -14.49 -48.71
CA LEU G 221 9.62 -15.16 -47.58
C LEU G 221 10.61 -15.39 -46.46
N TRP G 222 11.91 -15.24 -46.76
CA TRP G 222 12.97 -15.55 -45.81
C TRP G 222 13.46 -14.32 -45.05
N GLY G 223 12.61 -13.32 -44.87
CA GLY G 223 12.96 -12.21 -44.02
C GLY G 223 13.38 -10.97 -44.77
N PRO G 224 14.68 -10.70 -44.85
CA PRO G 224 15.15 -9.45 -45.46
C PRO G 224 14.71 -9.26 -46.90
N SER G 225 14.41 -10.33 -47.64
CA SER G 225 13.76 -10.16 -48.93
C SER G 225 12.42 -9.44 -48.77
N ILE G 226 11.57 -9.93 -47.87
CA ILE G 226 10.29 -9.28 -47.63
C ILE G 226 10.49 -7.87 -47.10
N LEU G 227 11.48 -7.69 -46.23
CA LEU G 227 11.74 -6.35 -45.69
C LEU G 227 12.11 -5.38 -46.80
N GLY G 228 13.02 -5.78 -47.69
CA GLY G 228 13.38 -4.92 -48.79
C GLY G 228 12.22 -4.65 -49.72
N ASP G 229 11.38 -5.66 -49.95
CA ASP G 229 10.15 -5.44 -50.68
C ASP G 229 9.26 -4.41 -50.00
N LEU G 230 9.32 -4.34 -48.67
CA LEU G 230 8.60 -3.33 -47.93
C LEU G 230 9.39 -2.04 -47.78
N LEU G 231 10.71 -2.09 -47.89
CA LEU G 231 11.50 -0.87 -47.82
C LEU G 231 11.48 -0.09 -49.13
N GLN G 232 11.16 -0.75 -50.25
CA GLN G 232 11.08 -0.09 -51.53
C GLN G 232 9.70 0.46 -51.86
N GLY G 233 8.71 0.21 -51.00
CA GLY G 233 7.40 0.80 -51.20
C GLY G 233 6.41 -0.11 -51.90
N ASN G 234 6.31 -1.35 -51.44
CA ASN G 234 5.31 -2.31 -51.92
C ASN G 234 4.63 -2.86 -50.68
N ASP G 235 3.56 -2.21 -50.23
CA ASP G 235 3.11 -2.43 -48.86
C ASP G 235 2.33 -3.73 -48.70
N TRP G 236 1.09 -3.77 -49.21
CA TRP G 236 0.42 -5.07 -49.25
C TRP G 236 -0.44 -5.30 -50.49
N GLN G 237 -0.95 -4.27 -51.14
CA GLN G 237 -1.82 -4.50 -52.28
C GLN G 237 -1.05 -4.88 -53.54
N THR G 238 0.22 -4.51 -53.62
CA THR G 238 1.08 -4.93 -54.71
C THR G 238 1.94 -6.13 -54.35
N THR G 239 1.58 -6.84 -53.28
CA THR G 239 2.35 -7.96 -52.77
C THR G 239 1.58 -9.27 -52.73
N GLY G 240 0.31 -9.22 -52.37
CA GLY G 240 -0.46 -10.44 -52.21
C GLY G 240 -0.50 -10.91 -50.77
N HIS G 241 0.66 -11.26 -50.22
CA HIS G 241 0.72 -11.74 -48.85
C HIS G 241 0.45 -10.60 -47.89
N PHE G 242 0.26 -10.95 -46.61
CA PHE G 242 0.08 -9.99 -45.54
C PHE G 242 -1.05 -9.03 -45.89
N PRO G 243 -2.30 -9.47 -45.83
CA PRO G 243 -3.41 -8.61 -46.19
C PRO G 243 -4.02 -7.91 -44.99
N ARG G 244 -4.75 -6.84 -45.28
CA ARG G 244 -5.53 -6.12 -44.27
C ARG G 244 -6.95 -5.80 -44.70
N ILE G 245 -7.31 -6.05 -45.96
CA ILE G 245 -8.66 -5.85 -46.46
C ILE G 245 -9.03 -7.11 -47.23
N VAL G 246 -9.94 -7.89 -46.69
CA VAL G 246 -10.21 -9.23 -47.21
C VAL G 246 -11.71 -9.43 -47.33
N HIS G 247 -12.12 -10.13 -48.38
CA HIS G 247 -13.53 -10.44 -48.60
C HIS G 247 -13.91 -11.68 -47.81
N CYS G 248 -15.21 -11.85 -47.59
CA CYS G 248 -15.74 -12.90 -46.74
C CYS G 248 -16.87 -13.63 -47.43
N ASP G 249 -16.86 -14.95 -47.31
CA ASP G 249 -17.96 -15.76 -47.84
C ASP G 249 -19.17 -15.63 -46.94
N PHE G 250 -20.35 -15.61 -47.55
CA PHE G 250 -21.58 -15.49 -46.78
C PHE G 250 -22.74 -15.88 -47.68
N ASN G 251 -23.43 -16.95 -47.32
CA ASN G 251 -24.61 -17.39 -48.09
C ASN G 251 -25.87 -16.72 -47.59
N THR G 262 -19.56 -10.81 -50.39
CA THR G 262 -19.11 -9.43 -50.54
C THR G 262 -19.16 -8.67 -49.22
N VAL G 263 -18.66 -9.30 -48.16
CA VAL G 263 -18.80 -8.71 -46.83
C VAL G 263 -17.65 -7.77 -46.50
N LEU G 264 -16.48 -7.96 -47.10
CA LEU G 264 -15.38 -7.00 -47.04
C LEU G 264 -15.02 -6.65 -45.59
N CYS G 265 -14.50 -7.65 -44.89
CA CYS G 265 -14.05 -7.46 -43.52
C CYS G 265 -12.60 -7.01 -43.49
N VAL G 266 -12.30 -6.09 -42.58
CA VAL G 266 -10.96 -5.56 -42.36
C VAL G 266 -10.36 -6.20 -41.13
N LEU G 267 -9.09 -6.57 -41.22
CA LEU G 267 -8.36 -7.25 -40.16
C LEU G 267 -7.46 -6.24 -39.46
N THR G 268 -7.87 -5.78 -38.29
CA THR G 268 -7.04 -4.84 -37.55
C THR G 268 -5.73 -5.49 -37.13
N LEU G 269 -5.81 -6.64 -36.48
CA LEU G 269 -4.62 -7.28 -35.91
C LEU G 269 -3.51 -7.44 -36.92
N ASN G 270 -3.84 -7.74 -38.17
CA ASN G 270 -2.83 -8.00 -39.17
C ASN G 270 -1.89 -6.83 -39.39
N ILE G 271 -2.18 -5.67 -38.80
CA ILE G 271 -1.21 -4.58 -38.85
C ILE G 271 -0.13 -4.74 -37.79
N TYR G 272 -0.38 -5.50 -36.74
CA TYR G 272 0.61 -5.74 -35.70
C TYR G 272 1.42 -7.00 -35.92
N TYR G 273 1.02 -7.86 -36.86
CA TYR G 273 1.79 -9.08 -37.09
C TYR G 273 3.00 -8.79 -37.98
N GLU G 274 2.78 -8.37 -39.19
CA GLU G 274 3.95 -8.14 -40.03
C GLU G 274 4.77 -6.97 -39.60
N LYS G 275 4.47 -6.32 -38.48
CA LYS G 275 5.45 -5.50 -37.79
C LYS G 275 6.05 -6.22 -36.60
N LEU G 276 5.74 -7.50 -36.42
CA LEU G 276 6.28 -8.31 -35.34
C LEU G 276 7.12 -9.46 -35.85
N PHE G 277 6.75 -10.07 -36.97
CA PHE G 277 7.61 -11.07 -37.57
C PHE G 277 8.92 -10.45 -38.02
N ILE G 278 8.86 -9.25 -38.58
CA ILE G 278 10.06 -8.54 -39.02
C ILE G 278 11.05 -8.40 -37.88
N PHE G 279 10.56 -8.31 -36.65
CA PHE G 279 11.46 -8.17 -35.51
C PHE G 279 11.87 -9.51 -34.92
N LEU G 280 10.91 -10.43 -34.78
CA LEU G 280 11.23 -11.72 -34.19
C LEU G 280 12.20 -12.50 -35.05
N TRP G 281 12.16 -12.32 -36.37
CA TRP G 281 13.13 -12.98 -37.23
C TRP G 281 14.55 -12.56 -36.85
N PHE G 282 14.80 -11.25 -36.83
CA PHE G 282 16.11 -10.75 -36.46
C PHE G 282 16.51 -11.24 -35.08
N TRP G 283 15.60 -11.14 -34.12
CA TRP G 283 16.00 -11.44 -32.74
C TRP G 283 16.27 -12.92 -32.56
N LEU G 284 15.47 -13.78 -33.18
CA LEU G 284 15.73 -15.21 -33.07
C LEU G 284 17.02 -15.60 -33.77
N VAL G 285 17.32 -14.99 -34.92
CA VAL G 285 18.57 -15.39 -35.56
C VAL G 285 19.76 -14.93 -34.73
N PHE G 286 19.65 -13.76 -34.09
CA PHE G 286 20.72 -13.29 -33.23
C PHE G 286 20.92 -14.22 -32.04
N VAL G 287 19.82 -14.58 -31.36
CA VAL G 287 19.90 -15.51 -30.25
C VAL G 287 20.51 -16.83 -30.71
N ALA G 288 20.13 -17.30 -31.89
CA ALA G 288 20.61 -18.59 -32.36
C ALA G 288 22.10 -18.57 -32.58
N VAL G 289 22.63 -17.55 -33.27
CA VAL G 289 24.05 -17.54 -33.50
C VAL G 289 24.84 -17.30 -32.22
N VAL G 290 24.30 -16.53 -31.27
CA VAL G 290 25.00 -16.36 -30.00
C VAL G 290 25.10 -17.69 -29.26
N SER G 291 23.97 -18.38 -29.11
CA SER G 291 24.02 -19.67 -28.45
C SER G 291 24.90 -20.66 -29.20
N THR G 292 24.96 -20.58 -30.52
CA THR G 292 25.82 -21.51 -31.26
C THR G 292 27.30 -21.21 -31.05
N VAL G 293 27.70 -19.94 -31.01
CA VAL G 293 29.11 -19.69 -30.73
C VAL G 293 29.45 -20.07 -29.31
N ASN G 294 28.51 -19.92 -28.38
CA ASN G 294 28.77 -20.41 -27.03
C ASN G 294 28.94 -21.93 -27.02
N CYS G 295 28.10 -22.63 -27.76
CA CYS G 295 28.20 -24.08 -27.82
C CYS G 295 29.53 -24.51 -28.43
N PHE G 296 29.96 -23.84 -29.50
CA PHE G 296 31.22 -24.20 -30.11
C PHE G 296 32.39 -23.93 -29.17
N LYS G 297 32.35 -22.80 -28.46
CA LYS G 297 33.39 -22.54 -27.47
C LYS G 297 33.46 -23.66 -26.45
N TRP G 298 32.30 -24.11 -25.95
CA TRP G 298 32.32 -25.13 -24.91
C TRP G 298 32.77 -26.49 -25.45
N ILE G 299 32.37 -26.83 -26.68
CA ILE G 299 32.74 -28.14 -27.20
C ILE G 299 34.22 -28.18 -27.50
N TYR G 300 34.79 -27.08 -27.99
CA TYR G 300 36.23 -27.02 -28.20
C TYR G 300 36.98 -27.00 -26.88
N TYR G 301 36.40 -26.37 -25.85
CA TYR G 301 36.95 -26.45 -24.51
C TYR G 301 37.07 -27.90 -24.06
N LEU G 302 35.95 -28.62 -24.10
CA LEU G 302 35.95 -29.99 -23.62
C LEU G 302 36.88 -30.87 -24.43
N CYS G 303 36.85 -30.73 -25.75
CA CYS G 303 37.61 -31.65 -26.60
C CYS G 303 39.11 -31.44 -26.45
N ASN G 304 39.55 -30.20 -26.24
CA ASN G 304 40.98 -29.92 -26.22
C ASN G 304 41.64 -30.47 -24.96
N LYS G 305 41.12 -30.11 -23.79
CA LYS G 305 41.57 -30.63 -22.50
C LYS G 305 42.96 -30.12 -22.15
N THR G 306 43.60 -29.43 -23.09
CA THR G 306 44.95 -28.92 -22.87
C THR G 306 45.00 -27.42 -22.72
N LYS G 307 44.22 -26.68 -23.51
CA LYS G 307 44.04 -25.26 -23.31
C LYS G 307 42.83 -24.95 -22.44
N ALA G 308 42.38 -25.93 -21.66
CA ALA G 308 41.41 -25.66 -20.61
C ALA G 308 42.08 -25.23 -19.32
N GLN G 309 43.33 -25.62 -19.11
CA GLN G 309 44.09 -25.25 -17.92
C GLN G 309 44.87 -23.96 -18.10
N LYS G 310 44.42 -23.08 -19.00
CA LYS G 310 45.10 -21.80 -19.17
C LYS G 310 44.87 -20.90 -17.98
N THR G 311 43.60 -20.67 -17.63
CA THR G 311 43.29 -19.76 -16.54
C THR G 311 43.84 -20.28 -15.21
N ILE G 312 43.84 -21.60 -15.01
CA ILE G 312 44.33 -22.12 -13.75
C ILE G 312 45.85 -21.94 -13.64
N LYS G 313 46.57 -22.23 -14.72
CA LYS G 313 48.01 -22.03 -14.70
C LYS G 313 48.36 -20.55 -14.57
N ASN G 314 47.50 -19.67 -15.05
CA ASN G 314 47.77 -18.25 -14.87
C ASN G 314 47.44 -17.79 -13.47
N TYR G 315 46.43 -18.37 -12.84
CA TYR G 315 46.15 -18.07 -11.44
C TYR G 315 47.29 -18.50 -10.55
N LEU G 316 47.74 -19.74 -10.72
CA LEU G 316 48.77 -20.30 -9.86
C LEU G 316 50.11 -19.61 -9.97
N SER G 317 50.27 -18.65 -10.88
CA SER G 317 51.53 -17.93 -11.03
C SER G 317 51.49 -16.59 -10.32
N THR G 318 50.78 -16.49 -9.22
CA THR G 318 50.73 -15.23 -8.48
C THR G 318 51.19 -15.36 -7.05
N ALA G 319 50.82 -16.44 -6.36
CA ALA G 319 51.19 -16.60 -4.96
C ALA G 319 52.70 -16.66 -4.84
N PRO G 320 53.34 -15.75 -4.11
CA PRO G 320 54.80 -15.67 -4.09
C PRO G 320 55.47 -16.73 -3.24
N ILE G 321 55.03 -17.98 -3.41
CA ILE G 321 55.57 -19.09 -2.63
C ILE G 321 56.09 -20.18 -3.56
N LYS G 322 55.19 -20.75 -4.38
CA LYS G 322 55.47 -21.93 -5.18
C LYS G 322 56.06 -23.03 -4.30
N SER G 323 55.24 -23.48 -3.36
CA SER G 323 55.78 -24.18 -2.20
C SER G 323 56.32 -25.56 -2.51
N THR G 324 55.46 -26.52 -2.82
CA THR G 324 55.98 -27.85 -3.12
C THR G 324 55.33 -28.48 -4.34
N ILE G 325 54.02 -28.31 -4.49
CA ILE G 325 53.22 -29.20 -5.32
C ILE G 325 53.30 -28.75 -6.76
N SER G 326 53.77 -29.64 -7.63
CA SER G 326 53.76 -29.36 -9.06
C SER G 326 52.34 -29.25 -9.56
N ASP G 327 52.19 -28.58 -10.70
CA ASP G 327 50.85 -28.37 -11.25
C ASP G 327 50.24 -29.68 -11.72
N ASP G 328 51.02 -30.51 -12.42
CA ASP G 328 50.45 -31.69 -13.06
C ASP G 328 49.83 -32.64 -12.06
N GLN G 329 50.50 -32.86 -10.93
CA GLN G 329 49.88 -33.67 -9.88
C GLN G 329 48.66 -32.97 -9.32
N PHE G 330 48.73 -31.65 -9.15
CA PHE G 330 47.57 -30.90 -8.68
C PHE G 330 46.41 -31.05 -9.66
N PHE G 331 46.69 -30.89 -10.95
CA PHE G 331 45.63 -31.03 -11.94
C PHE G 331 45.05 -32.43 -11.94
N SER G 332 45.90 -33.46 -11.90
CA SER G 332 45.38 -34.82 -11.84
C SER G 332 44.54 -35.04 -10.60
N ALA G 333 44.87 -34.35 -9.50
CA ALA G 333 44.01 -34.38 -8.32
C ALA G 333 42.71 -33.62 -8.55
N LEU G 334 42.73 -32.65 -9.46
CA LEU G 334 41.58 -31.79 -9.72
C LEU G 334 41.06 -31.99 -11.14
N GLY G 335 41.18 -33.21 -11.68
CA GLY G 335 41.06 -33.36 -13.13
C GLY G 335 39.66 -33.16 -13.65
N GLU G 336 38.74 -34.03 -13.26
CA GLU G 336 37.43 -34.06 -13.90
C GLU G 336 36.58 -32.86 -13.52
N ASP G 337 36.28 -32.71 -12.24
CA ASP G 337 35.28 -31.76 -11.76
C ASP G 337 35.90 -30.40 -11.46
N GLY G 338 36.84 -30.36 -10.53
CA GLY G 338 37.35 -29.10 -10.02
C GLY G 338 37.74 -28.12 -11.10
N LEU G 339 38.22 -28.62 -12.24
CA LEU G 339 38.55 -27.73 -13.33
C LEU G 339 37.33 -26.98 -13.83
N PHE G 340 36.14 -27.50 -13.59
CA PHE G 340 34.91 -26.83 -13.98
C PHE G 340 34.34 -25.98 -12.85
N ILE G 341 34.44 -26.47 -11.61
CA ILE G 341 34.00 -25.67 -10.47
C ILE G 341 34.78 -24.36 -10.40
N MET G 342 36.09 -24.41 -10.65
CA MET G 342 36.86 -23.18 -10.62
C MET G 342 36.41 -22.23 -11.70
N ASP G 343 36.03 -22.76 -12.86
CA ASP G 343 35.52 -21.90 -13.93
C ASP G 343 34.23 -21.23 -13.49
N GLN G 344 33.31 -22.00 -12.91
CA GLN G 344 32.06 -21.42 -12.45
C GLN G 344 32.30 -20.35 -11.40
N MET G 345 33.25 -20.60 -10.49
CA MET G 345 33.56 -19.61 -9.48
C MET G 345 34.10 -18.33 -10.12
N ALA G 346 34.99 -18.47 -11.09
CA ALA G 346 35.48 -17.30 -11.80
C ALA G 346 34.34 -16.56 -12.49
N LEU G 347 33.34 -17.29 -12.96
CA LEU G 347 32.25 -16.66 -13.70
C LEU G 347 31.31 -15.90 -12.78
N ASN G 348 31.07 -16.42 -11.58
CA ASN G 348 30.12 -15.78 -10.68
C ASN G 348 30.75 -14.71 -9.81
N LEU G 349 31.92 -15.01 -9.22
CA LEU G 349 32.49 -14.11 -8.23
C LEU G 349 33.39 -13.07 -8.87
N GLY G 350 34.13 -13.45 -9.89
CA GLY G 350 35.12 -12.59 -10.47
C GLY G 350 36.41 -13.36 -10.62
N ASP G 351 37.51 -12.63 -10.71
CA ASP G 351 38.82 -13.27 -10.79
C ASP G 351 39.61 -13.17 -9.50
N ILE G 352 39.60 -12.01 -8.87
CA ILE G 352 40.30 -11.88 -7.59
C ILE G 352 39.77 -12.86 -6.56
N PRO G 353 38.47 -12.94 -6.28
CA PRO G 353 38.03 -13.90 -5.27
C PRO G 353 38.01 -15.33 -5.79
N ALA G 354 38.63 -15.57 -6.93
CA ALA G 354 38.81 -16.94 -7.39
C ALA G 354 40.26 -17.36 -7.48
N SER G 355 41.17 -16.42 -7.75
CA SER G 355 42.58 -16.76 -7.71
C SER G 355 43.00 -17.19 -6.32
N TYR G 356 42.55 -16.47 -5.30
CA TYR G 356 42.81 -16.89 -3.93
C TYR G 356 42.28 -18.29 -3.67
N LEU G 357 41.08 -18.57 -4.17
CA LEU G 357 40.47 -19.87 -3.96
C LEU G 357 41.31 -20.98 -4.58
N THR G 358 41.70 -20.80 -5.84
CA THR G 358 42.44 -21.86 -6.50
C THR G 358 43.86 -21.98 -5.99
N ILE G 359 44.42 -20.92 -5.41
CA ILE G 359 45.72 -21.05 -4.77
C ILE G 359 45.58 -21.86 -3.48
N SER G 360 44.61 -21.49 -2.65
CA SER G 360 44.39 -22.24 -1.42
C SER G 360 44.13 -23.70 -1.72
N MET G 361 43.30 -24.00 -2.71
CA MET G 361 43.03 -25.39 -3.03
C MET G 361 44.26 -26.12 -3.54
N ARG G 362 45.32 -25.39 -3.90
CA ARG G 362 46.58 -26.07 -4.20
C ARG G 362 47.39 -26.29 -2.95
N ASN G 363 47.35 -25.34 -2.02
CA ASN G 363 48.21 -25.46 -0.84
C ASN G 363 47.77 -26.57 0.11
N ILE G 364 46.61 -27.20 -0.10
CA ILE G 364 46.16 -28.25 0.79
C ILE G 364 45.76 -29.52 0.04
N CYS G 365 46.16 -29.64 -1.23
CA CYS G 365 45.71 -30.78 -2.00
C CYS G 365 46.37 -32.06 -1.49
N GLN G 366 45.67 -32.78 -0.61
CA GLN G 366 46.23 -33.98 -0.01
C GLN G 366 45.26 -35.15 0.01
N ASP G 367 44.11 -35.04 -0.65
CA ASP G 367 43.22 -36.20 -0.73
C ASP G 367 43.67 -37.16 -1.81
N PHE G 368 44.26 -36.67 -2.89
CA PHE G 368 44.87 -37.53 -3.90
C PHE G 368 46.38 -37.50 -3.84
N ILE G 369 46.99 -36.32 -3.89
CA ILE G 369 48.43 -36.21 -3.86
C ILE G 369 48.83 -34.98 -3.06
N LYS H 23 9.84 -28.32 6.15
CA LYS H 23 10.09 -28.11 4.73
C LYS H 23 10.16 -29.44 3.99
N GLY H 24 10.17 -29.38 2.67
CA GLY H 24 10.36 -30.56 1.85
C GLY H 24 10.56 -30.19 0.40
N ASP H 25 11.60 -30.73 -0.22
CA ASP H 25 11.95 -30.46 -1.60
C ASP H 25 11.94 -31.73 -2.43
N LEU H 26 10.90 -32.54 -2.25
CA LEU H 26 10.82 -33.85 -2.89
C LEU H 26 10.98 -33.74 -4.40
N ALA H 27 11.90 -34.53 -4.94
CA ALA H 27 12.28 -34.41 -6.35
C ALA H 27 11.12 -34.88 -7.23
N ASP H 28 10.50 -33.95 -7.92
CA ASP H 28 9.45 -34.25 -8.90
C ASP H 28 8.26 -34.96 -8.25
N ARG H 29 8.09 -34.76 -6.95
CA ARG H 29 6.79 -34.85 -6.33
C ARG H 29 6.19 -33.47 -6.14
N LEU H 30 6.95 -32.42 -6.40
CA LEU H 30 6.44 -31.06 -6.47
C LEU H 30 5.81 -30.76 -7.81
N ASN H 31 5.56 -31.77 -8.62
CA ASN H 31 4.70 -31.60 -9.79
C ASN H 31 3.23 -31.67 -9.42
N SER H 32 2.90 -32.06 -8.18
CA SER H 32 1.55 -31.82 -7.69
C SER H 32 1.29 -30.32 -7.57
N ARG H 33 2.28 -29.55 -7.12
CA ARG H 33 2.12 -28.11 -7.02
C ARG H 33 1.85 -27.49 -8.40
N VAL H 34 2.74 -27.72 -9.35
CA VAL H 34 2.58 -27.11 -10.67
C VAL H 34 1.34 -27.66 -11.36
N THR H 35 1.01 -28.94 -11.16
CA THR H 35 -0.17 -29.50 -11.79
C THR H 35 -1.43 -28.85 -11.26
N VAL H 36 -1.56 -28.76 -9.94
CA VAL H 36 -2.72 -28.10 -9.35
C VAL H 36 -2.83 -26.68 -9.86
N VAL H 37 -1.71 -25.95 -9.92
CA VAL H 37 -1.76 -24.56 -10.36
C VAL H 37 -2.27 -24.48 -11.80
N ILE H 38 -1.68 -25.25 -12.70
CA ILE H 38 -2.06 -25.12 -14.11
C ILE H 38 -3.50 -25.53 -14.32
N LEU H 39 -3.92 -26.65 -13.74
CA LEU H 39 -5.29 -27.12 -13.95
C LEU H 39 -6.30 -26.15 -13.34
N ALA H 40 -6.03 -25.65 -12.14
CA ALA H 40 -6.97 -24.76 -11.49
C ALA H 40 -7.06 -23.42 -12.20
N VAL H 41 -5.93 -22.92 -12.72
CA VAL H 41 -6.00 -21.65 -13.41
C VAL H 41 -6.73 -21.80 -14.74
N SER H 42 -6.56 -22.93 -15.42
CA SER H 42 -7.34 -23.16 -16.63
C SER H 42 -8.83 -23.24 -16.31
N SER H 43 -9.19 -23.99 -15.27
CA SER H 43 -10.60 -24.14 -14.92
C SER H 43 -11.23 -22.82 -14.53
N ALA H 44 -10.53 -22.04 -13.69
CA ALA H 44 -11.04 -20.73 -13.31
C ALA H 44 -11.15 -19.79 -14.50
N LEU H 45 -10.19 -19.82 -15.43
CA LEU H 45 -10.28 -18.97 -16.61
C LEU H 45 -11.50 -19.34 -17.45
N LEU H 46 -11.73 -20.63 -17.67
CA LEU H 46 -12.86 -21.02 -18.50
C LEU H 46 -14.19 -20.70 -17.82
N LEU H 47 -14.28 -20.91 -16.51
CA LEU H 47 -15.51 -20.60 -15.81
C LEU H 47 -15.79 -19.10 -15.82
N SER H 48 -14.77 -18.29 -15.56
CA SER H 48 -14.95 -16.85 -15.64
C SER H 48 -15.31 -16.42 -17.06
N SER H 49 -14.80 -17.14 -18.07
CA SER H 49 -15.12 -16.80 -19.45
C SER H 49 -16.61 -17.01 -19.72
N HIS H 50 -17.09 -18.23 -19.57
CA HIS H 50 -18.50 -18.48 -19.84
C HIS H 50 -19.39 -18.16 -18.64
N PHE H 51 -18.91 -17.32 -17.72
CA PHE H 51 -19.77 -16.67 -16.74
C PHE H 51 -19.77 -15.16 -16.87
N ILE H 52 -18.86 -14.57 -17.64
CA ILE H 52 -18.76 -13.12 -17.77
C ILE H 52 -18.98 -12.72 -19.22
N GLY H 53 -18.11 -13.20 -20.10
CA GLY H 53 -18.24 -12.89 -21.50
C GLY H 53 -19.40 -13.63 -22.14
N ASP H 54 -19.37 -13.67 -23.47
CA ASP H 54 -20.38 -14.39 -24.21
C ASP H 54 -19.81 -15.71 -24.69
N PRO H 55 -20.31 -16.85 -24.20
CA PRO H 55 -19.79 -18.14 -24.62
C PRO H 55 -20.37 -18.67 -25.92
N ILE H 56 -21.25 -17.91 -26.54
CA ILE H 56 -21.93 -18.36 -27.76
C ILE H 56 -22.57 -17.14 -28.40
N THR H 57 -22.79 -17.20 -29.72
CA THR H 57 -23.53 -16.15 -30.40
C THR H 57 -24.48 -16.79 -31.38
N CYS H 58 -25.61 -16.13 -31.65
CA CYS H 58 -26.63 -16.73 -32.48
C CYS H 58 -27.16 -15.71 -33.47
N TRP H 59 -27.68 -16.21 -34.59
CA TRP H 59 -28.06 -15.36 -35.72
C TRP H 59 -29.25 -15.98 -36.42
N THR H 60 -30.43 -15.42 -36.23
CA THR H 60 -31.41 -15.94 -37.17
C THR H 60 -31.71 -14.90 -38.23
N PRO H 61 -31.88 -15.29 -39.48
CA PRO H 61 -31.99 -14.28 -40.54
C PRO H 61 -33.40 -13.72 -40.71
N ALA H 62 -34.07 -13.40 -39.61
CA ALA H 62 -35.39 -12.77 -39.71
C ALA H 62 -35.38 -11.35 -39.15
N GLN H 63 -35.05 -11.19 -37.87
CA GLN H 63 -34.98 -9.89 -37.21
C GLN H 63 -34.56 -10.13 -35.77
N PHE H 64 -34.01 -9.08 -35.15
CA PHE H 64 -33.61 -9.13 -33.75
C PHE H 64 -34.17 -7.92 -33.01
N ASN H 65 -34.16 -8.03 -31.69
CA ASN H 65 -34.55 -6.91 -30.84
C ASN H 65 -33.65 -6.78 -29.63
N ALA H 66 -32.43 -7.31 -29.69
CA ALA H 66 -31.47 -7.27 -28.58
C ALA H 66 -32.00 -8.02 -27.37
N GLN H 67 -33.18 -8.63 -27.51
CA GLN H 67 -33.73 -9.51 -26.50
C GLN H 67 -34.00 -10.91 -27.03
N TRP H 68 -34.18 -11.05 -28.34
CA TRP H 68 -34.12 -12.37 -28.94
C TRP H 68 -32.76 -13.00 -28.69
N VAL H 69 -31.69 -12.30 -29.05
CA VAL H 69 -30.36 -12.91 -28.98
C VAL H 69 -29.93 -13.10 -27.53
N ASN H 70 -30.27 -12.17 -26.65
CA ASN H 70 -29.85 -12.32 -25.26
C ASN H 70 -30.50 -13.51 -24.60
N PHE H 71 -31.57 -14.05 -25.18
CA PHE H 71 -32.17 -15.27 -24.68
C PHE H 71 -31.74 -16.48 -25.47
N VAL H 72 -31.72 -16.39 -26.81
CA VAL H 72 -31.30 -17.52 -27.61
C VAL H 72 -29.88 -17.95 -27.26
N ASN H 73 -29.03 -17.01 -26.84
CA ASN H 73 -27.71 -17.41 -26.38
C ASN H 73 -27.80 -18.44 -25.27
N GLN H 74 -28.47 -18.08 -24.17
CA GLN H 74 -28.60 -19.02 -23.06
C GLN H 74 -29.33 -20.28 -23.47
N TYR H 75 -30.36 -20.16 -24.31
CA TYR H 75 -31.12 -21.33 -24.69
C TYR H 75 -30.25 -22.32 -25.45
N CYS H 76 -29.68 -21.88 -26.56
CA CYS H 76 -28.85 -22.75 -27.36
C CYS H 76 -27.60 -23.21 -26.62
N PHE H 77 -27.20 -22.50 -25.58
CA PHE H 77 -26.07 -22.96 -24.79
C PHE H 77 -26.48 -24.10 -23.87
N VAL H 78 -27.51 -23.87 -23.04
CA VAL H 78 -27.99 -24.91 -22.15
C VAL H 78 -28.45 -26.13 -22.94
N HIS H 79 -29.47 -25.93 -23.78
CA HIS H 79 -29.91 -27.02 -24.64
C HIS H 79 -28.79 -27.42 -25.58
N GLY H 80 -28.88 -28.64 -26.09
CA GLY H 80 -27.83 -29.18 -26.93
C GLY H 80 -27.74 -28.45 -28.26
N THR H 81 -26.62 -28.67 -28.93
CA THR H 81 -26.38 -28.23 -30.29
C THR H 81 -25.87 -29.39 -31.11
N TYR H 82 -26.03 -29.31 -32.43
CA TYR H 82 -25.52 -30.35 -33.29
C TYR H 82 -24.82 -29.70 -34.48
N PHE H 83 -23.85 -30.42 -35.02
CA PHE H 83 -22.98 -29.92 -36.07
C PHE H 83 -23.24 -30.67 -37.37
N VAL H 84 -23.11 -29.95 -38.49
CA VAL H 84 -23.26 -30.56 -39.81
C VAL H 84 -22.19 -29.99 -40.72
N PRO H 85 -21.79 -30.77 -41.73
CA PRO H 85 -20.82 -30.26 -42.71
C PRO H 85 -21.41 -29.16 -43.57
N LEU H 86 -20.64 -28.67 -44.54
CA LEU H 86 -21.05 -27.54 -45.37
C LEU H 86 -21.53 -27.99 -46.75
N ASP H 87 -22.09 -29.18 -46.85
CA ASP H 87 -22.62 -29.66 -48.13
C ASP H 87 -23.94 -28.96 -48.45
N SER H 101 -24.49 -34.77 -31.59
CA SER H 101 -24.72 -33.62 -30.73
C SER H 101 -23.61 -33.49 -29.70
N ILE H 102 -22.42 -33.13 -30.17
CA ILE H 102 -21.27 -33.02 -29.29
C ILE H 102 -21.44 -31.81 -28.37
N GLN H 103 -21.56 -32.08 -27.07
CA GLN H 103 -21.69 -31.02 -26.08
C GLN H 103 -20.97 -31.46 -24.81
N TYR H 104 -19.70 -31.08 -24.70
CA TYR H 104 -18.94 -31.22 -23.47
C TYR H 104 -18.69 -29.87 -22.83
N TYR H 105 -19.36 -28.82 -23.31
CA TYR H 105 -19.24 -27.51 -22.69
C TYR H 105 -19.62 -27.53 -21.22
N GLN H 106 -20.40 -28.53 -20.79
CA GLN H 106 -20.90 -28.57 -19.42
C GLN H 106 -20.10 -29.49 -18.52
N TRP H 107 -18.93 -29.95 -18.95
CA TRP H 107 -18.14 -30.83 -18.11
C TRP H 107 -16.66 -30.51 -18.06
N VAL H 108 -16.11 -29.82 -19.04
CA VAL H 108 -14.68 -29.53 -19.04
C VAL H 108 -14.32 -28.65 -17.86
N PRO H 109 -14.90 -27.46 -17.70
CA PRO H 109 -14.41 -26.56 -16.64
C PRO H 109 -14.83 -26.99 -15.25
N TYR H 110 -15.42 -28.16 -15.11
CA TYR H 110 -15.67 -28.76 -13.80
C TYR H 110 -14.83 -30.00 -13.56
N VAL H 111 -14.75 -30.88 -14.56
CA VAL H 111 -13.85 -32.01 -14.45
C VAL H 111 -12.43 -31.52 -14.25
N PHE H 112 -12.08 -30.35 -14.77
CA PHE H 112 -10.72 -29.85 -14.57
C PHE H 112 -10.46 -29.52 -13.09
N ALA H 113 -11.40 -28.85 -12.44
CA ALA H 113 -11.23 -28.55 -11.02
C ALA H 113 -11.19 -29.84 -10.21
N LEU H 114 -12.01 -30.82 -10.57
CA LEU H 114 -11.95 -32.11 -9.88
C LEU H 114 -10.59 -32.77 -10.08
N GLN H 115 -10.04 -32.68 -11.30
CA GLN H 115 -8.69 -33.19 -11.54
C GLN H 115 -7.69 -32.51 -10.62
N ALA H 116 -7.78 -31.19 -10.49
CA ALA H 116 -6.84 -30.46 -9.65
C ALA H 116 -6.91 -30.96 -8.21
N PHE H 117 -8.13 -31.13 -7.70
CA PHE H 117 -8.27 -31.63 -6.34
C PHE H 117 -7.66 -33.02 -6.19
N LEU H 118 -7.94 -33.90 -7.15
CA LEU H 118 -7.41 -35.25 -7.05
C LEU H 118 -5.90 -35.31 -7.24
N PHE H 119 -5.32 -34.33 -7.93
CA PHE H 119 -3.87 -34.23 -7.98
C PHE H 119 -3.29 -33.76 -6.65
N TYR H 120 -3.99 -32.87 -5.95
CA TYR H 120 -3.45 -32.39 -4.68
C TYR H 120 -3.56 -33.44 -3.58
N ILE H 121 -4.53 -34.35 -3.68
CA ILE H 121 -4.77 -35.31 -2.59
C ILE H 121 -3.51 -36.05 -2.14
N PRO H 122 -2.70 -36.66 -3.00
CA PRO H 122 -1.64 -37.55 -2.50
C PRO H 122 -0.65 -36.89 -1.55
N ARG H 123 -0.37 -35.60 -1.71
CA ARG H 123 0.48 -34.93 -0.74
C ARG H 123 -0.15 -34.95 0.65
N PHE H 124 -1.45 -34.68 0.71
CA PHE H 124 -2.14 -34.78 1.99
C PHE H 124 -2.11 -36.20 2.52
N ILE H 125 -2.22 -37.19 1.63
CA ILE H 125 -2.10 -38.58 2.08
C ILE H 125 -0.76 -38.80 2.75
N TRP H 126 0.31 -38.33 2.12
CA TRP H 126 1.64 -38.56 2.68
C TRP H 126 1.81 -37.84 4.01
N LYS H 127 1.25 -36.65 4.14
CA LYS H 127 1.39 -35.94 5.41
C LYS H 127 0.61 -36.65 6.52
N ALA H 128 -0.60 -37.11 6.22
CA ALA H 128 -1.35 -37.86 7.21
C ALA H 128 -0.63 -39.15 7.57
N MET H 129 -0.02 -39.80 6.58
CA MET H 129 0.66 -41.06 6.85
C MET H 129 1.89 -40.85 7.71
N ILE H 130 2.61 -39.76 7.49
CA ILE H 130 3.78 -39.52 8.33
C ILE H 130 3.36 -39.09 9.73
N ALA H 131 2.20 -38.44 9.86
CA ALA H 131 1.67 -38.17 11.19
C ALA H 131 1.30 -39.46 11.90
N TYR H 132 0.78 -40.43 11.14
CA TYR H 132 0.41 -41.72 11.71
C TYR H 132 1.61 -42.58 12.00
N SER H 133 2.73 -42.36 11.32
CA SER H 133 3.89 -43.23 11.49
C SER H 133 4.52 -43.09 12.86
N GLY H 134 4.21 -42.04 13.60
CA GLY H 134 4.79 -41.84 14.91
C GLY H 134 5.94 -40.85 14.89
N TYR H 135 6.77 -40.93 13.86
CA TYR H 135 7.88 -40.00 13.73
C TYR H 135 7.38 -38.66 13.16
N ASP H 136 8.33 -37.76 12.91
CA ASP H 136 8.00 -36.47 12.32
C ASP H 136 9.20 -35.99 11.51
N LEU H 137 9.00 -35.82 10.21
CA LEU H 137 10.09 -35.41 9.34
C LEU H 137 10.26 -33.90 9.30
N ALA H 138 9.15 -33.17 9.28
CA ALA H 138 9.24 -31.72 9.16
C ALA H 138 10.08 -31.13 10.29
N ALA H 139 9.78 -31.54 11.53
CA ALA H 139 10.50 -30.99 12.67
C ALA H 139 11.99 -31.28 12.58
N ALA H 140 12.35 -32.53 12.31
CA ALA H 140 13.76 -32.91 12.32
C ALA H 140 14.51 -32.24 11.18
N VAL H 141 13.92 -32.19 9.99
CA VAL H 141 14.61 -31.55 8.87
C VAL H 141 14.78 -30.07 9.14
N LYS H 142 13.74 -29.41 9.64
CA LYS H 142 13.87 -27.99 9.95
C LYS H 142 14.93 -27.77 11.02
N TYR H 143 15.01 -28.67 11.99
CA TYR H 143 15.98 -28.51 13.07
C TYR H 143 17.40 -28.62 12.54
N VAL H 144 17.70 -29.67 11.78
CA VAL H 144 19.05 -29.81 11.29
C VAL H 144 19.38 -28.68 10.32
N ASP H 145 18.40 -28.22 9.55
CA ASP H 145 18.64 -27.10 8.65
C ASP H 145 18.99 -25.84 9.43
N ARG H 146 18.24 -25.57 10.50
CA ARG H 146 18.51 -24.37 11.28
C ARG H 146 19.88 -24.43 11.94
N PHE H 147 20.24 -25.60 12.47
CA PHE H 147 21.55 -25.74 13.08
C PHE H 147 22.67 -25.52 12.07
N TRP H 148 22.54 -26.11 10.88
CA TRP H 148 23.55 -25.93 9.85
C TRP H 148 23.64 -24.49 9.41
N SER H 149 22.50 -23.84 9.18
CA SER H 149 22.53 -22.44 8.77
C SER H 149 23.04 -21.52 9.87
N GLU H 150 22.89 -21.92 11.13
CA GLU H 150 23.46 -21.13 12.22
C GLU H 150 24.98 -21.23 12.23
N ASN H 151 25.51 -22.46 12.31
CA ASN H 151 26.96 -22.54 12.47
C ASN H 151 27.65 -23.34 11.39
N ARG H 152 27.33 -23.06 10.14
CA ARG H 152 28.22 -23.42 9.05
C ARG H 152 29.14 -22.27 8.65
N ASP H 153 28.83 -21.05 9.06
CA ASP H 153 29.61 -19.88 8.70
C ASP H 153 30.59 -19.46 9.78
N LYS H 154 30.19 -19.54 11.05
CA LYS H 154 31.04 -19.10 12.15
C LYS H 154 32.40 -19.79 12.07
N ASP H 155 33.45 -19.00 11.90
CA ASP H 155 34.78 -19.56 11.66
C ASP H 155 35.27 -20.37 12.83
N ASP H 156 34.85 -20.03 14.05
CA ASP H 156 35.25 -20.78 15.23
C ASP H 156 34.70 -22.20 15.17
N LYS H 157 33.43 -22.36 14.79
CA LYS H 157 32.82 -23.68 14.82
C LYS H 157 33.05 -24.42 13.51
N PHE H 158 34.30 -24.49 13.05
CA PHE H 158 34.54 -25.16 11.78
C PHE H 158 35.72 -26.11 11.85
N LYS H 159 36.67 -25.83 12.73
CA LYS H 159 37.72 -26.80 13.00
C LYS H 159 37.16 -27.96 13.81
N THR H 160 36.38 -27.65 14.84
CA THR H 160 35.61 -28.64 15.57
C THR H 160 34.29 -28.90 14.85
N ARG H 161 34.38 -29.21 13.56
CA ARG H 161 33.18 -29.32 12.74
C ARG H 161 32.36 -30.55 13.10
N LEU H 162 33.03 -31.66 13.39
CA LEU H 162 32.30 -32.90 13.63
C LEU H 162 31.85 -33.02 15.08
N ALA H 163 32.60 -32.46 16.02
CA ALA H 163 32.14 -32.48 17.40
C ALA H 163 30.85 -31.68 17.56
N ALA H 164 30.69 -30.60 16.79
CA ALA H 164 29.46 -29.83 16.87
C ALA H 164 28.27 -30.65 16.43
N PHE H 165 28.36 -31.27 15.25
CA PHE H 165 27.28 -32.15 14.79
C PHE H 165 27.08 -33.32 15.74
N GLU H 166 28.12 -33.71 16.46
CA GLU H 166 27.98 -34.81 17.39
C GLU H 166 27.27 -34.39 18.67
N GLY H 167 27.39 -33.12 19.05
CA GLY H 167 26.73 -32.69 20.27
C GLY H 167 25.25 -32.45 20.14
N ARG H 168 24.85 -31.42 19.40
CA ARG H 168 23.47 -30.97 19.43
C ARG H 168 22.52 -31.79 18.55
N PRO H 169 22.68 -31.83 17.22
CA PRO H 169 21.59 -32.34 16.39
C PRO H 169 21.52 -33.86 16.32
N SER H 170 22.67 -34.52 16.39
CA SER H 170 22.65 -35.98 16.29
C SER H 170 21.97 -36.61 17.48
N VAL H 171 22.13 -36.02 18.67
CA VAL H 171 21.42 -36.51 19.84
C VAL H 171 19.92 -36.35 19.64
N TYR H 172 19.50 -35.25 19.03
CA TYR H 172 18.08 -35.04 18.75
C TYR H 172 17.55 -36.09 17.81
N ILE H 173 18.27 -36.35 16.72
CA ILE H 173 17.82 -37.35 15.76
C ILE H 173 17.74 -38.73 16.41
N TRP H 174 18.73 -39.07 17.23
CA TRP H 174 18.71 -40.38 17.87
C TRP H 174 17.58 -40.49 18.88
N ASP H 175 17.29 -39.41 19.60
CA ASP H 175 16.17 -39.45 20.52
C ASP H 175 14.86 -39.63 19.77
N GLY H 176 14.72 -38.96 18.64
CA GLY H 176 13.52 -39.16 17.83
C GLY H 176 13.39 -40.59 17.33
N ILE H 177 14.50 -41.17 16.89
CA ILE H 177 14.48 -42.56 16.43
C ILE H 177 14.06 -43.48 17.57
N ARG H 178 14.68 -43.32 18.74
CA ARG H 178 14.39 -44.21 19.86
C ARG H 178 12.97 -44.03 20.36
N LEU H 179 12.41 -42.83 20.23
CA LEU H 179 11.05 -42.60 20.70
C LEU H 179 10.01 -43.08 19.70
N ALA H 180 10.31 -42.99 18.40
CA ALA H 180 9.37 -43.48 17.40
C ALA H 180 9.47 -44.97 17.17
N ARG H 181 10.58 -45.60 17.57
CA ARG H 181 10.75 -47.03 17.35
C ARG H 181 9.69 -47.83 18.07
N LYS H 182 9.11 -47.30 19.14
CA LYS H 182 8.11 -47.99 19.94
C LYS H 182 6.69 -47.65 19.53
N LYS H 183 6.49 -47.06 18.35
CA LYS H 183 5.15 -46.73 17.90
C LYS H 183 5.14 -46.77 16.38
N ARG H 184 4.79 -47.93 15.83
CA ARG H 184 4.52 -48.12 14.40
C ARG H 184 5.44 -47.34 13.49
N SER H 185 6.73 -47.33 13.77
CA SER H 185 7.72 -46.78 12.84
C SER H 185 8.80 -47.84 12.67
N ARG H 186 8.50 -48.79 11.81
CA ARG H 186 9.48 -49.76 11.34
C ARG H 186 9.25 -50.06 9.88
N ASN H 187 8.31 -49.37 9.25
CA ASN H 187 7.92 -49.57 7.86
C ASN H 187 7.69 -48.23 7.18
N MET H 188 8.32 -47.18 7.70
CA MET H 188 8.08 -45.84 7.17
C MET H 188 8.47 -45.73 5.71
N ALA H 189 9.53 -46.43 5.30
CA ALA H 189 9.84 -46.51 3.88
C ALA H 189 8.71 -47.17 3.10
N LEU H 190 8.08 -48.19 3.68
CA LEU H 190 6.93 -48.80 3.03
C LEU H 190 5.80 -47.81 2.90
N PHE H 191 5.55 -47.00 3.93
CA PHE H 191 4.52 -45.99 3.82
C PHE H 191 4.81 -45.01 2.71
N TYR H 192 6.05 -44.54 2.61
CA TYR H 192 6.38 -43.61 1.55
C TYR H 192 6.20 -44.22 0.19
N THR H 193 6.67 -45.46 0.00
CA THR H 193 6.56 -46.06 -1.33
C THR H 193 5.11 -46.38 -1.66
N LEU H 194 4.29 -46.64 -0.65
CA LEU H 194 2.87 -46.81 -0.91
C LEU H 194 2.24 -45.49 -1.35
N SER H 195 2.63 -44.38 -0.71
CA SER H 195 2.16 -43.09 -1.17
C SER H 195 2.56 -42.83 -2.62
N THR H 196 3.77 -43.24 -2.99
CA THR H 196 4.22 -43.00 -4.36
C THR H 196 3.47 -43.89 -5.35
N VAL H 197 3.18 -45.13 -4.97
CA VAL H 197 2.31 -45.98 -5.78
C VAL H 197 0.97 -45.29 -6.01
N TRP H 198 0.38 -44.76 -4.93
CA TRP H 198 -0.88 -44.06 -5.07
C TRP H 198 -0.75 -42.88 -6.01
N GLN H 199 0.36 -42.16 -5.93
CA GLN H 199 0.54 -40.97 -6.77
C GLN H 199 0.62 -41.36 -8.24
N ALA H 200 1.35 -42.42 -8.56
CA ALA H 200 1.47 -42.83 -9.95
C ALA H 200 0.14 -43.34 -10.49
N VAL H 201 -0.56 -44.18 -9.71
CA VAL H 201 -1.87 -44.65 -10.15
C VAL H 201 -2.81 -43.47 -10.35
N ASN H 202 -2.73 -42.47 -9.48
CA ASN H 202 -3.59 -41.31 -9.64
C ASN H 202 -3.27 -40.56 -10.92
N ALA H 203 -1.99 -40.42 -11.24
CA ALA H 203 -1.63 -39.75 -12.48
C ALA H 203 -2.21 -40.46 -13.69
N TRP H 204 -2.08 -41.79 -13.72
CA TRP H 204 -2.62 -42.53 -14.86
C TRP H 204 -4.15 -42.45 -14.91
N ILE H 205 -4.81 -42.43 -13.76
CA ILE H 205 -6.26 -42.35 -13.77
C ILE H 205 -6.72 -40.98 -14.24
N GLN H 206 -6.01 -39.92 -13.86
CA GLN H 206 -6.37 -38.60 -14.37
C GLN H 206 -6.18 -38.55 -15.88
N PHE H 207 -5.11 -39.16 -16.38
CA PHE H 207 -4.91 -39.20 -17.82
C PHE H 207 -6.06 -39.94 -18.51
N TYR H 208 -6.49 -41.05 -17.93
CA TYR H 208 -7.61 -41.79 -18.52
C TYR H 208 -8.89 -40.97 -18.50
N ILE H 209 -9.18 -40.31 -17.37
CA ILE H 209 -10.36 -39.45 -17.29
C ILE H 209 -10.34 -38.40 -18.38
N LEU H 210 -9.16 -37.82 -18.63
CA LEU H 210 -9.08 -36.81 -19.69
C LEU H 210 -9.36 -37.42 -21.05
N THR H 211 -8.67 -38.51 -21.39
CA THR H 211 -8.81 -39.06 -22.73
C THR H 211 -10.18 -39.66 -23.00
N GLN H 212 -10.99 -39.88 -21.98
CA GLN H 212 -12.37 -40.36 -22.17
C GLN H 212 -13.37 -39.23 -22.06
N LEU H 213 -13.00 -38.05 -22.57
CA LEU H 213 -13.85 -36.86 -22.53
C LEU H 213 -13.89 -36.31 -23.95
N LEU H 214 -14.80 -36.83 -24.76
CA LEU H 214 -14.93 -36.43 -26.15
C LEU H 214 -16.39 -36.25 -26.54
N LEU H 221 -8.21 -39.95 -32.16
CA LEU H 221 -8.82 -39.54 -30.91
C LEU H 221 -7.81 -39.62 -29.77
N TRP H 222 -6.70 -40.32 -30.00
CA TRP H 222 -5.71 -40.58 -28.96
C TRP H 222 -4.57 -39.57 -28.97
N GLY H 223 -4.81 -38.34 -29.42
CA GLY H 223 -3.81 -37.30 -29.30
C GLY H 223 -3.06 -37.02 -30.57
N PRO H 224 -1.83 -37.52 -30.68
CA PRO H 224 -1.00 -37.17 -31.85
C PRO H 224 -1.59 -37.55 -33.18
N SER H 225 -2.51 -38.52 -33.24
CA SER H 225 -3.28 -38.73 -34.46
C SER H 225 -4.07 -37.48 -34.83
N ILE H 226 -4.83 -36.95 -33.86
CA ILE H 226 -5.60 -35.74 -34.11
C ILE H 226 -4.67 -34.58 -34.41
N LEU H 227 -3.55 -34.49 -33.71
CA LEU H 227 -2.61 -33.40 -33.97
C LEU H 227 -2.08 -33.46 -35.41
N GLY H 228 -1.67 -34.65 -35.86
CA GLY H 228 -1.21 -34.78 -37.24
C GLY H 228 -2.30 -34.47 -38.23
N ASP H 229 -3.54 -34.89 -37.92
CA ASP H 229 -4.67 -34.51 -38.76
C ASP H 229 -4.82 -32.99 -38.81
N LEU H 230 -4.45 -32.29 -37.74
CA LEU H 230 -4.45 -30.85 -37.72
C LEU H 230 -3.16 -30.25 -38.25
N LEU H 231 -2.05 -31.00 -38.21
CA LEU H 231 -0.81 -30.49 -38.76
C LEU H 231 -0.77 -30.59 -40.28
N GLN H 232 -1.58 -31.46 -40.88
CA GLN H 232 -1.64 -31.62 -42.32
C GLN H 232 -2.65 -30.70 -42.98
N GLY H 233 -3.43 -29.95 -42.21
CA GLY H 233 -4.35 -28.99 -42.79
C GLY H 233 -5.77 -29.49 -42.96
N ASN H 234 -6.33 -30.09 -41.90
CA ASN H 234 -7.72 -30.52 -41.86
C ASN H 234 -8.28 -29.94 -40.57
N ASP H 235 -8.81 -28.72 -40.63
CA ASP H 235 -9.00 -27.97 -39.38
C ASP H 235 -10.23 -28.41 -38.61
N TRP H 236 -11.43 -28.09 -39.09
CA TRP H 236 -12.60 -28.70 -38.47
C TRP H 236 -13.73 -29.06 -39.43
N GLN H 237 -13.85 -28.42 -40.59
CA GLN H 237 -14.96 -28.72 -41.48
C GLN H 237 -14.73 -30.00 -42.26
N THR H 238 -13.48 -30.41 -42.43
CA THR H 238 -13.16 -31.68 -43.06
C THR H 238 -12.89 -32.77 -42.03
N THR H 239 -13.29 -32.55 -40.78
CA THR H 239 -13.00 -33.47 -39.68
C THR H 239 -14.25 -33.99 -39.00
N GLY H 240 -15.26 -33.14 -38.81
CA GLY H 240 -16.43 -33.54 -38.08
C GLY H 240 -16.37 -33.14 -36.62
N HIS H 241 -15.39 -33.68 -35.89
CA HIS H 241 -15.25 -33.36 -34.48
C HIS H 241 -14.77 -31.92 -34.31
N PHE H 242 -14.82 -31.45 -33.06
CA PHE H 242 -14.31 -30.14 -32.71
C PHE H 242 -14.93 -29.07 -33.62
N PRO H 243 -16.19 -28.74 -33.41
CA PRO H 243 -16.85 -27.75 -34.27
C PRO H 243 -16.79 -26.36 -33.68
N ARG H 244 -17.02 -25.37 -34.57
CA ARG H 244 -17.14 -23.98 -34.17
C ARG H 244 -18.32 -23.27 -34.81
N ILE H 245 -19.02 -23.91 -35.74
CA ILE H 245 -20.21 -23.34 -36.37
C ILE H 245 -21.26 -24.44 -36.36
N VAL H 246 -22.28 -24.28 -35.54
CA VAL H 246 -23.24 -25.34 -35.27
C VAL H 246 -24.65 -24.81 -35.37
N HIS H 247 -25.55 -25.62 -35.90
CA HIS H 247 -26.95 -25.26 -36.00
C HIS H 247 -27.68 -25.55 -34.70
N CYS H 248 -28.82 -24.91 -34.53
CA CYS H 248 -29.56 -24.95 -33.27
C CYS H 248 -31.03 -25.26 -33.53
N ASP H 249 -31.59 -26.15 -32.72
CA ASP H 249 -33.01 -26.45 -32.79
C ASP H 249 -33.82 -25.29 -32.20
N PHE H 250 -34.96 -25.01 -32.81
CA PHE H 250 -35.80 -23.92 -32.32
C PHE H 250 -37.17 -24.07 -32.94
N ASN H 251 -38.19 -24.31 -32.11
CA ASN H 251 -39.56 -24.43 -32.58
C ASN H 251 -40.26 -23.07 -32.64
N THR H 262 -32.73 -23.44 -37.73
CA THR H 262 -31.76 -22.77 -38.58
C THR H 262 -31.17 -21.54 -37.89
N VAL H 263 -30.79 -21.69 -36.63
CA VAL H 263 -30.36 -20.53 -35.86
C VAL H 263 -28.86 -20.26 -36.02
N LEU H 264 -28.08 -21.29 -36.32
CA LEU H 264 -26.68 -21.12 -36.72
C LEU H 264 -25.89 -20.32 -35.67
N CYS H 265 -25.73 -20.94 -34.51
CA CYS H 265 -24.96 -20.33 -33.44
C CYS H 265 -23.49 -20.71 -33.55
N VAL H 266 -22.62 -19.75 -33.26
CA VAL H 266 -21.18 -19.93 -33.28
C VAL H 266 -20.67 -20.05 -31.85
N LEU H 267 -19.75 -20.99 -31.63
CA LEU H 267 -19.20 -21.29 -30.32
C LEU H 267 -17.81 -20.68 -30.24
N THR H 268 -17.71 -19.56 -29.53
CA THR H 268 -16.40 -18.93 -29.37
C THR H 268 -15.47 -19.83 -28.58
N LEU H 269 -15.92 -20.28 -27.40
CA LEU H 269 -15.05 -21.02 -26.49
C LEU H 269 -14.38 -22.21 -27.17
N ASN H 270 -15.08 -22.88 -28.07
CA ASN H 270 -14.53 -24.07 -28.70
C ASN H 270 -13.23 -23.81 -29.44
N ILE H 271 -12.83 -22.54 -29.61
CA ILE H 271 -11.52 -22.28 -30.17
C ILE H 271 -10.43 -22.41 -29.12
N TYR H 272 -10.76 -22.29 -27.84
CA TYR H 272 -9.77 -22.42 -26.77
C TYR H 272 -9.69 -23.82 -26.21
N TYR H 273 -10.63 -24.71 -26.55
CA TYR H 273 -10.56 -26.07 -26.03
C TYR H 273 -9.58 -26.91 -26.83
N GLU H 274 -9.85 -27.12 -28.10
CA GLU H 274 -8.91 -27.96 -28.84
C GLU H 274 -7.58 -27.32 -29.06
N LYS H 275 -7.30 -26.15 -28.50
CA LYS H 275 -5.94 -25.70 -28.31
C LYS H 275 -5.47 -25.91 -26.88
N LEU H 276 -6.28 -26.56 -26.06
CA LEU H 276 -5.95 -26.86 -24.68
C LEU H 276 -5.84 -28.35 -24.39
N PHE H 277 -6.68 -29.16 -25.03
CA PHE H 277 -6.52 -30.60 -24.92
C PHE H 277 -5.20 -31.04 -25.54
N ILE H 278 -4.84 -30.43 -26.67
CA ILE H 278 -3.59 -30.75 -27.33
C ILE H 278 -2.41 -30.57 -26.38
N PHE H 279 -2.52 -29.65 -25.45
CA PHE H 279 -1.43 -29.42 -24.51
C PHE H 279 -1.56 -30.26 -23.25
N LEU H 280 -2.76 -30.37 -22.70
CA LEU H 280 -2.94 -31.14 -21.49
C LEU H 280 -2.63 -32.61 -21.71
N TRP H 281 -2.89 -33.13 -22.90
CA TRP H 281 -2.53 -34.51 -23.20
C TRP H 281 -1.03 -34.72 -23.01
N PHE H 282 -0.22 -33.91 -23.69
CA PHE H 282 1.23 -34.02 -23.56
C PHE H 282 1.65 -33.87 -22.11
N TRP H 283 1.12 -32.86 -21.42
CA TRP H 283 1.63 -32.58 -20.09
C TRP H 283 1.24 -33.66 -19.10
N LEU H 284 0.03 -34.19 -19.21
CA LEU H 284 -0.37 -35.27 -18.31
C LEU H 284 0.41 -36.54 -18.60
N VAL H 285 0.70 -36.84 -19.86
CA VAL H 285 1.47 -38.06 -20.09
C VAL H 285 2.89 -37.91 -19.57
N PHE H 286 3.45 -36.70 -19.68
CA PHE H 286 4.78 -36.46 -19.13
C PHE H 286 4.79 -36.62 -17.62
N VAL H 287 3.83 -35.99 -16.94
CA VAL H 287 3.73 -36.13 -15.49
C VAL H 287 3.56 -37.59 -15.11
N ALA H 288 2.76 -38.33 -15.87
CA ALA H 288 2.49 -39.72 -15.53
C ALA H 288 3.75 -40.55 -15.62
N VAL H 289 4.50 -40.44 -16.71
CA VAL H 289 5.69 -41.27 -16.80
C VAL H 289 6.76 -40.84 -15.81
N VAL H 290 6.84 -39.54 -15.47
CA VAL H 290 7.81 -39.13 -14.45
C VAL H 290 7.45 -39.74 -13.10
N SER H 291 6.21 -39.60 -12.69
CA SER H 291 5.81 -40.20 -11.43
C SER H 291 5.95 -41.71 -11.44
N THR H 292 5.76 -42.35 -12.59
CA THR H 292 5.93 -43.80 -12.64
C THR H 292 7.39 -44.22 -12.52
N VAL H 293 8.32 -43.50 -13.14
CA VAL H 293 9.71 -43.88 -12.96
C VAL H 293 10.14 -43.61 -11.53
N ASN H 294 9.60 -42.56 -10.91
CA ASN H 294 9.90 -42.35 -9.49
C ASN H 294 9.37 -43.50 -8.65
N CYS H 295 8.16 -43.95 -8.94
CA CYS H 295 7.58 -45.07 -8.20
C CYS H 295 8.40 -46.33 -8.37
N PHE H 296 8.85 -46.60 -9.59
CA PHE H 296 9.65 -47.80 -9.82
C PHE H 296 10.98 -47.71 -9.09
N LYS H 297 11.61 -46.54 -9.12
CA LYS H 297 12.84 -46.36 -8.36
C LYS H 297 12.62 -46.67 -6.89
N TRP H 298 11.53 -46.17 -6.32
CA TRP H 298 11.32 -46.38 -4.89
C TRP H 298 10.98 -47.83 -4.57
N ILE H 299 10.21 -48.49 -5.43
CA ILE H 299 9.82 -49.86 -5.13
C ILE H 299 11.03 -50.78 -5.25
N TYR H 300 11.90 -50.53 -6.22
CA TYR H 300 13.12 -51.31 -6.32
C TYR H 300 14.07 -51.00 -5.18
N TYR H 301 14.08 -49.75 -4.71
CA TYR H 301 14.83 -49.41 -3.50
C TYR H 301 14.37 -50.25 -2.32
N LEU H 302 13.08 -50.23 -2.05
CA LEU H 302 12.56 -50.95 -0.89
C LEU H 302 12.78 -52.45 -1.02
N CYS H 303 12.54 -53.01 -2.21
CA CYS H 303 12.59 -54.46 -2.35
C CYS H 303 14.02 -54.97 -2.23
N ASN H 304 15.01 -54.21 -2.70
CA ASN H 304 16.37 -54.72 -2.75
C ASN H 304 16.97 -54.80 -1.34
N LYS H 305 16.95 -53.69 -0.60
CA LYS H 305 17.37 -53.63 0.79
C LYS H 305 18.89 -53.79 0.91
N THR H 306 19.55 -54.09 -0.20
CA THR H 306 20.99 -54.29 -0.21
C THR H 306 21.74 -53.16 -0.90
N LYS H 307 21.23 -52.66 -2.01
CA LYS H 307 21.76 -51.46 -2.64
C LYS H 307 21.05 -50.21 -2.17
N ALA H 308 20.38 -50.28 -1.02
CA ALA H 308 19.89 -49.08 -0.35
C ALA H 308 20.94 -48.45 0.54
N GLN H 309 21.90 -49.25 1.02
CA GLN H 309 22.98 -48.76 1.86
C GLN H 309 24.19 -48.32 1.07
N LYS H 310 24.00 -47.93 -0.20
CA LYS H 310 25.13 -47.45 -0.99
C LYS H 310 25.60 -46.09 -0.50
N THR H 311 24.68 -45.13 -0.43
CA THR H 311 25.05 -43.78 -0.03
C THR H 311 25.60 -43.75 1.39
N ILE H 312 25.05 -44.59 2.28
CA ILE H 312 25.51 -44.58 3.65
C ILE H 312 26.93 -45.12 3.75
N LYS H 313 27.19 -46.23 3.07
CA LYS H 313 28.54 -46.78 3.09
C LYS H 313 29.52 -45.86 2.41
N ASN H 314 29.07 -45.05 1.46
CA ASN H 314 29.98 -44.10 0.85
C ASN H 314 30.22 -42.89 1.75
N TYR H 315 29.21 -42.49 2.53
CA TYR H 315 29.41 -41.42 3.50
C TYR H 315 30.40 -41.85 4.56
N LEU H 316 30.20 -43.04 5.13
CA LEU H 316 31.02 -43.50 6.23
C LEU H 316 32.48 -43.74 5.86
N SER H 317 32.85 -43.59 4.60
CA SER H 317 34.23 -43.78 4.16
C SER H 317 34.95 -42.46 4.02
N THR H 318 34.62 -41.49 4.83
CA THR H 318 35.30 -40.19 4.75
C THR H 318 35.96 -39.79 6.07
N ALA H 319 35.30 -40.02 7.19
CA ALA H 319 35.86 -39.62 8.48
C ALA H 319 37.17 -40.35 8.71
N PRO H 320 38.28 -39.65 8.88
CA PRO H 320 39.60 -40.31 8.95
C PRO H 320 39.88 -40.96 10.30
N ILE H 321 38.90 -41.71 10.81
CA ILE H 321 39.04 -42.37 12.10
C ILE H 321 38.80 -43.86 11.95
N LYS H 322 37.59 -44.23 11.52
CA LYS H 322 37.13 -45.61 11.51
C LYS H 322 37.33 -46.24 12.89
N SER H 323 36.62 -45.68 13.87
CA SER H 323 37.03 -45.85 15.25
C SER H 323 36.81 -47.26 15.78
N THR H 324 35.56 -47.66 15.98
CA THR H 324 35.34 -49.01 16.49
C THR H 324 34.23 -49.76 15.78
N ILE H 325 33.15 -49.06 15.47
CA ILE H 325 31.87 -49.70 15.20
C ILE H 325 31.82 -50.16 13.75
N SER H 326 31.64 -51.46 13.55
CA SER H 326 31.46 -51.98 12.21
C SER H 326 30.15 -51.45 11.62
N ASP H 327 30.07 -51.47 10.29
CA ASP H 327 28.89 -50.94 9.62
C ASP H 327 27.67 -51.81 9.90
N ASP H 328 27.83 -53.13 9.84
CA ASP H 328 26.67 -54.01 9.89
C ASP H 328 25.92 -53.87 11.21
N GLN H 329 26.64 -53.79 12.33
CA GLN H 329 25.98 -53.52 13.59
C GLN H 329 25.34 -52.13 13.59
N PHE H 330 26.04 -51.15 13.03
CA PHE H 330 25.48 -49.81 12.90
C PHE H 330 24.19 -49.84 12.09
N PHE H 331 24.22 -50.52 10.94
CA PHE H 331 23.02 -50.60 10.11
C PHE H 331 21.88 -51.29 10.85
N SER H 332 22.17 -52.41 11.51
CA SER H 332 21.13 -53.09 12.25
C SER H 332 20.58 -52.20 13.36
N ALA H 333 21.41 -51.32 13.91
CA ALA H 333 20.90 -50.33 14.86
C ALA H 333 20.07 -49.26 14.15
N LEU H 334 20.33 -49.04 12.87
CA LEU H 334 19.66 -48.00 12.10
C LEU H 334 18.81 -48.59 10.99
N GLY H 335 18.24 -49.79 11.20
CA GLY H 335 17.77 -50.58 10.08
C GLY H 335 16.52 -49.99 9.42
N GLU H 336 15.42 -49.96 10.16
CA GLU H 336 14.12 -49.66 9.55
C GLU H 336 14.02 -48.20 9.14
N ASP H 337 14.11 -47.29 10.11
CA ASP H 337 13.78 -45.89 9.91
C ASP H 337 14.99 -45.08 9.48
N GLY H 338 16.03 -45.05 10.30
CA GLY H 338 17.14 -44.15 10.07
C GLY H 338 17.68 -44.20 8.66
N LEU H 339 17.63 -45.37 8.02
CA LEU H 339 18.08 -45.45 6.64
C LEU H 339 17.26 -44.58 5.73
N PHE H 340 16.03 -44.23 6.13
CA PHE H 340 15.19 -43.33 5.35
C PHE H 340 15.32 -41.89 5.79
N ILE H 341 15.46 -41.65 7.10
CA ILE H 341 15.69 -40.29 7.58
C ILE H 341 16.97 -39.73 6.98
N MET H 342 18.02 -40.54 6.90
CA MET H 342 19.25 -40.04 6.31
C MET H 342 19.05 -39.68 4.84
N ASP H 343 18.23 -40.45 4.15
CA ASP H 343 17.95 -40.13 2.75
C ASP H 343 17.21 -38.80 2.65
N GLN H 344 16.21 -38.60 3.49
CA GLN H 344 15.49 -37.33 3.47
C GLN H 344 16.41 -36.17 3.79
N MET H 345 17.32 -36.35 4.75
CA MET H 345 18.26 -35.28 5.07
C MET H 345 19.15 -34.97 3.89
N ALA H 346 19.65 -36.02 3.21
CA ALA H 346 20.44 -35.79 2.01
C ALA H 346 19.64 -35.05 0.95
N LEU H 347 18.34 -35.30 0.89
CA LEU H 347 17.52 -34.70 -0.15
C LEU H 347 17.25 -33.23 0.13
N ASN H 348 17.07 -32.87 1.40
CA ASN H 348 16.74 -31.50 1.73
C ASN H 348 17.96 -30.61 1.92
N LEU H 349 18.95 -31.09 2.66
CA LEU H 349 20.07 -30.24 3.03
C LEU H 349 21.18 -30.28 2.00
N GLY H 350 21.43 -31.43 1.41
CA GLY H 350 22.55 -31.61 0.53
C GLY H 350 23.28 -32.87 0.90
N ASP H 351 24.55 -32.94 0.52
CA ASP H 351 25.36 -34.08 0.90
C ASP H 351 26.38 -33.76 1.97
N ILE H 352 27.04 -32.61 1.87
CA ILE H 352 27.98 -32.21 2.92
C ILE H 352 27.30 -32.13 4.28
N PRO H 353 26.20 -31.40 4.45
CA PRO H 353 25.61 -31.34 5.79
C PRO H 353 24.84 -32.60 6.14
N ALA H 354 25.02 -33.67 5.37
CA ALA H 354 24.46 -34.95 5.72
C ALA H 354 25.51 -36.01 5.99
N SER H 355 26.66 -35.93 5.33
CA SER H 355 27.74 -36.86 5.64
C SER H 355 28.21 -36.67 7.07
N TYR H 356 28.36 -35.41 7.50
CA TYR H 356 28.70 -35.14 8.89
C TYR H 356 27.67 -35.74 9.83
N LEU H 357 26.39 -35.61 9.48
CA LEU H 357 25.32 -36.12 10.33
C LEU H 357 25.41 -37.62 10.47
N THR H 358 25.56 -38.33 9.35
CA THR H 358 25.57 -39.78 9.43
C THR H 358 26.87 -40.30 10.02
N ILE H 359 27.96 -39.54 9.97
CA ILE H 359 29.16 -39.95 10.67
C ILE H 359 28.97 -39.81 12.17
N SER H 360 28.47 -38.65 12.60
CA SER H 360 28.21 -38.44 14.01
C SER H 360 27.26 -39.49 14.55
N MET H 361 26.20 -39.79 13.82
CA MET H 361 25.27 -40.80 14.30
C MET H 361 25.89 -42.19 14.35
N ARG H 362 27.04 -42.39 13.73
CA ARG H 362 27.77 -43.64 13.93
C ARG H 362 28.65 -43.57 15.17
N ASN H 363 29.25 -42.41 15.42
CA ASN H 363 30.19 -42.32 16.53
C ASN H 363 29.52 -42.41 17.90
N ILE H 364 28.19 -42.39 17.98
CA ILE H 364 27.52 -42.45 19.27
C ILE H 364 26.45 -43.53 19.31
N CYS H 365 26.46 -44.46 18.35
CA CYS H 365 25.38 -45.44 18.29
C CYS H 365 25.49 -46.41 19.46
N GLN H 366 24.75 -46.12 20.54
CA GLN H 366 24.83 -46.95 21.73
C GLN H 366 23.47 -47.28 22.32
N ASP H 367 22.38 -46.97 21.63
CA ASP H 367 21.07 -47.39 22.13
C ASP H 367 20.78 -48.84 21.78
N PHE H 368 21.28 -49.33 20.65
CA PHE H 368 21.20 -50.74 20.31
C PHE H 368 22.54 -51.44 20.47
N ILE H 369 23.58 -50.93 19.83
CA ILE H 369 24.89 -51.56 19.90
C ILE H 369 25.97 -50.48 19.93
#